data_4YCZ
#
_entry.id   4YCZ
#
_cell.length_a   104.984
_cell.length_b   212.022
_cell.length_c   170.643
_cell.angle_alpha   90.00
_cell.angle_beta   107.21
_cell.angle_gamma   90.00
#
_symmetry.space_group_name_H-M   'C 1 2 1'
#
loop_
_entity.id
_entity.type
_entity.pdbx_description
1 polymer 'Fusion Protein of Sec13 and Nup145C'
2 polymer Nup85
3 polymer Nup120
#
loop_
_entity_poly.entity_id
_entity_poly.type
_entity_poly.pdbx_seq_one_letter_code
_entity_poly.pdbx_strand_id
1 'polypeptide(L)'
;GPGSMAAGTQVIANSGHDDMIHDAVLDYYGRRLATCSSDRTIKIFEIEGETQRLTETLKGHDGAVWCVSWAHPKYGNILA
SAGYDGKVLIWRELNGAWQRIFDFALHKASVNVVSWSPHEAGCLLACASSDGNVSVLEFRDNSWEHSIFHAHGLGVNSVS
WAPATSPGSIVSSKPGPKSTGNRRFVTGGSDNALKIWAYDPATNTYKLEREPLTGHTDWVRDVAWSPTVLQKSYIASASE
DRTVRIWTSDPANPLQWNCKVLNFDAAVWRVSWSLSGNVLAASGGDNKVTLWKENLKGEWECVKTIEEGGGGSGGGGQAK
GPTQPEQASPAKGFVKWPYQQRPKIDQQEGPSIPRTNWGPNGLLVTTHHGEPSLQPADGTLAASEESVGSPENLARLQRY
IDSVSFKEGQPIASPEFRELAQGDPSWELASLLFDDNGYGLPAFWRQLVSEATDRALAQEPGLEEKAIICLAGNRVADAC
GYLLAAGNFRLATLVSGIGMQDGDMKAQLKDWRESNVLAEFSQPVRAIYELLAGNAGVCAGVKNVPIENRVDSFTISQRF
GLDWMRSFGLRLFYTTGATANVAEAVRSFQADIEQDKEPEPDSALWSLLKAFANQEFDWSDTRLGWLLTKAIYATGKVSF
GQDAAEKLDKASLAYASALTAQSQWVPATFVLLQLSDAASREAAVRDHLGRHARRIGSPRNPNSAFSSLRKFGVPETWIW
EAKALDFRARGDSQQEFLALVWAQNYSEANQAFVHRVGPDLVIARDFRRLFRFAQLLFKVKGKLQDWDRGAAVYLLYPMA
RLQGKQHGLDKFDHQLFDGLVALRGQTHGDIRQEAAIADMAEDLIRCRGGDPRLFGLLPEDVRSKYMRAQALEVIC
;
A
2 'polypeptide(L)'
;GPGSEFEL(MSE)WLD(MSE)PSTAETGADQPAAGEVSDLL(MSE)LATPAATERVRREAEDIFRASSFRAGGAARRSEY
RYAALAKDAYQQ(MSE)GTAPVTEPPQVILGTEDLLSRLYDEGVGEAEDEQK(MSE)DDTLATAAAQLAALWREHVDELP
RPTEDHAAEIGPGPHATPFEKANYLANLALQIHHTRYEEGGLIRAEPLPQTLFRWLNEYHD(MSE)YGSQVDDILRHRPS
PACHSLFWQAVFIALLRGKVGDAARLLDQAGWGHVRRGQRGEYAYVGQALENVQRAVDETIAVLESCPGFDGNWEIWSSD
WTLFRVRARGLLEHLRRFAEGKDSAFGASAFSASAASAQSRQS(MSE)AGLARRAESQVPWEIYENLNIVFDIVLGQQGA
ILEAAQDWLEATVGLFGWWDERASRTEKPLSTSQSLSRSQALVLASAPANSESYLDRLARAFHTAVESDFHFNSQNAVEI
G(MSE)ACVFEDNIKGVIGLLRGWSLPIAAAVAEIASLGKWLPPHRPSGVYGLEDLD(MSE)DDLEVLG(MSE)DPGAPD
EVDGIKDSTLVQYAQALADYEGLSSVQDRSGTSKDGWELSISVLGR(MSE)DSPERSEE(MSE)VRDLVEHLVQQLHVDS
NATVDRLWFLLNELG(MSE)IEFAEDTTETYGDILARDSHRYGEA(MSE)WYYALAHRPNKVREV(MSE)NLLTSYSLIQ
STAFPPANDLDDYLYKLLNDRKNTLEQCASQD(MSE)EAAELLGK(MSE)LSGYASLRQFYDIRDNEDALPHATPLSRRK
QAATALISVIASSDDNIRGGLYDQTRDGIVSEDFLLALLGEALVFVSDPDNTNVHHGQLATPVITLDQIDVLLKAIEDLQ
AVGSRVYNACDEFLQLVLASAPGGLKGSTPADLLKKSAGPGPGGSGNA(MSE)LAGSSLVASQLQRSLSGTGGGLGKVAV
KRRGWDWRSEVTAKTKGEDI(MSE)RRLRLGLAKDLAGLWLAEADE(MSE)VW
;
B
3 'polypeptide(L)'
;GPGSEFELMQGGSSTNHETAGLRTEMLSRLFTAATSISHFEEAHSALLSMDDEAMQKSYLRRLVEKMCETGQSSELITLP
FSGLQTKVDDILVEKCRATRDVLNGVPYHQILYAWRINHNDYRGGAAILLDRLQKLRRAGEGDKVIANEHGNEDALDTQV
TRQYLLLINALSCVPPQEAYILEDVLPGDGRGGDDADGDRNGGKAGDDLEADIDELEKKLDVEGGADAAKGDEMAAEEDA
ALIEKMKRFSTRNGQNLPARRLLMLADLRKQYQQELDRIVAIQNNQFGFGAEDDLMDLAGGSGHHHHHHHHHH
;
C
#
# COMPACT_ATOMS: atom_id res chain seq x y z
N ASP A 19 1.97 -3.33 1.07
CA ASP A 19 2.45 -4.47 0.29
C ASP A 19 3.87 -4.21 -0.24
N MET A 20 4.29 -2.96 -0.17
CA MET A 20 5.63 -2.58 -0.66
C MET A 20 6.57 -2.33 0.52
N ILE A 21 7.13 -3.42 1.05
CA ILE A 21 8.09 -3.35 2.15
C ILE A 21 9.51 -3.31 1.58
N HIS A 22 10.37 -2.50 2.19
CA HIS A 22 11.72 -2.34 1.68
C HIS A 22 12.77 -2.91 2.64
N ASP A 23 12.36 -3.23 3.86
CA ASP A 23 13.28 -3.79 4.83
C ASP A 23 12.56 -4.47 6.00
N ALA A 24 13.17 -5.54 6.52
CA ALA A 24 12.65 -6.25 7.68
C ALA A 24 13.81 -6.71 8.55
N VAL A 25 13.90 -6.16 9.75
CA VAL A 25 15.06 -6.40 10.61
C VAL A 25 14.69 -7.13 11.91
N LEU A 26 15.33 -8.27 12.14
CA LEU A 26 15.14 -9.01 13.39
C LEU A 26 15.90 -8.33 14.53
N ASP A 27 15.41 -8.50 15.75
CA ASP A 27 16.07 -7.94 16.92
C ASP A 27 17.29 -8.78 17.29
N TYR A 28 17.94 -8.41 18.38
CA TYR A 28 19.16 -9.10 18.81
C TYR A 28 18.87 -10.52 19.28
N TYR A 29 17.65 -10.77 19.73
CA TYR A 29 17.27 -12.07 20.25
C TYR A 29 16.50 -12.89 19.23
N GLY A 30 15.84 -12.20 18.29
CA GLY A 30 14.96 -12.87 17.35
C GLY A 30 13.61 -13.13 17.97
N ARG A 31 12.99 -12.05 18.47
CA ARG A 31 11.73 -12.15 19.21
C ARG A 31 10.82 -10.99 18.84
N ARG A 32 11.41 -9.94 18.28
CA ARG A 32 10.67 -8.75 17.86
C ARG A 32 11.10 -8.32 16.47
N LEU A 33 10.14 -8.27 15.54
CA LEU A 33 10.43 -7.97 14.15
C LEU A 33 10.15 -6.51 13.82
N ALA A 34 11.10 -5.87 13.13
CA ALA A 34 10.94 -4.47 12.72
C ALA A 34 10.61 -4.37 11.24
N THR A 35 9.53 -3.67 10.92
CA THR A 35 9.06 -3.54 9.56
C THR A 35 8.97 -2.07 9.11
N CYS A 36 9.55 -1.78 7.96
CA CYS A 36 9.37 -0.47 7.33
C CYS A 36 8.47 -0.64 6.12
N SER A 37 8.11 0.47 5.48
CA SER A 37 7.24 0.41 4.32
C SER A 37 7.41 1.62 3.41
N SER A 38 6.55 1.73 2.40
CA SER A 38 6.59 2.84 1.46
C SER A 38 5.50 3.85 1.76
N ASP A 39 4.48 3.42 2.47
CA ASP A 39 3.35 4.28 2.82
C ASP A 39 3.55 4.96 4.16
N ARG A 40 4.79 5.31 4.46
CA ARG A 40 5.14 6.08 5.66
C ARG A 40 4.72 5.38 6.96
N THR A 41 4.76 4.05 6.97
CA THR A 41 4.34 3.29 8.13
C THR A 41 5.43 2.36 8.64
N ILE A 42 5.79 2.50 9.91
CA ILE A 42 6.78 1.63 10.54
C ILE A 42 6.06 0.68 11.51
N LYS A 43 5.86 -0.56 11.07
CA LYS A 43 5.13 -1.54 11.86
C LYS A 43 6.07 -2.37 12.74
N ILE A 44 5.61 -2.70 13.95
CA ILE A 44 6.40 -3.51 14.87
C ILE A 44 5.66 -4.80 15.21
N PHE A 45 6.29 -5.94 14.89
CA PHE A 45 5.68 -7.24 15.15
C PHE A 45 6.40 -7.98 16.27
N GLU A 46 5.74 -9.00 16.81
CA GLU A 46 6.31 -9.84 17.85
C GLU A 46 6.39 -11.28 17.38
N ILE A 47 7.56 -11.69 16.89
CA ILE A 47 7.72 -13.02 16.31
C ILE A 47 8.14 -14.05 17.35
N GLU A 48 7.37 -15.13 17.43
CA GLU A 48 7.73 -16.30 18.22
C GLU A 48 7.59 -17.55 17.38
N GLY A 49 8.41 -17.65 16.34
CA GLY A 49 8.31 -18.74 15.39
C GLY A 49 7.33 -18.42 14.27
N GLU A 50 6.13 -18.99 14.35
CA GLU A 50 5.08 -18.70 13.39
C GLU A 50 4.05 -17.75 14.00
N THR A 51 4.23 -17.45 15.28
CA THR A 51 3.32 -16.57 16.00
C THR A 51 3.58 -15.11 15.65
N GLN A 52 2.81 -14.58 14.70
CA GLN A 52 2.94 -13.18 14.30
C GLN A 52 1.98 -12.31 15.10
N ARG A 53 2.53 -11.48 15.98
CA ARG A 53 1.72 -10.62 16.83
C ARG A 53 2.01 -9.14 16.60
N LEU A 54 1.11 -8.47 15.89
CA LEU A 54 1.24 -7.04 15.64
C LEU A 54 0.94 -6.26 16.92
N THR A 55 1.81 -5.31 17.25
CA THR A 55 1.65 -4.54 18.47
C THR A 55 1.52 -3.04 18.20
N GLU A 56 2.62 -2.42 17.75
CA GLU A 56 2.66 -0.97 17.62
C GLU A 56 2.91 -0.51 16.19
N THR A 57 2.36 0.64 15.84
CA THR A 57 2.53 1.22 14.51
C THR A 57 2.98 2.67 14.63
N LEU A 58 3.99 3.05 13.86
CA LEU A 58 4.54 4.40 13.90
C LEU A 58 4.38 5.10 12.56
N LYS A 59 4.25 6.42 12.60
CA LYS A 59 4.03 7.21 11.39
C LYS A 59 4.50 8.65 11.59
N GLY A 60 5.06 9.24 10.53
CA GLY A 60 5.50 10.62 10.58
C GLY A 60 6.65 10.95 9.65
N HIS A 61 6.58 10.46 8.41
CA HIS A 61 7.60 10.74 7.41
C HIS A 61 7.00 11.26 6.12
N ASP A 62 7.80 12.02 5.37
CA ASP A 62 7.34 12.58 4.10
C ASP A 62 7.35 11.53 3.00
N GLY A 63 8.47 10.85 2.85
CA GLY A 63 8.61 9.83 1.81
C GLY A 63 8.62 8.41 2.34
N ALA A 64 9.05 7.48 1.51
CA ALA A 64 9.10 6.07 1.88
C ALA A 64 10.24 5.79 2.84
N VAL A 65 10.01 4.89 3.78
CA VAL A 65 11.04 4.49 4.73
C VAL A 65 11.88 3.37 4.12
N TRP A 66 13.18 3.58 4.06
CA TRP A 66 14.09 2.65 3.39
C TRP A 66 14.60 1.55 4.32
N CYS A 67 15.44 1.92 5.27
CA CYS A 67 16.06 0.94 6.14
C CYS A 67 15.90 1.25 7.64
N VAL A 68 15.42 0.27 8.38
CA VAL A 68 15.38 0.34 9.83
C VAL A 68 16.54 -0.49 10.38
N SER A 69 16.90 -0.25 11.64
CA SER A 69 18.00 -0.98 12.26
C SER A 69 17.86 -1.01 13.77
N TRP A 70 17.85 -2.22 14.33
CA TRP A 70 17.77 -2.39 15.78
C TRP A 70 19.07 -1.97 16.45
N ALA A 71 18.99 -1.70 17.74
CA ALA A 71 20.16 -1.29 18.52
C ALA A 71 20.60 -2.41 19.44
N HIS A 72 21.84 -2.34 19.91
CA HIS A 72 22.35 -3.30 20.86
C HIS A 72 21.69 -3.09 22.21
N PRO A 73 21.15 -4.17 22.81
CA PRO A 73 20.40 -4.15 24.06
C PRO A 73 21.10 -3.44 25.22
N LYS A 74 22.41 -3.28 25.14
CA LYS A 74 23.16 -2.58 26.17
C LYS A 74 22.82 -1.09 26.20
N TYR A 75 22.29 -0.59 25.10
CA TYR A 75 21.91 0.81 24.99
C TYR A 75 20.40 0.97 24.98
N GLY A 76 19.69 -0.10 25.32
CA GLY A 76 18.25 -0.08 25.32
C GLY A 76 17.65 -0.36 23.96
N ASN A 77 16.33 -0.55 23.91
CA ASN A 77 15.64 -0.82 22.65
C ASN A 77 15.50 0.46 21.82
N ILE A 78 16.39 0.61 20.84
CA ILE A 78 16.40 1.80 20.00
C ILE A 78 16.31 1.41 18.52
N LEU A 79 15.54 2.17 17.76
CA LEU A 79 15.40 1.92 16.33
C LEU A 79 15.90 3.13 15.53
N ALA A 80 16.46 2.86 14.35
CA ALA A 80 16.95 3.94 13.50
C ALA A 80 16.30 3.89 12.12
N SER A 81 15.44 4.86 11.85
CA SER A 81 14.68 4.90 10.59
C SER A 81 15.19 5.99 9.66
N ALA A 82 15.33 5.65 8.38
CA ALA A 82 15.76 6.60 7.36
C ALA A 82 14.73 6.67 6.25
N GLY A 83 14.18 7.87 6.04
CA GLY A 83 13.13 8.07 5.05
C GLY A 83 13.62 8.62 3.72
N TYR A 84 12.69 8.73 2.77
CA TYR A 84 13.00 9.25 1.45
C TYR A 84 13.19 10.76 1.49
N ASP A 85 12.61 11.39 2.50
CA ASP A 85 12.71 12.83 2.68
C ASP A 85 14.14 13.28 2.99
N GLY A 86 14.88 12.41 3.65
CA GLY A 86 16.24 12.72 4.07
C GLY A 86 16.37 12.80 5.58
N LYS A 87 15.23 12.76 6.26
CA LYS A 87 15.21 12.81 7.73
C LYS A 87 15.51 11.43 8.32
N VAL A 88 16.09 11.43 9.51
CA VAL A 88 16.42 10.20 10.21
C VAL A 88 15.78 10.21 11.60
N LEU A 89 14.78 9.37 11.80
CA LEU A 89 14.07 9.31 13.07
C LEU A 89 14.60 8.20 13.97
N ILE A 90 15.03 8.57 15.17
CA ILE A 90 15.55 7.59 16.13
C ILE A 90 14.50 7.30 17.19
N TRP A 91 13.87 6.13 17.07
CA TRP A 91 12.82 5.72 17.99
C TRP A 91 13.40 5.00 19.21
N ARG A 92 12.63 4.97 20.29
CA ARG A 92 13.02 4.27 21.51
C ARG A 92 11.81 4.12 22.42
N GLU A 93 11.70 2.97 23.07
CA GLU A 93 10.58 2.71 23.98
C GLU A 93 10.87 3.19 25.39
N LEU A 94 9.84 3.73 26.04
CA LEU A 94 9.97 4.23 27.41
C LEU A 94 8.89 3.64 28.31
N ASN A 95 9.30 2.73 29.19
CA ASN A 95 8.40 2.07 30.13
C ASN A 95 7.22 1.38 29.45
N GLY A 96 7.51 0.60 28.42
CA GLY A 96 6.50 -0.16 27.71
C GLY A 96 5.76 0.62 26.64
N ALA A 97 6.25 1.82 26.33
CA ALA A 97 5.63 2.64 25.31
C ALA A 97 6.69 3.32 24.44
N TRP A 98 6.44 3.37 23.13
CA TRP A 98 7.41 3.91 22.18
C TRP A 98 7.34 5.44 22.12
N GLN A 99 8.50 6.08 22.15
CA GLN A 99 8.58 7.52 22.11
C GLN A 99 9.62 8.01 21.09
N ARG A 100 9.19 8.87 20.19
CA ARG A 100 10.08 9.46 19.19
C ARG A 100 10.97 10.52 19.84
N ILE A 101 12.26 10.21 19.96
CA ILE A 101 13.19 11.07 20.70
C ILE A 101 13.84 12.11 19.79
N PHE A 102 14.67 11.66 18.86
CA PHE A 102 15.50 12.57 18.08
C PHE A 102 15.34 12.43 16.56
N ASP A 103 15.40 13.57 15.88
CA ASP A 103 15.32 13.63 14.43
C ASP A 103 16.54 14.33 13.82
N PHE A 104 17.26 13.63 12.95
CA PHE A 104 18.43 14.23 12.29
C PHE A 104 18.21 14.38 10.80
N ALA A 105 18.10 15.62 10.34
CA ALA A 105 17.91 15.91 8.92
C ALA A 105 19.04 16.74 8.35
N LEU A 106 19.94 16.09 7.61
CA LEU A 106 21.06 16.79 6.97
C LEU A 106 21.48 16.05 5.71
N HIS A 107 20.51 15.72 4.87
CA HIS A 107 20.77 15.07 3.59
C HIS A 107 19.81 15.59 2.53
N LYS A 108 20.36 16.11 1.44
CA LYS A 108 19.55 16.71 0.38
C LYS A 108 18.71 15.66 -0.34
N ALA A 109 19.22 14.43 -0.39
CA ALA A 109 18.51 13.34 -1.05
C ALA A 109 18.08 12.30 -0.02
N SER A 110 17.50 11.20 -0.51
CA SER A 110 17.00 10.14 0.35
C SER A 110 18.14 9.37 1.01
N VAL A 111 17.96 9.05 2.29
CA VAL A 111 18.92 8.24 3.02
C VAL A 111 18.59 6.77 2.80
N ASN A 112 19.41 6.09 2.01
CA ASN A 112 19.12 4.72 1.59
C ASN A 112 19.27 3.69 2.71
N VAL A 113 20.39 3.72 3.41
CA VAL A 113 20.66 2.73 4.44
C VAL A 113 21.38 3.34 5.63
N VAL A 114 21.07 2.84 6.82
CA VAL A 114 21.73 3.29 8.05
C VAL A 114 22.21 2.07 8.83
N SER A 115 23.52 1.91 8.93
CA SER A 115 24.11 0.77 9.63
C SER A 115 24.29 1.05 11.11
N TRP A 116 24.14 0.01 11.93
CA TRP A 116 24.28 0.15 13.37
C TRP A 116 25.70 -0.18 13.84
N SER A 117 26.22 0.66 14.72
CA SER A 117 27.59 0.51 15.23
C SER A 117 27.67 -0.59 16.28
N PRO A 118 28.86 -1.21 16.43
CA PRO A 118 28.99 -2.24 17.46
C PRO A 118 29.15 -1.64 18.86
N HIS A 119 28.67 -2.36 19.86
CA HIS A 119 28.65 -1.86 21.23
C HIS A 119 30.04 -1.73 21.84
N GLU A 120 31.03 -2.32 21.19
CA GLU A 120 32.42 -2.21 21.65
C GLU A 120 33.00 -0.87 21.24
N ALA A 121 32.34 -0.20 20.30
CA ALA A 121 32.80 1.10 19.80
C ALA A 121 31.83 2.21 20.19
N GLY A 122 31.14 2.02 21.32
CA GLY A 122 30.18 2.99 21.78
C GLY A 122 28.86 2.92 21.05
N CYS A 123 28.09 4.00 21.09
CA CYS A 123 26.79 4.05 20.44
C CYS A 123 26.81 5.04 19.27
N LEU A 124 27.36 4.61 18.14
CA LEU A 124 27.42 5.45 16.96
C LEU A 124 26.31 5.08 15.98
N LEU A 125 26.26 5.78 14.85
CA LEU A 125 25.24 5.52 13.84
C LEU A 125 25.63 6.12 12.49
N ALA A 126 26.04 5.25 11.56
CA ALA A 126 26.46 5.69 10.23
C ALA A 126 25.27 5.83 9.30
N CYS A 127 25.17 6.99 8.64
CA CYS A 127 24.08 7.25 7.70
C CYS A 127 24.60 7.35 6.27
N ALA A 128 23.89 6.71 5.34
CA ALA A 128 24.28 6.71 3.94
C ALA A 128 23.17 7.27 3.05
N SER A 129 23.43 8.40 2.42
CA SER A 129 22.47 9.02 1.53
C SER A 129 23.07 9.29 0.15
N SER A 130 22.21 9.40 -0.86
CA SER A 130 22.66 9.63 -2.22
C SER A 130 22.70 11.12 -2.55
N ASP A 131 23.38 11.88 -1.72
CA ASP A 131 23.50 13.32 -1.95
C ASP A 131 24.96 13.75 -2.03
N GLY A 132 25.83 13.07 -1.28
CA GLY A 132 27.25 13.34 -1.34
C GLY A 132 27.99 13.33 -0.01
N ASN A 133 27.31 12.93 1.06
CA ASN A 133 27.94 12.89 2.38
C ASN A 133 27.42 11.75 3.24
N VAL A 134 28.23 11.33 4.21
CA VAL A 134 27.85 10.26 5.12
C VAL A 134 28.15 10.69 6.56
N SER A 135 27.11 11.06 7.30
CA SER A 135 27.28 11.57 8.66
C SER A 135 27.12 10.47 9.70
N VAL A 136 28.01 10.46 10.69
CA VAL A 136 27.94 9.50 11.78
C VAL A 136 27.37 10.17 13.03
N LEU A 137 26.39 9.52 13.65
CA LEU A 137 25.71 10.10 14.80
C LEU A 137 26.14 9.45 16.12
N GLU A 138 26.92 10.20 16.90
CA GLU A 138 27.33 9.77 18.23
C GLU A 138 26.21 10.01 19.24
N PHE A 139 26.05 9.06 20.17
CA PHE A 139 25.03 9.17 21.20
C PHE A 139 25.61 9.71 22.50
N ARG A 140 25.44 11.01 22.71
CA ARG A 140 25.82 11.65 23.97
C ARG A 140 24.91 11.13 25.08
N ASP A 141 25.38 11.21 26.32
CA ASP A 141 24.63 10.74 27.48
C ASP A 141 23.20 11.29 27.53
N ASN A 142 23.04 12.53 27.09
CA ASN A 142 21.73 13.16 27.05
C ASN A 142 21.14 13.12 25.65
N SER A 143 21.58 14.03 24.79
CA SER A 143 21.05 14.13 23.44
C SER A 143 22.16 14.13 22.40
N TRP A 144 21.83 13.58 21.22
CA TRP A 144 22.67 13.49 20.03
C TRP A 144 23.86 14.43 19.89
N GLU A 145 24.97 13.88 19.40
CA GLU A 145 26.08 14.68 18.89
C GLU A 145 26.39 14.20 17.48
N HIS A 146 26.56 15.12 16.54
CA HIS A 146 26.71 14.72 15.14
C HIS A 146 28.11 14.98 14.59
N SER A 147 28.61 14.03 13.81
CA SER A 147 29.89 14.18 13.13
C SER A 147 29.70 14.06 11.62
N ILE A 148 29.99 15.14 10.91
CA ILE A 148 29.72 15.20 9.47
C ILE A 148 30.96 14.83 8.66
N PHE A 149 30.78 13.89 7.74
CA PHE A 149 31.84 13.51 6.81
C PHE A 149 31.36 13.72 5.37
N HIS A 150 32.26 13.53 4.41
CA HIS A 150 31.91 13.70 3.01
C HIS A 150 32.02 12.37 2.27
N ALA A 151 31.15 12.16 1.28
CA ALA A 151 31.12 10.89 0.56
C ALA A 151 31.27 11.11 -0.95
N HIS A 152 30.82 10.12 -1.72
CA HIS A 152 30.95 10.15 -3.17
C HIS A 152 30.05 11.21 -3.79
N GLY A 153 30.54 11.82 -4.87
CA GLY A 153 29.80 12.86 -5.56
C GLY A 153 28.53 12.38 -6.24
N LEU A 154 28.59 11.18 -6.81
CA LEU A 154 27.43 10.63 -7.52
C LEU A 154 26.43 9.98 -6.57
N GLY A 155 26.69 10.07 -5.27
CA GLY A 155 25.79 9.53 -4.27
C GLY A 155 26.30 8.28 -3.59
N VAL A 156 25.63 7.89 -2.51
CA VAL A 156 26.00 6.71 -1.75
C VAL A 156 24.74 5.93 -1.37
N ASN A 157 24.80 4.61 -1.55
CA ASN A 157 23.63 3.76 -1.33
C ASN A 157 23.92 2.68 -0.29
N SER A 158 25.14 2.66 0.26
CA SER A 158 25.52 1.58 1.16
C SER A 158 26.53 2.00 2.23
N VAL A 159 26.42 1.35 3.39
CA VAL A 159 27.35 1.57 4.49
C VAL A 159 27.29 0.36 5.43
N SER A 160 28.43 -0.02 6.00
CA SER A 160 28.48 -1.16 6.91
C SER A 160 29.61 -1.01 7.93
N TRP A 161 29.30 -1.30 9.19
CA TRP A 161 30.27 -1.15 10.27
C TRP A 161 31.21 -2.35 10.36
N ALA A 162 32.44 -2.10 10.80
CA ALA A 162 33.44 -3.13 10.96
C ALA A 162 33.74 -3.40 12.43
N PRO A 163 33.64 -4.67 12.85
CA PRO A 163 33.92 -5.07 14.23
C PRO A 163 35.41 -4.94 14.57
N ALA A 164 35.71 -4.32 15.71
CA ALA A 164 37.09 -4.13 16.12
C ALA A 164 37.61 -5.32 16.92
N THR A 165 38.75 -5.14 17.57
CA THR A 165 39.37 -6.20 18.36
C THR A 165 39.22 -5.95 19.86
N SER A 166 38.04 -6.25 20.40
CA SER A 166 37.78 -6.01 21.81
C SER A 166 36.56 -6.79 22.32
N PRO A 167 36.71 -7.44 23.49
CA PRO A 167 35.61 -8.10 24.18
C PRO A 167 34.92 -7.20 25.20
N GLY A 168 33.64 -6.93 24.97
CA GLY A 168 32.86 -6.10 25.87
C GLY A 168 31.38 -6.22 25.58
N SER A 169 30.56 -6.36 26.62
CA SER A 169 29.14 -6.64 26.44
C SER A 169 28.24 -5.61 27.11
N ILE A 170 28.41 -5.42 28.41
CA ILE A 170 27.51 -4.58 29.19
C ILE A 170 27.74 -3.09 28.93
N VAL A 171 29.01 -2.70 28.86
CA VAL A 171 29.41 -1.29 28.73
C VAL A 171 28.99 -0.49 29.96
N ARG A 183 37.90 1.11 15.03
CA ARG A 183 36.54 1.14 14.52
C ARG A 183 36.48 1.76 13.13
N ARG A 184 36.22 0.93 12.12
CA ARG A 184 36.14 1.36 10.74
C ARG A 184 34.75 1.08 10.18
N PHE A 185 34.45 1.64 9.01
CA PHE A 185 33.22 1.31 8.32
C PHE A 185 33.34 1.56 6.81
N VAL A 186 32.83 0.61 6.03
CA VAL A 186 32.93 0.67 4.58
C VAL A 186 31.71 1.37 3.98
N THR A 187 31.96 2.24 3.01
CA THR A 187 30.90 2.96 2.32
C THR A 187 30.83 2.57 0.85
N GLY A 188 29.66 2.08 0.43
CA GLY A 188 29.41 1.75 -0.96
C GLY A 188 29.17 2.99 -1.79
N GLY A 189 29.23 2.85 -3.11
CA GLY A 189 29.12 4.01 -3.97
C GLY A 189 28.27 3.90 -5.22
N SER A 190 27.57 4.98 -5.54
CA SER A 190 26.81 5.07 -6.76
C SER A 190 27.68 5.66 -7.87
N ASP A 191 28.96 5.85 -7.56
CA ASP A 191 29.92 6.36 -8.54
C ASP A 191 30.80 5.22 -9.05
N ASN A 192 30.27 4.01 -8.98
CA ASN A 192 30.97 2.81 -9.45
C ASN A 192 32.29 2.59 -8.71
N ALA A 193 32.25 2.69 -7.39
CA ALA A 193 33.43 2.49 -6.55
C ALA A 193 33.05 2.36 -5.09
N LEU A 194 33.97 1.85 -4.28
CA LEU A 194 33.76 1.76 -2.84
C LEU A 194 34.83 2.57 -2.10
N LYS A 195 34.61 2.80 -0.81
CA LYS A 195 35.64 3.41 0.03
C LYS A 195 35.60 2.82 1.44
N ILE A 196 36.71 2.94 2.16
CA ILE A 196 36.79 2.41 3.51
C ILE A 196 37.19 3.50 4.49
N TRP A 197 36.27 3.87 5.37
CA TRP A 197 36.50 4.94 6.33
C TRP A 197 37.09 4.40 7.64
N ALA A 198 38.10 5.10 8.15
CA ALA A 198 38.70 4.77 9.44
C ALA A 198 38.59 5.95 10.40
N TYR A 199 38.37 5.65 11.67
CA TYR A 199 38.22 6.69 12.69
C TYR A 199 39.55 7.42 12.90
N ASP A 200 39.48 8.72 13.13
CA ASP A 200 40.67 9.53 13.33
C ASP A 200 40.44 10.62 14.38
N PRO A 201 41.03 10.43 15.58
CA PRO A 201 40.90 11.39 16.68
C PRO A 201 41.83 12.59 16.56
N ALA A 202 42.77 12.53 15.61
CA ALA A 202 43.70 13.64 15.40
C ALA A 202 42.97 14.88 14.90
N THR A 203 41.93 14.66 14.11
CA THR A 203 41.10 15.77 13.62
C THR A 203 39.65 15.55 14.01
N ASN A 204 39.43 14.54 14.87
CA ASN A 204 38.09 14.17 15.33
C ASN A 204 37.13 13.90 14.19
N THR A 205 37.66 13.35 13.10
CA THR A 205 36.85 13.03 11.92
C THR A 205 37.14 11.60 11.44
N TYR A 206 36.81 11.33 10.19
CA TYR A 206 37.06 10.02 9.60
C TYR A 206 37.97 10.12 8.39
N LYS A 207 39.16 9.53 8.51
CA LYS A 207 40.15 9.58 7.45
C LYS A 207 40.03 8.37 6.52
N LEU A 208 40.41 8.59 5.25
CA LEU A 208 40.43 7.52 4.26
C LEU A 208 41.85 7.01 4.08
N GLU A 209 42.14 5.84 4.63
CA GLU A 209 43.49 5.30 4.61
C GLU A 209 43.82 4.59 3.30
N ARG A 210 42.88 3.79 2.80
CA ARG A 210 43.10 3.04 1.57
C ARG A 210 41.82 2.96 0.74
N GLU A 211 41.88 3.46 -0.48
CA GLU A 211 40.73 3.44 -1.36
C GLU A 211 40.80 2.27 -2.34
N PRO A 212 39.70 1.52 -2.47
CA PRO A 212 39.60 0.46 -3.47
C PRO A 212 39.20 1.01 -4.83
N LEU A 213 39.57 0.32 -5.90
CA LEU A 213 39.40 0.87 -7.25
C LEU A 213 38.59 -0.02 -8.18
N THR A 214 37.48 0.52 -8.68
CA THR A 214 36.67 -0.07 -9.74
C THR A 214 36.35 -1.55 -9.53
N GLY A 215 35.49 -1.84 -8.57
CA GLY A 215 35.06 -3.20 -8.33
C GLY A 215 34.10 -3.69 -9.40
N HIS A 216 33.25 -2.79 -9.89
CA HIS A 216 32.28 -3.12 -10.92
C HIS A 216 32.32 -2.11 -12.07
N THR A 217 31.27 -2.13 -12.89
CA THR A 217 31.13 -1.18 -13.98
C THR A 217 29.88 -0.33 -13.78
N ASP A 218 28.86 -0.92 -13.15
CA ASP A 218 27.63 -0.22 -12.84
C ASP A 218 27.63 0.20 -11.37
N TRP A 219 26.67 1.05 -11.00
CA TRP A 219 26.56 1.56 -9.63
C TRP A 219 26.44 0.43 -8.61
N VAL A 220 27.19 0.53 -7.52
CA VAL A 220 27.15 -0.46 -6.47
C VAL A 220 25.86 -0.33 -5.67
N ARG A 221 25.08 -1.40 -5.63
CA ARG A 221 23.79 -1.39 -4.95
C ARG A 221 23.94 -1.42 -3.43
N ASP A 222 24.74 -2.36 -2.94
CA ASP A 222 24.92 -2.50 -1.49
C ASP A 222 26.25 -3.13 -1.11
N VAL A 223 26.73 -2.80 0.09
CA VAL A 223 27.98 -3.35 0.62
C VAL A 223 27.76 -3.81 2.05
N ALA A 224 28.29 -4.98 2.39
CA ALA A 224 28.12 -5.53 3.73
C ALA A 224 29.43 -6.11 4.29
N TRP A 225 29.76 -5.71 5.52
CA TRP A 225 30.97 -6.19 6.19
C TRP A 225 30.68 -7.46 6.98
N SER A 226 31.61 -8.41 6.96
CA SER A 226 31.43 -9.68 7.66
C SER A 226 31.59 -9.51 9.17
N PRO A 227 30.56 -9.90 9.93
CA PRO A 227 30.59 -9.85 11.40
C PRO A 227 31.43 -10.96 12.00
N THR A 228 31.72 -12.00 11.21
CA THR A 228 32.54 -13.11 11.65
C THR A 228 33.98 -12.64 11.93
N VAL A 229 34.49 -12.98 13.10
CA VAL A 229 35.84 -12.58 13.46
C VAL A 229 36.86 -13.64 13.05
N LEU A 230 37.75 -13.27 12.14
CA LEU A 230 38.78 -14.16 11.64
C LEU A 230 40.11 -13.45 11.49
N GLN A 231 41.02 -14.04 10.73
CA GLN A 231 42.31 -13.42 10.46
C GLN A 231 42.17 -12.36 9.37
N LYS A 232 41.10 -12.46 8.59
CA LYS A 232 40.82 -11.51 7.53
C LYS A 232 39.39 -11.02 7.61
N SER A 233 39.13 -9.88 6.97
CA SER A 233 37.79 -9.30 6.97
C SER A 233 37.17 -9.35 5.58
N TYR A 234 36.04 -10.03 5.46
CA TYR A 234 35.40 -10.23 4.17
C TYR A 234 34.34 -9.15 3.90
N ILE A 235 34.42 -8.56 2.70
CA ILE A 235 33.49 -7.50 2.32
C ILE A 235 32.69 -7.94 1.09
N ALA A 236 31.37 -7.84 1.20
CA ALA A 236 30.49 -8.19 0.09
C ALA A 236 30.02 -6.94 -0.65
N SER A 237 30.13 -6.97 -1.98
CA SER A 237 29.74 -5.84 -2.80
C SER A 237 28.81 -6.30 -3.93
N ALA A 238 27.59 -5.78 -3.93
CA ALA A 238 26.59 -6.14 -4.93
C ALA A 238 26.16 -4.92 -5.74
N SER A 239 26.11 -5.09 -7.06
CA SER A 239 25.70 -4.02 -7.96
C SER A 239 24.41 -4.38 -8.69
N ASP A 241 25.38 -4.11 -12.48
CA ASP A 241 25.75 -4.82 -13.69
C ASP A 241 25.57 -6.32 -13.52
N ARG A 242 24.75 -6.70 -12.55
CA ARG A 242 24.42 -8.09 -12.27
C ARG A 242 25.65 -8.93 -11.95
N THR A 243 26.69 -8.28 -11.42
CA THR A 243 27.90 -8.95 -10.98
C THR A 243 28.10 -8.70 -9.49
N VAL A 244 28.80 -9.61 -8.81
CA VAL A 244 29.02 -9.48 -7.37
C VAL A 244 30.49 -9.69 -7.02
N ARG A 245 31.07 -8.73 -6.30
CA ARG A 245 32.45 -8.85 -5.83
C ARG A 245 32.49 -9.26 -4.36
N ILE A 246 33.46 -10.09 -4.01
CA ILE A 246 33.66 -10.49 -2.62
C ILE A 246 35.13 -10.30 -2.26
N TRP A 247 35.44 -9.16 -1.66
CA TRP A 247 36.83 -8.82 -1.33
C TRP A 247 37.29 -9.44 -0.02
N THR A 248 38.40 -10.15 -0.07
CA THR A 248 38.97 -10.77 1.12
C THR A 248 40.11 -9.91 1.67
N SER A 249 39.80 -9.08 2.65
CA SER A 249 40.77 -8.12 3.18
C SER A 249 41.65 -8.73 4.27
N ASP A 250 42.79 -9.26 3.85
CA ASP A 250 43.85 -9.66 4.77
C ASP A 250 44.69 -8.43 5.06
N PRO A 251 45.73 -8.54 5.92
CA PRO A 251 46.63 -7.39 6.06
C PRO A 251 47.36 -7.02 4.76
N ALA A 252 46.59 -6.75 3.70
CA ALA A 252 47.12 -6.42 2.38
C ALA A 252 45.98 -5.95 1.48
N ASN A 253 46.22 -6.00 0.17
CA ASN A 253 45.21 -5.60 -0.80
C ASN A 253 44.29 -6.77 -1.16
N PRO A 254 42.97 -6.59 -0.96
CA PRO A 254 41.97 -7.62 -1.24
C PRO A 254 41.60 -7.74 -2.71
N LEU A 255 41.08 -8.90 -3.09
CA LEU A 255 40.63 -9.14 -4.46
C LEU A 255 39.36 -9.99 -4.44
N GLN A 256 38.76 -10.20 -5.61
CA GLN A 256 37.52 -10.96 -5.69
C GLN A 256 37.38 -11.75 -6.98
N TRP A 257 36.38 -12.63 -7.02
CA TRP A 257 36.07 -13.40 -8.21
C TRP A 257 34.60 -13.19 -8.58
N ASN A 258 34.35 -12.22 -9.45
CA ASN A 258 33.00 -11.87 -9.85
C ASN A 258 32.33 -13.00 -10.63
N CYS A 259 31.27 -13.56 -10.05
CA CYS A 259 30.51 -14.63 -10.70
C CYS A 259 29.44 -14.03 -11.61
N LYS A 260 29.58 -14.28 -12.91
CA LYS A 260 28.63 -13.77 -13.89
C LYS A 260 27.30 -14.51 -13.80
N VAL A 261 26.54 -14.22 -12.75
CA VAL A 261 25.26 -14.88 -12.53
C VAL A 261 24.16 -14.18 -13.32
N LEU A 262 24.48 -12.98 -13.80
CA LEU A 262 23.53 -12.17 -14.57
C LEU A 262 22.22 -11.93 -13.81
N ALA A 266 18.82 -11.26 -12.85
CA ALA A 266 18.52 -9.83 -12.74
C ALA A 266 19.58 -9.13 -11.90
N ALA A 267 19.37 -7.84 -11.64
CA ALA A 267 20.29 -7.05 -10.84
C ALA A 267 20.21 -7.43 -9.37
N VAL A 268 21.37 -7.45 -8.69
CA VAL A 268 21.43 -7.75 -7.27
C VAL A 268 21.39 -6.46 -6.46
N TRP A 269 20.39 -6.33 -5.60
CA TRP A 269 20.20 -5.09 -4.85
C TRP A 269 20.78 -5.16 -3.44
N ARG A 270 20.39 -6.16 -2.68
CA ARG A 270 20.77 -6.21 -1.26
C ARG A 270 21.50 -7.48 -0.86
N VAL A 271 22.52 -7.34 -0.02
CA VAL A 271 23.29 -8.48 0.45
C VAL A 271 23.42 -8.45 1.98
N SER A 272 23.02 -9.53 2.62
CA SER A 272 23.09 -9.64 4.07
C SER A 272 24.04 -10.74 4.52
N TRP A 273 24.97 -10.41 5.41
CA TRP A 273 25.87 -11.40 5.97
C TRP A 273 25.17 -12.23 7.03
N SER A 274 25.81 -13.31 7.46
CA SER A 274 25.22 -14.19 8.46
C SER A 274 26.28 -14.87 9.32
N LEU A 275 26.23 -14.59 10.62
CA LEU A 275 27.10 -15.23 11.60
C LEU A 275 26.55 -16.61 11.93
N SER A 276 26.44 -17.46 10.90
CA SER A 276 25.95 -18.82 11.06
C SER A 276 26.73 -19.74 10.14
N GLY A 277 28.05 -19.54 10.12
CA GLY A 277 28.93 -20.29 9.25
C GLY A 277 29.54 -19.40 8.19
N ASN A 278 29.63 -18.10 8.51
CA ASN A 278 30.13 -17.08 7.60
C ASN A 278 29.34 -17.11 6.30
N VAL A 279 28.01 -17.08 6.42
CA VAL A 279 27.14 -17.21 5.26
C VAL A 279 26.92 -15.86 4.58
N LEU A 280 26.76 -15.89 3.27
CA LEU A 280 26.57 -14.66 2.50
C LEU A 280 25.31 -14.71 1.65
N ALA A 281 24.27 -14.00 2.09
CA ALA A 281 23.00 -14.00 1.39
C ALA A 281 22.93 -12.88 0.35
N ALA A 282 22.79 -13.25 -0.91
CA ALA A 282 22.66 -12.28 -1.99
C ALA A 282 21.23 -12.25 -2.51
N SER A 283 20.71 -11.05 -2.71
CA SER A 283 19.30 -10.87 -3.06
C SER A 283 19.09 -9.83 -4.15
N GLY A 284 18.51 -10.28 -5.26
CA GLY A 284 18.13 -9.43 -6.38
C GLY A 284 16.76 -9.80 -6.89
N GLY A 285 16.40 -9.32 -8.07
CA GLY A 285 15.06 -9.53 -8.59
C GLY A 285 14.81 -10.84 -9.34
N ASP A 286 14.79 -11.95 -8.61
CA ASP A 286 14.51 -13.25 -9.21
C ASP A 286 13.53 -14.06 -8.35
N ASN A 287 12.82 -13.38 -7.47
CA ASN A 287 11.85 -14.01 -6.56
C ASN A 287 12.49 -15.10 -5.71
N LYS A 288 13.77 -14.93 -5.39
CA LYS A 288 14.49 -15.88 -4.57
C LYS A 288 15.75 -15.26 -3.99
N VAL A 289 16.27 -15.87 -2.93
CA VAL A 289 17.50 -15.40 -2.29
C VAL A 289 18.61 -16.42 -2.47
N THR A 290 19.67 -16.01 -3.17
CA THR A 290 20.80 -16.90 -3.43
C THR A 290 21.75 -16.92 -2.24
N LEU A 291 21.85 -18.08 -1.59
CA LEU A 291 22.72 -18.22 -0.42
C LEU A 291 24.09 -18.72 -0.83
N TRP A 292 25.14 -18.12 -0.27
CA TRP A 292 26.50 -18.43 -0.65
C TRP A 292 27.35 -18.86 0.55
N LYS A 293 27.92 -20.06 0.45
CA LYS A 293 28.85 -20.56 1.46
C LYS A 293 30.26 -20.62 0.87
N GLU A 294 31.26 -20.75 1.74
CA GLU A 294 32.65 -20.72 1.30
C GLU A 294 33.29 -22.10 1.26
N ASN A 295 34.00 -22.38 0.18
CA ASN A 295 34.78 -23.61 0.05
C ASN A 295 36.25 -23.31 0.30
N LEU A 296 37.02 -24.34 0.64
CA LEU A 296 38.43 -24.18 0.96
C LEU A 296 39.28 -23.96 -0.29
N LYS A 297 38.70 -24.19 -1.45
CA LYS A 297 39.40 -23.99 -2.71
C LYS A 297 39.64 -22.51 -2.98
N GLY A 298 38.60 -21.71 -2.80
CA GLY A 298 38.66 -20.28 -3.06
C GLY A 298 37.41 -19.76 -3.73
N GLU A 299 36.54 -20.68 -4.13
CA GLU A 299 35.28 -20.32 -4.75
C GLU A 299 34.13 -20.47 -3.75
N TRP A 300 33.01 -19.82 -4.04
CA TRP A 300 31.85 -19.85 -3.16
C TRP A 300 30.73 -20.70 -3.72
N GLU A 301 30.34 -21.73 -2.98
CA GLU A 301 29.29 -22.65 -3.42
C GLU A 301 27.91 -22.10 -3.07
N CYS A 302 27.00 -22.17 -4.03
CA CYS A 302 25.64 -21.68 -3.84
C CYS A 302 24.73 -22.79 -3.29
N VAL A 303 24.02 -22.49 -2.21
CA VAL A 303 23.12 -23.45 -1.60
C VAL A 303 21.69 -23.23 -2.10
N THR A 356 10.53 -1.40 -7.00
CA THR A 356 10.66 -2.73 -6.42
C THR A 356 11.90 -2.83 -5.53
N ASN A 357 11.82 -3.69 -4.52
CA ASN A 357 12.92 -3.85 -3.58
C ASN A 357 12.87 -5.20 -2.87
N TRP A 358 13.94 -5.52 -2.15
CA TRP A 358 14.02 -6.77 -1.40
C TRP A 358 14.29 -6.50 0.08
N GLY A 359 15.56 -6.27 0.40
CA GLY A 359 15.97 -6.00 1.76
C GLY A 359 15.85 -7.15 2.74
N PRO A 360 16.70 -8.18 2.60
CA PRO A 360 16.73 -9.28 3.56
C PRO A 360 17.73 -9.03 4.68
N ASN A 361 17.54 -9.70 5.81
CA ASN A 361 18.47 -9.59 6.93
C ASN A 361 18.53 -10.89 7.72
N GLY A 362 19.68 -11.57 7.64
CA GLY A 362 19.88 -12.80 8.37
C GLY A 362 20.00 -12.56 9.86
N LEU A 363 19.06 -13.12 10.61
CA LEU A 363 19.05 -12.97 12.06
C LEU A 363 20.27 -13.65 12.69
N LEU A 364 20.74 -13.10 13.81
CA LEU A 364 21.89 -13.64 14.50
C LEU A 364 21.53 -14.86 15.32
N VAL A 365 20.25 -15.25 15.26
CA VAL A 365 19.77 -16.44 15.93
C VAL A 365 19.76 -17.58 14.89
N THR A 366 20.61 -17.42 13.88
CA THR A 366 20.73 -18.36 12.76
C THR A 366 19.40 -18.54 12.03
N THR A 367 18.93 -17.46 11.40
CA THR A 367 17.68 -17.49 10.65
C THR A 367 17.70 -16.44 9.54
N HIS A 368 17.23 -16.83 8.36
CA HIS A 368 17.16 -15.91 7.23
C HIS A 368 15.75 -15.35 7.07
N HIS A 369 15.66 -14.04 6.87
CA HIS A 369 14.37 -13.38 6.74
C HIS A 369 14.11 -12.91 5.31
N GLY A 370 13.03 -13.40 4.72
CA GLY A 370 12.66 -13.01 3.37
C GLY A 370 11.56 -11.96 3.35
N GLU A 371 11.38 -11.32 2.20
CA GLU A 371 10.36 -10.29 2.05
C GLU A 371 9.37 -10.65 0.95
N PRO A 372 8.31 -11.39 1.31
CA PRO A 372 7.27 -11.81 0.36
C PRO A 372 6.55 -10.63 -0.28
N ALA A 377 3.64 -9.74 4.22
CA ALA A 377 5.08 -9.94 4.02
C ALA A 377 5.74 -10.47 5.29
N ASP A 378 5.91 -11.79 5.35
CA ASP A 378 6.52 -12.42 6.51
C ASP A 378 7.46 -13.55 6.08
N GLY A 379 8.74 -13.42 6.43
CA GLY A 379 9.73 -14.41 6.09
C GLY A 379 10.54 -14.91 7.27
N THR A 380 10.68 -16.22 7.38
CA THR A 380 11.44 -16.83 8.47
C THR A 380 12.00 -18.18 8.06
N LEU A 381 13.03 -18.15 7.22
CA LEU A 381 13.66 -19.37 6.73
C LEU A 381 14.92 -19.71 7.54
N ALA A 382 14.94 -20.91 8.10
CA ALA A 382 16.10 -21.37 8.86
C ALA A 382 17.14 -21.99 7.93
N ALA A 383 18.35 -21.42 7.94
CA ALA A 383 19.41 -21.89 7.06
C ALA A 383 20.53 -22.54 7.85
N SER A 384 20.85 -23.78 7.49
CA SER A 384 21.93 -24.53 8.14
C SER A 384 22.58 -25.51 7.17
N GLU A 385 23.75 -26.01 7.53
CA GLU A 385 24.47 -26.95 6.69
C GLU A 385 23.73 -28.27 6.56
N GLU A 386 23.84 -28.89 5.38
CA GLU A 386 23.14 -30.16 5.13
C GLU A 386 24.07 -31.35 5.35
N SER A 387 23.74 -32.16 6.36
CA SER A 387 24.51 -33.35 6.67
C SER A 387 23.65 -34.36 7.41
N VAL A 388 24.20 -35.54 7.66
CA VAL A 388 23.52 -36.59 8.40
C VAL A 388 23.26 -36.09 9.83
N GLY A 389 22.11 -36.46 10.38
CA GLY A 389 21.69 -36.03 11.71
C GLY A 389 22.75 -36.07 12.80
N SER A 390 22.91 -34.95 13.47
CA SER A 390 23.92 -34.79 14.52
C SER A 390 23.58 -35.27 15.96
N PRO A 391 22.30 -35.58 16.28
CA PRO A 391 22.05 -36.10 17.64
C PRO A 391 22.98 -37.21 18.13
N GLU A 392 23.30 -38.17 17.27
CA GLU A 392 24.25 -39.21 17.63
C GLU A 392 25.65 -38.60 17.77
N ASN A 393 26.02 -37.76 16.81
CA ASN A 393 27.30 -37.08 16.83
C ASN A 393 27.37 -36.08 17.98
N LEU A 394 26.22 -35.55 18.37
CA LEU A 394 26.15 -34.64 19.51
C LEU A 394 26.31 -35.41 20.81
N ALA A 395 25.83 -36.64 20.82
CA ALA A 395 25.98 -37.52 21.98
C ALA A 395 27.45 -37.89 22.14
N ARG A 396 28.08 -38.24 21.02
CA ARG A 396 29.50 -38.58 21.03
C ARG A 396 30.36 -37.37 21.41
N LEU A 397 29.97 -36.20 20.92
CA LEU A 397 30.69 -34.96 21.20
C LEU A 397 30.58 -34.60 22.68
N GLN A 398 29.38 -34.72 23.23
CA GLN A 398 29.16 -34.46 24.65
C GLN A 398 29.93 -35.46 25.49
N ARG A 399 30.01 -36.69 24.99
CA ARG A 399 30.80 -37.74 25.65
C ARG A 399 32.28 -37.38 25.62
N TYR A 400 32.70 -36.68 24.58
CA TYR A 400 34.07 -36.21 24.46
C TYR A 400 34.35 -35.06 25.44
N ILE A 401 33.40 -34.14 25.55
CA ILE A 401 33.54 -32.99 26.43
C ILE A 401 33.59 -33.45 27.89
N ASP A 402 32.71 -34.39 28.23
CA ASP A 402 32.62 -34.87 29.60
C ASP A 402 33.84 -35.72 30.00
N SER A 403 34.59 -36.16 29.00
CA SER A 403 35.76 -37.01 29.26
C SER A 403 37.07 -36.27 29.00
N VAL A 404 36.98 -34.97 28.75
CA VAL A 404 38.17 -34.16 28.50
C VAL A 404 38.17 -32.92 29.38
N SER A 405 37.00 -32.31 29.54
CA SER A 405 36.88 -31.09 30.35
C SER A 405 36.68 -31.41 31.82
N PHE A 406 37.72 -31.23 32.61
CA PHE A 406 37.66 -31.46 34.05
C PHE A 406 38.39 -30.37 34.81
N LYS A 407 39.48 -29.89 34.24
CA LYS A 407 40.27 -28.82 34.84
C LYS A 407 40.35 -27.62 33.91
N GLU A 408 40.61 -26.45 34.49
CA GLU A 408 40.72 -25.19 33.75
C GLU A 408 39.46 -24.91 32.94
N ALA A 413 43.52 -29.14 26.72
CA ALA A 413 42.68 -30.15 26.08
C ALA A 413 43.48 -30.98 25.08
N SER A 414 42.92 -32.13 24.70
CA SER A 414 43.59 -33.02 23.76
C SER A 414 42.59 -33.96 23.08
N PRO A 415 42.70 -34.11 21.76
CA PRO A 415 41.84 -35.00 20.98
C PRO A 415 42.42 -36.41 20.85
N GLU A 416 41.77 -37.39 21.47
CA GLU A 416 42.25 -38.76 21.44
C GLU A 416 41.53 -39.59 20.38
N PHE A 417 41.93 -40.86 20.28
CA PHE A 417 41.35 -41.77 19.28
C PHE A 417 40.50 -42.85 19.93
N ARG A 418 41.15 -43.77 20.62
CA ARG A 418 40.46 -44.92 21.22
C ARG A 418 39.81 -44.57 22.56
N GLU A 419 39.91 -43.31 22.96
CA GLU A 419 39.32 -42.86 24.21
C GLU A 419 37.87 -42.41 23.99
N LEU A 420 37.56 -42.01 22.77
CA LEU A 420 36.22 -41.54 22.43
C LEU A 420 35.68 -42.24 21.19
N ALA A 421 36.22 -43.44 20.92
CA ALA A 421 35.78 -44.22 19.76
C ALA A 421 34.40 -44.82 20.00
N GLN A 422 34.29 -45.60 21.09
CA GLN A 422 33.03 -46.20 21.51
C GLN A 422 32.42 -47.12 20.44
N GLY A 423 31.18 -46.85 20.07
CA GLY A 423 30.43 -47.73 19.21
C GLY A 423 30.55 -47.53 17.72
N ASP A 424 30.68 -46.28 17.29
CA ASP A 424 30.76 -45.96 15.86
C ASP A 424 32.01 -46.55 15.21
N PRO A 425 31.80 -47.37 14.17
CA PRO A 425 32.88 -48.07 13.45
C PRO A 425 33.86 -47.11 12.77
N SER A 426 33.43 -45.89 12.50
CA SER A 426 34.26 -44.90 11.83
C SER A 426 35.53 -44.59 12.61
N TRP A 427 35.37 -44.35 13.90
CA TRP A 427 36.50 -44.02 14.77
C TRP A 427 37.48 -45.20 14.88
N GLU A 428 36.95 -46.38 15.13
CA GLU A 428 37.76 -47.57 15.30
C GLU A 428 38.51 -47.93 14.01
N LEU A 429 37.86 -47.70 12.88
CA LEU A 429 38.48 -47.99 11.58
C LEU A 429 39.58 -46.97 11.28
N ALA A 430 39.26 -45.69 11.47
CA ALA A 430 40.20 -44.62 11.16
C ALA A 430 41.41 -44.63 12.10
N SER A 431 41.21 -45.14 13.31
CA SER A 431 42.28 -45.18 14.29
C SER A 431 43.41 -46.12 13.88
N LEU A 432 43.05 -47.31 13.42
CA LEU A 432 44.04 -48.29 13.00
C LEU A 432 44.34 -48.18 11.51
N LEU A 433 43.77 -47.17 10.87
CA LEU A 433 43.95 -46.98 9.43
C LEU A 433 45.28 -46.31 9.12
N PHE A 434 45.80 -45.55 10.08
CA PHE A 434 47.08 -44.87 9.91
C PHE A 434 48.22 -45.88 9.89
N ASP A 435 48.18 -46.83 10.81
CA ASP A 435 49.14 -47.91 10.82
C ASP A 435 48.88 -48.84 9.64
N ASP A 436 49.93 -49.14 8.88
CA ASP A 436 49.79 -49.96 7.67
C ASP A 436 49.34 -51.37 8.03
N ASN A 437 48.04 -51.53 8.23
CA ASN A 437 47.42 -52.81 8.57
C ASN A 437 48.06 -53.43 9.81
N GLY A 438 48.42 -52.58 10.77
CA GLY A 438 49.05 -53.03 11.99
C GLY A 438 48.11 -53.70 12.97
N TYR A 439 46.95 -53.07 13.19
CA TYR A 439 45.97 -53.59 14.15
C TYR A 439 44.91 -54.43 13.47
N GLY A 440 45.33 -55.32 12.56
CA GLY A 440 44.42 -56.23 11.89
C GLY A 440 43.42 -55.58 10.97
N LEU A 441 43.93 -54.87 9.96
CA LEU A 441 43.07 -54.27 8.93
C LEU A 441 42.25 -55.28 8.14
N PRO A 442 42.86 -56.41 7.71
CA PRO A 442 42.01 -57.36 6.98
C PRO A 442 41.07 -58.18 7.86
N ALA A 443 40.98 -57.81 9.15
CA ALA A 443 40.10 -58.52 10.07
C ALA A 443 38.84 -57.71 10.37
N PHE A 444 38.98 -56.39 10.44
CA PHE A 444 37.85 -55.51 10.72
C PHE A 444 36.88 -55.51 9.55
N TRP A 445 37.40 -55.33 8.34
CA TRP A 445 36.58 -55.38 7.14
C TRP A 445 36.04 -56.80 6.96
N ARG A 446 36.81 -57.77 7.42
CA ARG A 446 36.35 -59.16 7.42
C ARG A 446 35.09 -59.31 8.26
N GLN A 447 35.09 -58.63 9.40
CA GLN A 447 33.92 -58.62 10.28
C GLN A 447 32.78 -57.82 9.65
N LEU A 448 33.14 -56.81 8.88
CA LEU A 448 32.15 -55.96 8.21
C LEU A 448 31.38 -56.75 7.16
N VAL A 449 32.09 -57.53 6.36
CA VAL A 449 31.46 -58.35 5.33
C VAL A 449 30.87 -59.60 5.97
N SER A 450 31.34 -59.93 7.17
CA SER A 450 30.76 -61.03 7.94
C SER A 450 29.36 -60.68 8.41
N GLU A 451 29.08 -59.37 8.43
CA GLU A 451 27.76 -58.89 8.82
C GLU A 451 26.99 -58.34 7.61
N ALA A 452 27.65 -58.33 6.46
CA ALA A 452 27.06 -57.77 5.25
C ALA A 452 26.70 -58.86 4.23
N THR A 453 27.59 -59.83 4.07
CA THR A 453 27.40 -60.87 3.06
C THR A 453 26.30 -61.86 3.43
N ASP A 454 25.83 -61.77 4.67
CA ASP A 454 24.78 -62.67 5.16
C ASP A 454 23.48 -62.49 4.39
N ARG A 455 23.28 -61.30 3.85
CA ARG A 455 22.08 -61.00 3.07
C ARG A 455 22.30 -61.34 1.59
N ALA A 456 23.55 -61.46 1.19
CA ALA A 456 23.89 -61.77 -0.19
C ALA A 456 23.93 -63.28 -0.43
N LEU A 457 24.12 -64.04 0.64
CA LEU A 457 24.16 -65.49 0.54
C LEU A 457 22.75 -66.09 0.55
N ALA A 458 21.76 -65.23 0.80
CA ALA A 458 20.37 -65.67 0.81
C ALA A 458 19.81 -65.70 -0.61
N GLN A 459 18.90 -66.64 -0.86
CA GLN A 459 18.27 -66.82 -2.16
C GLN A 459 19.30 -67.01 -3.27
N GLU A 460 20.40 -67.67 -2.94
CA GLU A 460 21.46 -67.94 -3.91
C GLU A 460 21.75 -69.44 -4.00
N PRO A 461 21.27 -70.09 -5.06
CA PRO A 461 21.43 -71.52 -5.27
C PRO A 461 22.69 -71.86 -6.08
N GLU A 464 28.42 -73.21 -5.77
CA GLU A 464 27.53 -72.62 -6.76
C GLU A 464 27.82 -71.13 -6.95
N GLU A 465 26.76 -70.34 -7.04
CA GLU A 465 26.91 -68.88 -7.16
C GLU A 465 27.19 -68.29 -5.79
N LYS A 466 26.66 -68.93 -4.75
CA LYS A 466 26.90 -68.51 -3.37
C LYS A 466 28.37 -68.70 -3.00
N ALA A 467 29.05 -69.57 -3.75
CA ALA A 467 30.48 -69.77 -3.57
C ALA A 467 31.25 -68.51 -3.94
N ILE A 468 30.89 -67.94 -5.08
CA ILE A 468 31.52 -66.72 -5.56
C ILE A 468 31.08 -65.54 -4.69
N ILE A 469 29.81 -65.56 -4.30
CA ILE A 469 29.25 -64.50 -3.45
C ILE A 469 29.94 -64.49 -2.10
N CYS A 470 30.38 -65.66 -1.65
CA CYS A 470 31.10 -65.77 -0.38
C CYS A 470 32.59 -65.51 -0.58
N LEU A 471 33.07 -65.72 -1.80
CA LEU A 471 34.45 -65.42 -2.15
C LEU A 471 34.64 -63.91 -2.18
N ALA A 472 33.60 -63.20 -2.57
CA ALA A 472 33.60 -61.75 -2.49
C ALA A 472 33.68 -61.32 -1.03
N GLY A 473 33.14 -62.17 -0.16
CA GLY A 473 33.29 -61.99 1.28
C GLY A 473 34.70 -62.34 1.70
N ASN A 474 35.06 -61.99 2.93
CA ASN A 474 36.42 -62.22 3.43
C ASN A 474 36.76 -63.70 3.51
N ARG A 475 35.89 -64.48 4.15
CA ARG A 475 36.13 -65.90 4.33
C ARG A 475 36.09 -66.65 3.01
N VAL A 476 37.04 -67.56 2.82
CA VAL A 476 37.09 -68.38 1.62
C VAL A 476 36.80 -69.83 1.95
N ALA A 477 36.54 -70.09 3.23
CA ALA A 477 36.26 -71.45 3.69
C ALA A 477 34.93 -71.96 3.14
N ASP A 478 33.88 -71.18 3.32
CA ASP A 478 32.56 -71.55 2.82
C ASP A 478 32.53 -71.53 1.29
N ALA A 479 33.34 -70.66 0.70
CA ALA A 479 33.46 -70.58 -0.75
C ALA A 479 34.10 -71.86 -1.29
N CYS A 480 35.21 -72.26 -0.65
CA CYS A 480 35.89 -73.50 -1.01
C CYS A 480 35.01 -74.71 -0.76
N GLY A 481 34.13 -74.60 0.23
CA GLY A 481 33.20 -75.67 0.54
C GLY A 481 32.11 -75.83 -0.50
N TYR A 482 31.54 -74.71 -0.92
CA TYR A 482 30.51 -74.72 -1.96
C TYR A 482 31.11 -75.11 -3.31
N LEU A 483 32.39 -74.78 -3.50
CA LEU A 483 33.09 -75.16 -4.72
C LEU A 483 33.60 -76.60 -4.59
N LEU A 484 33.52 -77.14 -3.38
CA LEU A 484 33.85 -78.54 -3.14
C LEU A 484 32.60 -79.38 -3.38
N ALA A 485 31.44 -78.78 -3.17
CA ALA A 485 30.17 -79.43 -3.44
C ALA A 485 30.02 -79.70 -4.93
N ALA A 486 30.07 -78.64 -5.74
CA ALA A 486 30.01 -78.76 -7.19
C ALA A 486 31.11 -77.92 -7.83
N GLY A 487 31.26 -78.06 -9.15
CA GLY A 487 32.29 -77.35 -9.87
C GLY A 487 33.54 -78.19 -10.06
N ASN A 488 33.53 -79.38 -9.47
CA ASN A 488 34.61 -80.35 -9.60
C ASN A 488 35.96 -79.82 -9.11
N PHE A 489 36.96 -79.85 -10.00
CA PHE A 489 38.33 -79.54 -9.63
C PHE A 489 38.61 -78.04 -9.51
N ARG A 490 37.59 -77.23 -9.72
CA ARG A 490 37.72 -75.77 -9.61
C ARG A 490 38.26 -75.39 -8.23
N LEU A 491 37.85 -76.15 -7.22
CA LEU A 491 38.32 -75.97 -5.86
C LEU A 491 39.84 -75.94 -5.78
N ALA A 492 40.49 -76.81 -6.54
CA ALA A 492 41.95 -76.92 -6.53
C ALA A 492 42.61 -75.59 -6.89
N THR A 493 41.89 -74.74 -7.61
CA THR A 493 42.38 -73.41 -7.93
C THR A 493 42.06 -72.44 -6.81
N LEU A 494 40.83 -72.51 -6.31
CA LEU A 494 40.36 -71.57 -5.29
C LEU A 494 41.18 -71.65 -4.02
N VAL A 495 41.44 -72.87 -3.55
CA VAL A 495 42.23 -73.08 -2.36
C VAL A 495 43.69 -72.67 -2.63
N SER A 496 44.06 -72.64 -3.90
CA SER A 496 45.39 -72.20 -4.29
C SER A 496 45.44 -70.68 -4.41
N GLY A 497 44.27 -70.06 -4.37
CA GLY A 497 44.17 -68.61 -4.45
C GLY A 497 44.04 -67.96 -3.09
N ILE A 498 43.66 -68.76 -2.09
CA ILE A 498 43.51 -68.26 -0.73
C ILE A 498 44.83 -68.42 0.03
N GLY A 499 45.75 -69.19 -0.54
CA GLY A 499 47.05 -69.41 0.07
C GLY A 499 48.09 -68.40 -0.37
N MET A 500 48.05 -68.04 -1.64
CA MET A 500 48.99 -67.07 -2.19
C MET A 500 48.47 -65.65 -2.03
N PHE A 521 33.88 -70.20 -20.99
CA PHE A 521 32.60 -70.78 -21.34
C PHE A 521 31.61 -70.69 -20.18
N SER A 522 31.97 -69.91 -19.17
CA SER A 522 31.12 -69.74 -17.99
C SER A 522 31.50 -68.48 -17.21
N GLN A 523 30.49 -67.81 -16.68
CA GLN A 523 30.70 -66.62 -15.85
C GLN A 523 31.36 -66.95 -14.49
N PRO A 524 30.94 -68.04 -13.82
CA PRO A 524 31.66 -68.38 -12.58
C PRO A 524 33.16 -68.63 -12.78
N VAL A 525 33.48 -69.40 -13.81
CA VAL A 525 34.88 -69.73 -14.10
C VAL A 525 35.66 -68.47 -14.45
N ARG A 526 35.03 -67.59 -15.22
CA ARG A 526 35.66 -66.34 -15.63
C ARG A 526 35.93 -65.43 -14.43
N ALA A 527 34.96 -65.32 -13.54
CA ALA A 527 35.10 -64.48 -12.35
C ALA A 527 36.14 -65.03 -11.39
N ILE A 528 36.12 -66.35 -11.21
CA ILE A 528 37.06 -67.01 -10.32
C ILE A 528 38.48 -66.90 -10.86
N TYR A 529 38.63 -67.04 -12.17
CA TYR A 529 39.94 -66.94 -12.81
C TYR A 529 40.47 -65.51 -12.76
N GLU A 530 39.57 -64.54 -12.97
CA GLU A 530 39.93 -63.14 -12.93
C GLU A 530 40.33 -62.72 -11.52
N LEU A 531 39.66 -63.30 -10.52
CA LEU A 531 39.96 -63.01 -9.13
C LEU A 531 41.20 -63.78 -8.66
N LEU A 532 41.55 -64.83 -9.40
CA LEU A 532 42.71 -65.65 -9.06
C LEU A 532 44.01 -64.90 -9.36
N ALA A 533 43.95 -63.98 -10.31
CA ALA A 533 45.11 -63.20 -10.72
C ALA A 533 45.05 -61.79 -10.13
N ARG A 559 39.42 -57.16 -12.98
CA ARG A 559 38.12 -56.50 -13.01
C ARG A 559 37.28 -56.90 -11.79
N PHE A 560 36.15 -56.23 -11.62
CA PHE A 560 35.26 -56.50 -10.49
C PHE A 560 34.10 -57.39 -10.90
N GLY A 561 33.59 -57.17 -12.11
CA GLY A 561 32.46 -57.93 -12.61
C GLY A 561 31.12 -57.34 -12.22
N LEU A 562 30.90 -57.23 -10.91
CA LEU A 562 29.67 -56.64 -10.39
C LEU A 562 29.97 -55.49 -9.44
N ASP A 563 28.95 -54.95 -8.80
CA ASP A 563 29.11 -53.81 -7.90
C ASP A 563 28.52 -54.08 -6.52
N TRP A 564 29.23 -53.64 -5.49
CA TRP A 564 28.77 -53.79 -4.11
C TRP A 564 29.54 -52.85 -3.19
N MET A 565 29.16 -52.82 -1.92
CA MET A 565 29.84 -52.01 -0.94
C MET A 565 31.12 -52.70 -0.48
N ARG A 566 31.22 -53.99 -0.77
CA ARG A 566 32.37 -54.80 -0.40
C ARG A 566 33.37 -54.88 -1.54
N SER A 567 33.11 -54.11 -2.60
CA SER A 567 33.92 -54.15 -3.82
C SER A 567 35.37 -53.78 -3.55
N PHE A 568 35.58 -52.67 -2.85
CA PHE A 568 36.93 -52.20 -2.54
C PHE A 568 37.68 -53.21 -1.68
N GLY A 569 36.99 -53.81 -0.72
CA GLY A 569 37.58 -54.82 0.13
C GLY A 569 37.95 -56.07 -0.66
N LEU A 570 37.07 -56.43 -1.60
CA LEU A 570 37.32 -57.57 -2.47
C LEU A 570 38.55 -57.34 -3.33
N ARG A 571 38.67 -56.13 -3.85
CA ARG A 571 39.85 -55.77 -4.65
C ARG A 571 41.09 -55.69 -3.76
N LEU A 572 40.89 -55.42 -2.48
CA LEU A 572 41.99 -55.27 -1.54
C LEU A 572 42.52 -56.65 -1.11
N PHE A 573 41.64 -57.65 -1.12
CA PHE A 573 42.01 -58.98 -0.69
C PHE A 573 42.66 -59.82 -1.79
N TYR A 574 42.47 -59.41 -3.04
CA TYR A 574 42.96 -60.22 -4.17
C TYR A 574 43.80 -59.41 -5.15
N THR A 575 44.35 -58.29 -4.70
CA THR A 575 45.34 -57.54 -5.46
C THR A 575 46.57 -57.34 -4.61
N THR A 576 46.42 -57.60 -3.32
CA THR A 576 47.53 -57.56 -2.38
C THR A 576 47.98 -58.97 -2.05
N GLY A 577 48.74 -59.13 -0.97
CA GLY A 577 49.23 -60.44 -0.59
C GLY A 577 50.53 -60.81 -1.27
N ALA A 578 50.64 -60.45 -2.54
CA ALA A 578 51.86 -60.69 -3.31
C ALA A 578 52.97 -59.76 -2.83
N THR A 579 52.58 -58.65 -2.22
CA THR A 579 53.53 -57.69 -1.68
C THR A 579 53.03 -57.15 -0.33
N ALA A 580 51.80 -57.52 0.01
CA ALA A 580 51.15 -57.10 1.26
C ALA A 580 51.14 -55.59 1.41
N ASN A 581 50.64 -54.90 0.38
CA ASN A 581 50.58 -53.44 0.41
C ASN A 581 49.12 -52.97 0.47
N VAL A 582 48.91 -51.86 1.17
CA VAL A 582 47.57 -51.30 1.32
C VAL A 582 47.44 -50.04 0.46
N ALA A 583 48.48 -49.22 0.47
CA ALA A 583 48.48 -47.97 -0.29
C ALA A 583 48.38 -48.24 -1.79
N GLU A 584 48.99 -49.33 -2.23
CA GLU A 584 48.94 -49.72 -3.63
C GLU A 584 47.53 -50.09 -4.06
N ALA A 585 46.82 -50.79 -3.17
CA ALA A 585 45.45 -51.20 -3.44
C ALA A 585 44.52 -49.99 -3.49
N VAL A 586 44.72 -49.05 -2.56
CA VAL A 586 43.91 -47.85 -2.48
C VAL A 586 44.15 -46.97 -3.71
N ARG A 587 45.41 -46.85 -4.11
CA ARG A 587 45.78 -46.03 -5.26
C ARG A 587 45.25 -46.64 -6.56
N SER A 588 45.43 -47.95 -6.71
CA SER A 588 44.95 -48.66 -7.90
C SER A 588 43.43 -48.58 -7.98
N PHE A 589 42.78 -48.66 -6.83
CA PHE A 589 41.33 -48.51 -6.78
C PHE A 589 40.94 -47.10 -7.16
N GLN A 590 41.74 -46.13 -6.75
CA GLN A 590 41.47 -44.72 -7.07
C GLN A 590 41.57 -44.47 -8.57
N ALA A 591 42.58 -45.07 -9.21
CA ALA A 591 42.74 -44.95 -10.65
C ALA A 591 41.61 -45.66 -11.38
N ASP A 592 41.24 -46.84 -10.87
CA ASP A 592 40.19 -47.63 -11.47
C ASP A 592 38.86 -46.90 -11.44
N ILE A 593 38.53 -46.30 -10.29
CA ILE A 593 37.29 -45.55 -10.16
C ILE A 593 37.41 -44.22 -10.89
N GLU A 594 38.64 -43.79 -11.15
CA GLU A 594 38.87 -42.63 -11.99
C GLU A 594 38.61 -42.99 -13.44
N GLN A 595 38.63 -44.29 -13.73
CA GLN A 595 38.33 -44.79 -15.07
C GLN A 595 37.06 -45.65 -15.10
N ASP A 596 36.20 -45.48 -14.10
CA ASP A 596 34.96 -46.24 -14.02
C ASP A 596 33.76 -45.35 -13.71
N LYS A 597 32.62 -45.98 -13.45
CA LYS A 597 31.38 -45.25 -13.19
C LYS A 597 30.67 -45.73 -11.93
N GLU A 598 29.97 -44.80 -11.27
CA GLU A 598 29.27 -45.06 -10.01
C GLU A 598 30.09 -45.83 -8.97
N PRO A 599 31.22 -45.27 -8.52
CA PRO A 599 32.02 -45.98 -7.52
C PRO A 599 32.17 -45.25 -6.19
N GLU A 600 31.73 -45.89 -5.10
CA GLU A 600 31.88 -45.34 -3.75
C GLU A 600 31.29 -43.93 -3.63
N PRO A 601 29.96 -43.80 -3.75
CA PRO A 601 29.34 -42.46 -3.70
C PRO A 601 28.88 -42.06 -2.30
N ASP A 602 29.29 -40.87 -1.87
CA ASP A 602 28.88 -40.29 -0.59
C ASP A 602 29.13 -41.25 0.58
N SER A 603 30.39 -41.35 0.99
CA SER A 603 30.76 -42.23 2.09
C SER A 603 31.84 -41.61 2.96
N ALA A 604 31.84 -41.95 4.25
CA ALA A 604 32.85 -41.47 5.18
C ALA A 604 34.11 -42.31 5.06
N LEU A 605 33.92 -43.62 4.86
CA LEU A 605 35.02 -44.54 4.66
C LEU A 605 35.82 -44.16 3.41
N TRP A 606 35.14 -43.51 2.47
CA TRP A 606 35.79 -42.99 1.27
C TRP A 606 36.95 -42.06 1.63
N SER A 607 36.61 -40.94 2.27
CA SER A 607 37.61 -39.97 2.72
C SER A 607 38.59 -40.62 3.69
N LEU A 608 38.08 -41.52 4.52
CA LEU A 608 38.91 -42.23 5.50
C LEU A 608 40.08 -42.96 4.85
N LEU A 609 39.78 -43.90 3.95
CA LEU A 609 40.83 -44.71 3.34
C LEU A 609 41.59 -43.94 2.25
N LYS A 610 40.94 -42.92 1.69
CA LYS A 610 41.60 -42.06 0.71
C LYS A 610 42.61 -41.13 1.39
N ALA A 611 42.46 -40.96 2.70
CA ALA A 611 43.34 -40.07 3.45
C ALA A 611 44.73 -40.69 3.65
N PHE A 612 44.82 -42.01 3.49
CA PHE A 612 46.10 -42.70 3.68
C PHE A 612 47.10 -42.28 2.62
N ALA A 613 46.80 -42.58 1.36
CA ALA A 613 47.62 -42.14 0.24
C ALA A 613 47.32 -40.69 -0.08
N ASN A 614 48.36 -39.89 -0.25
CA ASN A 614 48.24 -38.45 -0.44
C ASN A 614 47.45 -37.82 0.70
N GLN A 615 48.08 -37.72 1.86
CA GLN A 615 47.42 -37.23 3.07
C GLN A 615 47.05 -35.75 2.95
N GLU A 616 45.87 -35.48 2.39
CA GLU A 616 45.39 -34.11 2.26
C GLU A 616 43.87 -34.06 2.51
N PHE A 617 43.23 -33.01 1.99
CA PHE A 617 41.80 -32.84 2.17
C PHE A 617 41.05 -33.08 0.86
N ASP A 618 39.87 -33.69 0.95
CA ASP A 618 39.07 -33.99 -0.23
C ASP A 618 37.66 -33.41 -0.11
N TRP A 619 36.83 -34.04 0.73
CA TRP A 619 35.46 -33.59 0.92
C TRP A 619 35.05 -33.64 2.38
N SER A 620 33.78 -33.36 2.65
CA SER A 620 33.26 -33.36 4.02
C SER A 620 32.87 -34.77 4.45
N ASP A 621 33.20 -35.10 5.70
CA ASP A 621 32.88 -36.41 6.25
C ASP A 621 32.79 -36.36 7.77
N GLY A 625 31.89 -35.37 12.01
CA GLY A 625 32.54 -34.68 13.10
C GLY A 625 33.90 -34.13 12.74
N TRP A 626 34.31 -33.07 13.43
CA TRP A 626 35.60 -32.44 13.19
C TRP A 626 36.64 -32.91 14.19
N LEU A 627 36.23 -33.81 15.08
CA LEU A 627 37.12 -34.35 16.10
C LEU A 627 38.20 -35.22 15.46
N LEU A 628 37.79 -36.11 14.57
CA LEU A 628 38.72 -36.98 13.87
C LEU A 628 39.59 -36.19 12.89
N THR A 629 39.11 -35.02 12.50
CA THR A 629 39.88 -34.13 11.62
C THR A 629 41.06 -33.53 12.38
N LYS A 630 40.78 -33.02 13.57
CA LYS A 630 41.83 -32.47 14.43
C LYS A 630 42.76 -33.58 14.90
N ALA A 631 42.20 -34.78 15.10
CA ALA A 631 42.97 -35.94 15.47
C ALA A 631 43.92 -36.34 14.34
N ILE A 632 43.45 -36.15 13.10
CA ILE A 632 44.27 -36.44 11.93
C ILE A 632 45.29 -35.33 11.73
N TYR A 633 45.00 -34.16 12.28
CA TYR A 633 45.91 -33.02 12.20
C TYR A 633 47.04 -33.16 13.22
N ALA A 634 46.74 -33.81 14.34
CA ALA A 634 47.71 -33.94 15.43
C ALA A 634 48.84 -34.89 15.06
N THR A 635 48.49 -36.06 14.52
CA THR A 635 49.47 -37.08 14.17
C THR A 635 50.02 -36.87 12.77
N GLY A 636 49.37 -37.49 11.78
CA GLY A 636 49.81 -37.40 10.41
C GLY A 636 49.28 -36.17 9.69
N LYS A 637 48.39 -36.38 8.73
CA LYS A 637 47.81 -35.29 7.96
C LYS A 637 46.45 -35.69 7.37
N GLY A 641 47.61 -31.89 5.63
CA GLY A 641 46.87 -30.73 5.18
C GLY A 641 47.55 -29.44 5.57
N GLN A 642 48.85 -29.38 5.28
CA GLN A 642 49.72 -28.30 5.76
C GLN A 642 49.21 -26.91 5.36
N ASP A 643 49.77 -25.90 6.03
CA ASP A 643 49.44 -24.48 5.83
C ASP A 643 48.07 -24.09 6.39
N ALA A 644 46.99 -24.65 5.84
CA ALA A 644 45.65 -24.16 6.11
C ALA A 644 45.19 -24.35 7.56
N ALA A 645 45.96 -23.82 8.51
CA ALA A 645 45.56 -23.87 9.91
C ALA A 645 44.42 -22.90 10.18
N GLU A 646 44.48 -21.73 9.55
CA GLU A 646 43.45 -20.70 9.73
C GLU A 646 42.16 -21.11 9.05
N LYS A 647 42.29 -22.00 8.07
CA LYS A 647 41.15 -22.60 7.39
C LYS A 647 40.55 -23.69 8.25
N LEU A 648 41.37 -24.28 9.09
CA LEU A 648 40.90 -25.23 10.09
C LEU A 648 40.14 -24.44 11.14
N ASP A 649 40.62 -23.23 11.39
CA ASP A 649 39.95 -22.33 12.30
C ASP A 649 38.58 -21.97 11.73
N LYS A 650 38.54 -21.71 10.42
CA LYS A 650 37.28 -21.34 9.79
C LYS A 650 36.32 -22.53 9.65
N ALA A 651 36.86 -23.74 9.52
CA ALA A 651 36.04 -24.94 9.45
C ALA A 651 35.48 -25.28 10.83
N SER A 652 36.26 -24.99 11.87
CA SER A 652 35.82 -25.23 13.23
C SER A 652 34.80 -24.19 13.64
N LEU A 653 34.92 -22.99 13.09
CA LEU A 653 33.94 -21.93 13.29
C LEU A 653 32.65 -22.26 12.56
N ALA A 654 32.79 -22.81 11.36
CA ALA A 654 31.64 -23.20 10.55
C ALA A 654 30.88 -24.34 11.22
N TYR A 655 31.60 -25.32 11.75
CA TYR A 655 30.98 -26.42 12.46
C TYR A 655 30.42 -25.95 13.80
N ALA A 656 31.04 -24.90 14.36
CA ALA A 656 30.56 -24.31 15.60
C ALA A 656 29.19 -23.67 15.40
N SER A 657 29.07 -22.87 14.35
CA SER A 657 27.81 -22.22 14.03
C SER A 657 26.79 -23.23 13.54
N ALA A 658 27.27 -24.32 12.95
CA ALA A 658 26.41 -25.40 12.50
C ALA A 658 25.78 -26.11 13.69
N LEU A 659 26.58 -26.35 14.72
CA LEU A 659 26.10 -26.97 15.95
C LEU A 659 25.25 -25.98 16.75
N THR A 660 25.51 -24.68 16.54
CA THR A 660 24.78 -23.63 17.22
C THR A 660 23.39 -23.46 16.63
N ALA A 661 23.24 -23.82 15.36
CA ALA A 661 21.97 -23.71 14.67
C ALA A 661 21.11 -24.95 14.87
N GLN A 662 21.68 -25.96 15.52
CA GLN A 662 20.97 -27.20 15.77
C GLN A 662 20.31 -27.18 17.15
N SER A 663 19.74 -26.04 17.50
CA SER A 663 19.04 -25.84 18.77
C SER A 663 19.90 -26.24 19.98
N GLN A 664 21.17 -25.86 19.94
CA GLN A 664 22.10 -26.17 21.03
C GLN A 664 23.02 -25.00 21.31
N TRP A 665 23.35 -24.79 22.57
CA TRP A 665 24.21 -23.67 22.96
C TRP A 665 25.48 -24.14 23.67
N VAL A 666 25.34 -25.12 24.56
CA VAL A 666 26.45 -25.61 25.36
C VAL A 666 27.54 -26.28 24.50
N PRO A 667 27.16 -27.23 23.62
CA PRO A 667 28.22 -27.78 22.76
C PRO A 667 28.78 -26.71 21.83
N ALA A 668 27.90 -25.83 21.37
CA ALA A 668 28.31 -24.69 20.55
C ALA A 668 29.26 -23.80 21.32
N THR A 669 28.99 -23.63 22.61
CA THR A 669 29.85 -22.83 23.48
C THR A 669 31.22 -23.47 23.63
N PHE A 670 31.24 -24.80 23.66
CA PHE A 670 32.51 -25.52 23.79
C PHE A 670 33.35 -25.43 22.51
N VAL A 671 32.72 -25.72 21.38
CA VAL A 671 33.44 -25.73 20.11
C VAL A 671 33.86 -24.31 19.71
N LEU A 672 33.07 -23.31 20.12
CA LEU A 672 33.44 -21.92 19.88
C LEU A 672 34.61 -21.51 20.76
N LEU A 673 34.78 -22.22 21.87
CA LEU A 673 35.88 -21.95 22.79
C LEU A 673 37.14 -22.67 22.36
N GLN A 674 37.05 -23.38 21.23
CA GLN A 674 38.19 -24.12 20.70
C GLN A 674 38.71 -23.49 19.42
N LEU A 675 38.99 -22.19 19.48
CA LEU A 675 39.54 -21.46 18.33
C LEU A 675 41.04 -21.23 18.51
N SER A 676 41.67 -20.67 17.49
CA SER A 676 43.10 -20.41 17.52
C SER A 676 43.41 -19.07 18.19
N ASP A 677 42.80 -18.00 17.68
CA ASP A 677 43.02 -16.67 18.21
C ASP A 677 42.35 -16.51 19.58
N ALA A 678 42.87 -15.58 20.38
CA ALA A 678 42.34 -15.34 21.71
C ALA A 678 41.18 -14.35 21.67
N ALA A 679 41.36 -13.25 20.95
CA ALA A 679 40.33 -12.22 20.84
C ALA A 679 39.11 -12.76 20.10
N SER A 680 39.35 -13.55 19.06
CA SER A 680 38.28 -14.15 18.28
C SER A 680 37.42 -15.06 19.14
N ARG A 681 38.07 -15.98 19.84
CA ARG A 681 37.38 -16.92 20.72
C ARG A 681 36.63 -16.18 21.83
N GLU A 682 37.28 -15.18 22.42
CA GLU A 682 36.70 -14.43 23.51
C GLU A 682 35.43 -13.69 23.08
N ALA A 683 35.53 -12.96 21.97
CA ALA A 683 34.40 -12.19 21.46
C ALA A 683 33.26 -13.12 21.01
N ALA A 684 33.61 -14.15 20.26
CA ALA A 684 32.62 -15.10 19.75
C ALA A 684 31.86 -15.77 20.89
N VAL A 685 32.61 -16.29 21.85
CA VAL A 685 32.01 -16.95 23.01
C VAL A 685 31.16 -15.96 23.79
N ARG A 686 31.64 -14.72 23.90
CA ARG A 686 30.91 -13.68 24.62
C ARG A 686 29.53 -13.43 24.01
N ASP A 687 29.51 -13.08 22.72
CA ASP A 687 28.26 -12.76 22.03
C ASP A 687 27.34 -13.97 21.96
N HIS A 688 27.92 -15.14 21.69
CA HIS A 688 27.17 -16.38 21.61
C HIS A 688 26.52 -16.70 22.95
N LEU A 689 27.21 -16.41 24.04
CA LEU A 689 26.66 -16.58 25.38
C LEU A 689 25.61 -15.51 25.65
N GLY A 690 25.73 -14.39 24.96
CA GLY A 690 24.71 -13.36 25.01
C GLY A 690 23.39 -13.89 24.49
N ARG A 691 23.43 -14.41 23.27
CA ARG A 691 22.21 -14.92 22.64
C ARG A 691 21.78 -16.26 23.22
N HIS A 692 22.68 -16.93 23.93
CA HIS A 692 22.37 -18.20 24.57
C HIS A 692 21.64 -17.97 25.88
N ALA A 693 22.21 -17.11 26.72
CA ALA A 693 21.58 -16.73 27.98
C ALA A 693 20.32 -15.92 27.71
N ARG A 694 20.23 -15.37 26.51
CA ARG A 694 19.03 -14.66 26.07
C ARG A 694 17.83 -15.59 26.08
N ARG A 695 18.02 -16.80 25.56
CA ARG A 695 16.95 -17.78 25.50
C ARG A 695 16.68 -18.40 26.87
N PRO A 699 19.37 -20.76 31.37
CA PRO A 699 20.65 -20.25 31.85
C PRO A 699 20.56 -19.73 33.29
N ARG A 700 19.96 -20.53 34.17
CA ARG A 700 19.77 -20.12 35.55
C ARG A 700 20.94 -20.53 36.43
N ASN A 701 20.85 -20.21 37.71
CA ASN A 701 21.90 -20.52 38.69
C ASN A 701 22.08 -22.03 39.00
N PRO A 702 20.99 -22.81 39.07
CA PRO A 702 21.17 -24.25 39.31
C PRO A 702 22.14 -24.96 38.37
N ASN A 703 22.58 -26.15 38.77
CA ASN A 703 23.65 -26.87 38.08
C ASN A 703 23.26 -27.35 36.69
N SER A 704 22.00 -27.75 36.53
CA SER A 704 21.51 -28.38 35.30
C SER A 704 21.83 -27.60 34.02
N ALA A 705 22.03 -26.30 34.16
CA ALA A 705 22.39 -25.46 33.02
C ALA A 705 23.74 -24.78 33.24
N PHE A 706 23.88 -24.12 34.39
CA PHE A 706 25.06 -23.31 34.66
C PHE A 706 26.31 -24.16 34.90
N SER A 707 26.15 -25.32 35.54
CA SER A 707 27.29 -26.19 35.77
C SER A 707 27.67 -26.91 34.48
N SER A 708 26.72 -26.97 33.55
CA SER A 708 26.98 -27.52 32.22
C SER A 708 27.67 -26.47 31.36
N LEU A 709 27.44 -25.20 31.70
CA LEU A 709 28.08 -24.10 31.00
C LEU A 709 29.45 -23.78 31.59
N ARG A 710 29.69 -24.27 32.81
CA ARG A 710 30.94 -23.99 33.52
C ARG A 710 31.91 -25.17 33.43
N LYS A 711 31.37 -26.36 33.17
CA LYS A 711 32.20 -27.54 33.02
C LYS A 711 33.04 -27.46 31.75
N PHE A 712 32.58 -26.68 30.79
CA PHE A 712 33.30 -26.49 29.53
C PHE A 712 34.58 -25.69 29.75
N GLY A 713 34.60 -24.89 30.81
CA GLY A 713 35.76 -24.08 31.14
C GLY A 713 35.53 -22.58 30.98
N VAL A 714 34.27 -22.22 30.72
CA VAL A 714 33.91 -20.82 30.54
C VAL A 714 33.90 -20.10 31.88
N PRO A 715 34.59 -18.96 31.96
CA PRO A 715 34.63 -18.15 33.19
C PRO A 715 33.24 -17.65 33.59
N GLU A 716 33.05 -17.38 34.88
CA GLU A 716 31.76 -16.95 35.39
C GLU A 716 31.56 -15.44 35.23
N THR A 717 32.38 -14.83 34.38
CA THR A 717 32.29 -13.39 34.15
C THR A 717 31.43 -13.08 32.93
N TRP A 718 31.73 -13.73 31.81
CA TRP A 718 31.02 -13.46 30.57
C TRP A 718 29.58 -13.96 30.59
N ILE A 719 29.37 -15.11 31.21
CA ILE A 719 28.06 -15.75 31.25
C ILE A 719 27.02 -14.84 31.90
N TRP A 720 27.29 -14.45 33.14
CA TRP A 720 26.36 -13.61 33.90
C TRP A 720 26.23 -12.21 33.30
N GLU A 721 27.34 -11.68 32.78
CA GLU A 721 27.33 -10.35 32.18
C GLU A 721 26.43 -10.32 30.95
N ALA A 722 26.54 -11.36 30.13
CA ALA A 722 25.71 -11.48 28.94
C ALA A 722 24.25 -11.74 29.30
N LYS A 723 24.05 -12.57 30.33
CA LYS A 723 22.72 -12.87 30.83
C LYS A 723 22.01 -11.59 31.26
N ALA A 724 22.73 -10.76 32.01
CA ALA A 724 22.19 -9.49 32.47
C ALA A 724 22.04 -8.50 31.33
N LEU A 725 22.88 -8.66 30.31
CA LEU A 725 22.76 -7.85 29.10
C LEU A 725 21.40 -8.13 28.47
N ASP A 726 21.03 -9.41 28.42
CA ASP A 726 19.71 -9.79 27.94
C ASP A 726 18.62 -9.28 28.88
N PHE A 727 18.89 -9.37 30.18
CA PHE A 727 17.91 -9.00 31.20
C PHE A 727 17.62 -7.50 31.21
N ARG A 728 18.53 -6.72 30.62
CA ARG A 728 18.36 -5.27 30.56
C ARG A 728 17.17 -4.89 29.69
N ALA A 729 17.05 -5.54 28.52
CA ALA A 729 15.98 -5.26 27.59
C ALA A 729 14.66 -5.88 28.04
N ARG A 730 14.76 -6.84 28.96
CA ARG A 730 13.58 -7.52 29.48
C ARG A 730 12.95 -6.74 30.61
N SER A 733 13.82 -4.66 33.74
CA SER A 733 13.51 -4.89 35.14
C SER A 733 14.62 -4.38 36.05
N GLN A 734 14.27 -4.04 37.28
CA GLN A 734 15.23 -3.54 38.25
C GLN A 734 15.98 -4.68 38.92
N GLN A 735 15.29 -5.79 39.13
CA GLN A 735 15.89 -6.98 39.73
C GLN A 735 16.72 -7.73 38.69
N GLU A 736 16.64 -7.26 37.44
CA GLU A 736 17.39 -7.86 36.35
C GLU A 736 18.87 -7.52 36.44
N PHE A 737 19.16 -6.31 36.92
CA PHE A 737 20.54 -5.84 37.06
C PHE A 737 21.17 -6.35 38.35
N LEU A 738 20.33 -6.89 39.22
CA LEU A 738 20.82 -7.51 40.46
C LEU A 738 21.74 -8.67 40.11
N ALA A 739 21.38 -9.39 39.05
CA ALA A 739 22.19 -10.50 38.55
C ALA A 739 23.62 -10.05 38.31
N LEU A 740 23.81 -9.00 37.53
CA LEU A 740 25.15 -8.49 37.26
C LEU A 740 25.76 -7.88 38.53
N VAL A 741 24.91 -7.43 39.46
CA VAL A 741 25.38 -6.89 40.72
C VAL A 741 26.14 -7.95 41.51
N TRP A 742 25.54 -9.14 41.68
CA TRP A 742 26.24 -10.21 42.40
C TRP A 742 26.96 -11.15 41.44
N ALA A 743 27.13 -10.73 40.20
CA ALA A 743 27.87 -11.52 39.22
C ALA A 743 29.37 -11.31 39.36
N GLN A 744 29.75 -10.31 40.16
CA GLN A 744 31.14 -9.90 40.33
C GLN A 744 31.75 -9.49 38.99
N ASN A 745 30.90 -9.01 38.09
CA ASN A 745 31.34 -8.55 36.78
C ASN A 745 30.60 -7.27 36.40
N TYR A 746 30.22 -6.50 37.41
CA TYR A 746 29.46 -5.27 37.21
C TYR A 746 30.36 -4.05 37.12
N SER A 747 31.10 -3.80 38.21
CA SER A 747 31.98 -2.63 38.33
C SER A 747 31.20 -1.33 38.11
N GLU A 748 31.38 -0.74 36.93
CA GLU A 748 30.72 0.52 36.60
C GLU A 748 29.22 0.32 36.36
N ALA A 749 28.86 -0.88 35.90
CA ALA A 749 27.47 -1.21 35.63
C ALA A 749 26.64 -1.16 36.91
N ASN A 750 27.24 -1.59 38.01
CA ASN A 750 26.58 -1.54 39.31
C ASN A 750 26.37 -0.09 39.75
N GLN A 751 27.30 0.77 39.37
CA GLN A 751 27.20 2.19 39.68
C GLN A 751 26.12 2.85 38.83
N ALA A 752 25.95 2.35 37.61
CA ALA A 752 24.95 2.88 36.70
C ALA A 752 23.62 2.16 36.85
N PHE A 753 23.55 1.23 37.80
CA PHE A 753 22.32 0.49 38.08
C PHE A 753 21.34 1.35 38.84
N VAL A 754 21.85 2.42 39.46
CA VAL A 754 21.03 3.36 40.21
C VAL A 754 20.03 4.04 39.28
N HIS A 755 20.39 4.14 38.00
CA HIS A 755 19.49 4.65 36.97
C HIS A 755 18.23 3.80 36.88
N ARG A 756 18.37 2.51 37.19
CA ARG A 756 17.25 1.58 37.16
C ARG A 756 16.58 1.49 38.54
N VAL A 757 17.38 1.69 39.58
CA VAL A 757 16.87 1.67 40.95
C VAL A 757 15.92 2.86 41.15
N GLY A 758 16.19 3.94 40.43
CA GLY A 758 15.39 5.16 40.49
C GLY A 758 13.89 4.97 40.32
N PRO A 759 13.45 4.56 39.13
CA PRO A 759 12.02 4.36 38.86
C PRO A 759 11.45 3.09 39.51
N ASP A 760 12.19 2.49 40.42
CA ASP A 760 11.76 1.27 41.08
C ASP A 760 11.49 1.48 42.57
N LEU A 761 11.40 2.74 42.98
CA LEU A 761 11.12 3.07 44.38
C LEU A 761 9.62 3.02 44.65
N VAL A 762 8.84 2.92 43.58
CA VAL A 762 7.38 2.90 43.68
C VAL A 762 6.91 1.61 44.36
N ASP A 766 8.50 -1.54 49.73
CA ASP A 766 9.21 -0.87 48.64
C ASP A 766 10.40 -0.08 49.17
N PHE A 767 10.58 -0.09 50.50
CA PHE A 767 11.66 0.64 51.12
C PHE A 767 12.78 -0.28 51.57
N ARG A 768 12.41 -1.44 52.13
CA ARG A 768 13.37 -2.41 52.62
C ARG A 768 14.23 -2.97 51.48
N ARG A 769 13.59 -3.22 50.35
CA ARG A 769 14.29 -3.70 49.16
C ARG A 769 15.36 -2.71 48.72
N LEU A 770 14.95 -1.47 48.51
CA LEU A 770 15.86 -0.40 48.12
C LEU A 770 16.99 -0.26 49.12
N PHE A 771 16.66 -0.45 50.40
CA PHE A 771 17.65 -0.39 51.47
C PHE A 771 18.68 -1.50 51.32
N ARG A 772 18.21 -2.68 50.92
CA ARG A 772 19.10 -3.83 50.74
C ARG A 772 20.00 -3.66 49.51
N PHE A 773 19.44 -3.20 48.41
CA PHE A 773 20.21 -2.93 47.21
C PHE A 773 21.27 -1.86 47.49
N ALA A 774 20.86 -0.83 48.22
CA ALA A 774 21.77 0.25 48.60
C ALA A 774 22.84 -0.26 49.56
N GLN A 775 22.51 -1.30 50.32
CA GLN A 775 23.49 -1.95 51.18
C GLN A 775 24.52 -2.70 50.32
N LEU A 776 24.03 -3.32 49.26
CA LEU A 776 24.90 -4.02 48.32
C LEU A 776 25.86 -3.04 47.65
N LEU A 777 25.33 -1.87 47.28
CA LEU A 777 26.15 -0.83 46.68
C LEU A 777 27.09 -0.21 47.71
N PHE A 778 26.71 -0.29 48.98
CA PHE A 778 27.52 0.24 50.07
C PHE A 778 28.70 -0.67 50.35
N LYS A 779 28.48 -1.97 50.19
CA LYS A 779 29.53 -2.95 50.40
C LYS A 779 30.59 -2.85 49.31
N VAL A 780 30.17 -2.42 48.12
CA VAL A 780 31.08 -2.26 46.99
C VAL A 780 31.41 -0.78 46.82
N LYS A 781 32.49 -0.35 47.46
CA LYS A 781 32.91 1.05 47.39
C LYS A 781 33.98 1.24 46.32
N GLY A 782 34.02 0.32 45.37
CA GLY A 782 35.00 0.39 44.29
C GLY A 782 34.66 1.39 43.21
N LYS A 783 35.39 1.34 42.11
CA LYS A 783 35.17 2.25 40.99
C LYS A 783 33.86 1.94 40.27
N GLN A 785 34.04 6.54 37.28
CA GLN A 785 33.74 7.78 37.98
C GLN A 785 33.68 7.55 39.50
N ASP A 786 32.83 6.60 39.90
CA ASP A 786 32.67 6.23 41.30
C ASP A 786 32.28 7.41 42.19
N TRP A 787 31.17 8.06 41.83
CA TRP A 787 30.62 9.13 42.65
C TRP A 787 29.79 8.53 43.78
N ASP A 788 30.48 7.93 44.75
CA ASP A 788 29.83 7.19 45.83
C ASP A 788 28.99 8.11 46.72
N ARG A 789 29.44 9.34 46.89
CA ARG A 789 28.73 10.31 47.72
C ARG A 789 27.37 10.65 47.13
N GLY A 790 27.32 10.77 45.81
CA GLY A 790 26.07 11.07 45.12
C GLY A 790 25.23 9.84 44.85
N ALA A 791 25.84 8.67 45.01
CA ALA A 791 25.14 7.41 44.78
C ALA A 791 24.55 6.86 46.08
N ALA A 792 25.06 7.35 47.21
CA ALA A 792 24.60 6.92 48.52
C ALA A 792 23.30 7.62 48.90
N VAL A 793 22.84 8.53 48.05
CA VAL A 793 21.61 9.28 48.29
C VAL A 793 20.42 8.33 48.37
N TYR A 794 20.44 7.30 47.53
CA TYR A 794 19.39 6.29 47.52
C TYR A 794 19.30 5.58 48.87
N LEU A 795 20.44 5.46 49.54
CA LEU A 795 20.49 4.85 50.87
C LEU A 795 20.11 5.88 51.94
N LEU A 796 20.36 7.15 51.64
CA LEU A 796 20.10 8.22 52.60
C LEU A 796 18.65 8.70 52.55
N TYR A 797 17.89 8.21 51.57
CA TYR A 797 16.48 8.58 51.46
C TYR A 797 15.57 7.90 52.49
N PRO A 798 15.68 6.56 52.66
CA PRO A 798 14.80 5.97 53.67
C PRO A 798 15.15 6.41 55.10
N MET A 799 16.36 6.97 55.26
CA MET A 799 16.77 7.54 56.52
C MET A 799 15.88 8.72 56.89
N ALA A 800 15.74 9.65 55.95
CA ALA A 800 14.90 10.83 56.14
C ALA A 800 13.43 10.46 56.08
N ARG A 801 13.12 9.37 55.39
CA ARG A 801 11.74 8.90 55.28
C ARG A 801 11.26 8.31 56.60
N LEU A 802 12.17 7.65 57.32
CA LEU A 802 11.84 7.04 58.60
C LEU A 802 12.16 7.98 59.75
N GLN A 803 12.82 9.09 59.44
CA GLN A 803 13.18 10.07 60.46
C GLN A 803 11.94 10.79 60.99
N GLY A 804 11.11 11.29 60.08
CA GLY A 804 9.90 12.00 60.46
C GLY A 804 10.13 13.44 60.84
N GLN A 806 12.30 15.58 62.57
CA GLN A 806 11.60 16.69 63.19
C GLN A 806 12.19 17.00 64.57
N HIS A 807 13.32 16.39 64.87
CA HIS A 807 13.99 16.62 66.14
C HIS A 807 15.36 17.25 65.92
N GLY A 808 15.69 17.52 64.67
CA GLY A 808 16.97 18.09 64.30
C GLY A 808 17.57 17.45 63.06
N LEU A 809 18.36 18.22 62.33
CA LEU A 809 18.98 17.72 61.11
C LEU A 809 20.03 16.66 61.42
N ASP A 810 20.33 15.81 60.44
CA ASP A 810 21.22 14.69 60.64
C ASP A 810 22.69 15.07 60.50
N LYS A 811 22.93 16.34 60.14
CA LYS A 811 24.26 16.84 59.78
C LYS A 811 24.80 16.10 58.55
N PHE A 812 23.94 15.31 57.92
CA PHE A 812 24.24 14.61 56.69
C PHE A 812 23.00 14.67 55.82
N ASP A 813 21.94 15.25 56.38
CA ASP A 813 20.71 15.49 55.64
C ASP A 813 20.95 16.56 54.58
N HIS A 814 21.79 17.53 54.92
CA HIS A 814 22.19 18.56 53.97
C HIS A 814 23.11 17.96 52.92
N GLN A 815 23.77 16.85 53.28
CA GLN A 815 24.64 16.14 52.36
C GLN A 815 23.82 15.36 51.34
N LEU A 816 22.72 14.79 51.79
CA LEU A 816 21.84 14.06 50.88
C LEU A 816 20.97 15.03 50.10
N PHE A 817 20.83 16.25 50.62
CA PHE A 817 20.14 17.33 49.91
C PHE A 817 21.04 17.84 48.79
N ASP A 818 22.33 17.98 49.10
CA ASP A 818 23.31 18.42 48.12
C ASP A 818 23.50 17.34 47.06
N GLY A 819 23.42 16.08 47.48
CA GLY A 819 23.53 14.96 46.56
C GLY A 819 22.30 14.84 45.68
N LEU A 820 21.13 15.11 46.26
CA LEU A 820 19.89 15.07 45.51
C LEU A 820 19.84 16.21 44.51
N VAL A 821 20.40 17.36 44.90
CA VAL A 821 20.44 18.52 44.03
C VAL A 821 21.43 18.30 42.90
N ALA A 822 22.59 17.76 43.22
CA ALA A 822 23.61 17.46 42.23
C ALA A 822 23.12 16.40 41.25
N LEU A 823 22.35 15.44 41.75
CA LEU A 823 21.77 14.40 40.92
C LEU A 823 20.70 14.99 40.01
N ARG A 824 19.86 15.85 40.59
CA ARG A 824 18.78 16.50 39.85
C ARG A 824 19.34 17.41 38.77
N GLY A 825 20.53 17.93 38.98
CA GLY A 825 21.19 18.77 38.00
C GLY A 825 21.93 17.97 36.95
N GLN A 826 22.45 16.81 37.35
CA GLN A 826 23.20 15.95 36.45
C GLN A 826 22.27 15.06 35.62
N THR A 827 21.14 14.68 36.21
CA THR A 827 20.16 13.86 35.51
C THR A 827 19.58 14.65 34.33
N HIS A 828 19.81 14.14 33.13
CA HIS A 828 19.43 14.84 31.91
C HIS A 828 17.95 14.67 31.59
N GLY A 829 17.64 14.42 30.32
CA GLY A 829 16.26 14.33 29.86
C GLY A 829 15.54 13.06 30.25
N ASP A 830 15.78 12.59 31.47
CA ASP A 830 15.08 11.41 31.98
C ASP A 830 13.94 11.85 32.90
N ILE A 831 12.72 11.81 32.38
CA ILE A 831 11.55 12.25 33.11
C ILE A 831 11.29 11.34 34.31
N ARG A 832 11.60 10.06 34.15
CA ARG A 832 11.41 9.08 35.21
C ARG A 832 12.29 9.39 36.41
N GLN A 833 13.56 9.71 36.14
CA GLN A 833 14.51 10.02 37.20
C GLN A 833 14.14 11.31 37.92
N GLU A 834 13.80 12.34 37.14
CA GLU A 834 13.42 13.63 37.70
C GLU A 834 12.15 13.52 38.55
N ALA A 835 11.20 12.74 38.07
CA ALA A 835 9.95 12.52 38.80
C ALA A 835 10.19 11.71 40.06
N ALA A 836 11.14 10.78 39.98
CA ALA A 836 11.48 9.93 41.12
C ALA A 836 12.13 10.77 42.23
N ILE A 837 13.12 11.58 41.85
CA ILE A 837 13.81 12.41 42.83
C ILE A 837 12.88 13.49 43.35
N ALA A 838 11.93 13.92 42.53
CA ALA A 838 10.95 14.92 42.95
C ALA A 838 10.00 14.33 43.98
N ASP A 839 9.55 13.11 43.72
CA ASP A 839 8.66 12.41 44.65
C ASP A 839 9.36 12.15 45.98
N MET A 840 10.58 11.62 45.90
CA MET A 840 11.34 11.30 47.10
C MET A 840 11.82 12.57 47.79
N ALA A 841 11.73 13.70 47.09
CA ALA A 841 12.00 14.99 47.70
C ALA A 841 10.79 15.47 48.49
N GLU A 842 9.61 15.34 47.87
CA GLU A 842 8.37 15.72 48.50
C GLU A 842 8.10 14.86 49.74
N ASP A 843 8.62 13.64 49.71
CA ASP A 843 8.46 12.72 50.83
C ASP A 843 9.19 13.21 52.08
N LEU A 844 10.29 13.93 51.88
CA LEU A 844 11.08 14.41 53.01
C LEU A 844 10.84 15.89 53.28
N ILE A 845 9.79 16.45 52.69
CA ILE A 845 9.40 17.82 52.96
C ILE A 845 8.45 17.84 54.16
N ARG A 846 7.61 16.81 54.25
CA ARG A 846 6.68 16.66 55.36
C ARG A 846 7.40 16.23 56.63
N CYS A 847 8.63 15.76 56.48
CA CYS A 847 9.42 15.29 57.61
C CYS A 847 10.29 16.41 58.19
N ARG A 848 11.17 16.96 57.35
CA ARG A 848 12.07 18.03 57.78
C ARG A 848 11.68 19.36 57.14
N GLY A 849 12.64 20.29 57.09
CA GLY A 849 12.42 21.58 56.47
C GLY A 849 12.25 21.48 54.97
N GLY A 850 13.20 20.84 54.32
CA GLY A 850 13.14 20.62 52.89
C GLY A 850 13.18 21.89 52.05
N ASP A 851 14.15 22.75 52.31
CA ASP A 851 14.30 23.98 51.54
C ASP A 851 14.77 23.70 50.10
N PRO A 852 15.79 22.85 49.91
CA PRO A 852 16.12 22.55 48.52
C PRO A 852 15.24 21.44 47.93
N ARG A 853 15.77 20.75 46.92
CA ARG A 853 15.10 19.60 46.30
C ARG A 853 13.72 19.96 45.73
N LEU A 854 13.53 21.23 45.38
CA LEU A 854 12.30 21.66 44.74
C LEU A 854 12.46 21.67 43.23
N PHE A 855 11.57 21.00 42.52
CA PHE A 855 11.71 20.83 41.08
C PHE A 855 10.56 21.46 40.30
N GLY A 856 9.45 20.73 40.20
CA GLY A 856 8.30 21.17 39.42
C GLY A 856 7.74 22.52 39.82
N LEU A 857 7.21 23.25 38.85
CA LEU A 857 6.68 24.59 39.09
C LEU A 857 5.45 24.54 39.98
N LEU A 858 4.43 23.79 39.56
CA LEU A 858 3.17 23.68 40.29
C LEU A 858 3.34 23.22 41.75
N PRO A 859 3.98 22.05 41.98
CA PRO A 859 4.04 21.58 43.37
C PRO A 859 4.83 22.53 44.26
N GLU A 860 6.00 22.97 43.80
CA GLU A 860 6.82 23.90 44.57
C GLU A 860 6.05 25.17 44.91
N ASP A 861 5.53 25.83 43.87
CA ASP A 861 4.83 27.11 44.05
C ASP A 861 3.63 26.99 44.99
N VAL A 862 2.75 26.04 44.72
CA VAL A 862 1.52 25.95 45.49
C VAL A 862 1.77 25.45 46.92
N ARG A 863 2.64 24.46 47.06
CA ARG A 863 2.94 23.92 48.39
C ARG A 863 3.69 24.94 49.25
N SER A 864 4.51 25.77 48.61
CA SER A 864 5.21 26.83 49.32
C SER A 864 4.23 27.96 49.65
N LYS A 865 3.21 28.11 48.81
CA LYS A 865 2.18 29.12 49.04
C LYS A 865 1.24 28.68 50.16
N TYR A 866 1.19 27.37 50.41
CA TYR A 866 0.32 26.82 51.44
C TYR A 866 1.06 26.63 52.76
N MET A 867 2.37 26.45 52.68
CA MET A 867 3.20 26.23 53.87
C MET A 867 3.57 27.55 54.52
N ARG A 868 3.71 28.60 53.71
CA ARG A 868 4.08 29.92 54.21
C ARG A 868 2.85 30.65 54.74
N ALA A 869 1.67 30.06 54.54
CA ALA A 869 0.43 30.66 55.00
C ALA A 869 0.25 30.45 56.50
N SER B 66 -29.77 -2.62 -70.13
CA SER B 66 -29.02 -1.43 -70.48
C SER B 66 -29.01 -0.41 -69.34
N GLU B 67 -29.81 -0.69 -68.31
CA GLU B 67 -29.95 0.20 -67.16
C GLU B 67 -28.63 0.46 -66.46
N TYR B 68 -27.73 -0.53 -66.51
CA TYR B 68 -26.41 -0.40 -65.90
C TYR B 68 -25.59 0.65 -66.64
N ARG B 69 -25.80 0.75 -67.95
CA ARG B 69 -25.10 1.73 -68.77
C ARG B 69 -25.60 3.14 -68.48
N TYR B 70 -26.91 3.27 -68.27
CA TYR B 70 -27.51 4.54 -67.91
C TYR B 70 -27.07 4.96 -66.51
N ALA B 71 -26.84 3.96 -65.65
CA ALA B 71 -26.39 4.21 -64.30
C ALA B 71 -24.93 4.68 -64.30
N ALA B 72 -24.11 4.05 -65.12
CA ALA B 72 -22.70 4.41 -65.25
C ALA B 72 -22.57 5.79 -65.90
N LEU B 73 -23.48 6.09 -66.83
CA LEU B 73 -23.49 7.39 -67.49
C LEU B 73 -23.97 8.46 -66.52
N ALA B 74 -24.87 8.07 -65.61
CA ALA B 74 -25.37 8.98 -64.59
C ALA B 74 -24.28 9.27 -63.56
N LYS B 75 -23.44 8.27 -63.30
CA LYS B 75 -22.34 8.43 -62.36
C LYS B 75 -21.34 9.47 -62.87
N ASP B 76 -21.25 9.59 -64.18
CA ASP B 76 -20.38 10.57 -64.81
C ASP B 76 -21.15 11.85 -65.12
N ALA B 77 -22.40 11.91 -64.68
CA ALA B 77 -23.25 13.07 -64.93
C ALA B 77 -23.19 14.05 -63.75
N TYR B 78 -23.41 13.54 -62.54
CA TYR B 78 -23.37 14.41 -61.36
C TYR B 78 -21.93 14.61 -60.88
N GLN B 79 -20.98 14.06 -61.64
CA GLN B 79 -19.57 14.27 -61.35
C GLN B 79 -19.15 15.65 -61.84
N GLN B 80 -19.80 16.12 -62.90
CA GLN B 80 -19.54 17.45 -63.45
C GLN B 80 -20.43 18.49 -62.79
N GLY B 82 -22.51 20.14 -59.30
CA GLY B 82 -22.04 20.67 -58.04
C GLY B 82 -23.05 20.64 -56.93
N THR B 83 -22.72 21.24 -55.80
CA THR B 83 -23.62 21.29 -54.65
C THR B 83 -23.84 22.74 -54.21
N ALA B 84 -25.10 23.10 -53.97
CA ALA B 84 -25.43 24.47 -53.57
C ALA B 84 -26.70 24.52 -52.71
N PRO B 85 -26.56 24.99 -51.46
CA PRO B 85 -27.69 25.17 -50.55
C PRO B 85 -28.52 26.40 -50.87
N VAL B 86 -29.37 26.31 -51.88
CA VAL B 86 -30.17 27.44 -52.35
C VAL B 86 -31.40 27.64 -51.45
N THR B 87 -31.84 26.55 -50.83
CA THR B 87 -33.09 26.54 -50.08
C THR B 87 -33.21 27.57 -48.96
N GLU B 88 -34.45 27.80 -48.54
CA GLU B 88 -34.75 28.71 -47.44
C GLU B 88 -34.84 27.92 -46.14
N PRO B 89 -34.68 28.60 -44.99
CA PRO B 89 -34.76 27.96 -43.68
C PRO B 89 -35.97 27.04 -43.41
N PRO B 90 -37.20 27.42 -43.80
CA PRO B 90 -38.31 26.50 -43.45
C PRO B 90 -38.20 25.12 -44.11
N GLN B 91 -37.63 25.07 -45.31
CA GLN B 91 -37.45 23.80 -46.01
C GLN B 91 -36.49 22.89 -45.24
N VAL B 92 -35.40 23.48 -44.78
CA VAL B 92 -34.40 22.75 -44.00
C VAL B 92 -34.99 22.28 -42.67
N ILE B 93 -35.72 23.18 -42.01
CA ILE B 93 -36.33 22.88 -40.73
C ILE B 93 -37.33 21.73 -40.84
N LEU B 94 -38.24 21.82 -41.81
CA LEU B 94 -39.21 20.77 -42.04
C LEU B 94 -38.53 19.46 -42.42
N GLY B 95 -37.49 19.57 -43.23
CA GLY B 95 -36.72 18.40 -43.64
C GLY B 95 -36.11 17.65 -42.47
N THR B 96 -35.32 18.34 -41.67
CA THR B 96 -34.66 17.72 -40.52
C THR B 96 -35.68 17.32 -39.45
N GLU B 97 -36.85 17.97 -39.46
CA GLU B 97 -37.91 17.61 -38.55
C GLU B 97 -38.48 16.24 -38.92
N ASP B 98 -38.76 16.07 -40.21
CA ASP B 98 -39.25 14.80 -40.72
C ASP B 98 -38.20 13.69 -40.50
N LEU B 99 -36.95 14.03 -40.77
CA LEU B 99 -35.85 13.09 -40.58
C LEU B 99 -35.74 12.64 -39.13
N LEU B 100 -35.68 13.59 -38.21
CA LEU B 100 -35.58 13.27 -36.79
C LEU B 100 -36.82 12.55 -36.29
N SER B 101 -37.96 12.79 -36.92
CA SER B 101 -39.20 12.11 -36.56
C SER B 101 -39.17 10.66 -37.07
N ARG B 102 -38.39 10.43 -38.12
CA ARG B 102 -38.29 9.09 -38.71
C ARG B 102 -37.14 8.29 -38.10
N LEU B 103 -36.24 8.98 -37.41
CA LEU B 103 -35.07 8.34 -36.82
C LEU B 103 -35.27 8.03 -35.34
N TYR B 104 -35.94 8.92 -34.63
CA TYR B 104 -36.20 8.73 -33.21
C TYR B 104 -37.24 7.64 -32.99
N ASP B 105 -38.03 7.36 -34.02
CA ASP B 105 -39.05 6.33 -33.95
C ASP B 105 -38.44 4.93 -33.95
N GLU B 106 -37.24 4.82 -34.53
CA GLU B 106 -36.54 3.55 -34.59
C GLU B 106 -35.88 3.23 -33.26
N LYS B 116 -44.75 -1.85 -39.09
CA LYS B 116 -45.25 -0.56 -38.67
C LYS B 116 -44.40 0.58 -39.22
N ASP B 118 -45.47 2.08 -42.21
CA ASP B 118 -46.39 2.81 -43.08
C ASP B 118 -46.58 4.23 -42.61
N ASP B 119 -46.49 4.44 -41.30
CA ASP B 119 -46.63 5.77 -40.71
C ASP B 119 -45.49 6.67 -41.16
N THR B 120 -44.29 6.11 -41.22
CA THR B 120 -43.12 6.85 -41.69
C THR B 120 -43.28 7.23 -43.14
N LEU B 121 -43.92 6.36 -43.92
CA LEU B 121 -44.20 6.62 -45.32
C LEU B 121 -45.24 7.73 -45.46
N ALA B 122 -46.20 7.75 -44.54
CA ALA B 122 -47.23 8.78 -44.54
C ALA B 122 -46.63 10.14 -44.20
N THR B 123 -45.78 10.17 -43.20
CA THR B 123 -45.10 11.40 -42.79
C THR B 123 -44.15 11.87 -43.90
N ALA B 124 -43.57 10.91 -44.61
CA ALA B 124 -42.71 11.21 -45.75
C ALA B 124 -43.53 11.87 -46.85
N ALA B 125 -44.73 11.34 -47.08
CA ALA B 125 -45.65 11.91 -48.06
C ALA B 125 -46.08 13.31 -47.65
N ALA B 126 -46.20 13.52 -46.34
CA ALA B 126 -46.52 14.84 -45.80
C ALA B 126 -45.37 15.81 -46.10
N GLN B 127 -44.15 15.31 -45.94
CA GLN B 127 -42.96 16.09 -46.28
C GLN B 127 -42.98 16.46 -47.76
N LEU B 128 -43.35 15.50 -48.60
CA LEU B 128 -43.47 15.74 -50.03
C LEU B 128 -44.51 16.82 -50.31
N ALA B 129 -45.62 16.78 -49.57
CA ALA B 129 -46.67 17.79 -49.69
C ALA B 129 -46.13 19.15 -49.31
N ALA B 130 -45.25 19.19 -48.31
CA ALA B 130 -44.60 20.42 -47.89
C ALA B 130 -43.68 20.94 -49.00
N LEU B 131 -43.05 20.01 -49.72
CA LEU B 131 -42.17 20.38 -50.83
C LEU B 131 -42.99 20.99 -51.97
N TRP B 132 -44.10 20.35 -52.30
CA TRP B 132 -45.00 20.87 -53.32
C TRP B 132 -45.53 22.24 -52.91
N ARG B 133 -45.79 22.41 -51.62
CA ARG B 133 -46.23 23.69 -51.08
C ARG B 133 -45.15 24.75 -51.28
N GLU B 134 -43.91 24.36 -51.05
CA GLU B 134 -42.77 25.28 -51.22
C GLU B 134 -42.58 25.61 -52.69
N HIS B 135 -42.99 24.70 -53.57
CA HIS B 135 -42.92 24.94 -55.01
C HIS B 135 -44.01 25.92 -55.46
N VAL B 136 -45.22 25.73 -54.95
CA VAL B 136 -46.34 26.60 -55.29
C VAL B 136 -46.11 28.00 -54.75
N ASP B 137 -45.55 28.09 -53.55
CA ASP B 137 -45.27 29.36 -52.92
C ASP B 137 -44.22 30.15 -53.69
N GLU B 138 -43.38 29.45 -54.44
CA GLU B 138 -42.34 30.07 -55.24
C GLU B 138 -42.83 30.36 -56.65
N THR B 157 -34.72 25.57 -62.05
CA THR B 157 -35.31 25.20 -60.78
C THR B 157 -34.95 23.77 -60.39
N PRO B 158 -33.79 23.60 -59.74
CA PRO B 158 -33.32 22.29 -59.28
C PRO B 158 -34.25 21.69 -58.22
N PHE B 159 -34.84 22.57 -57.41
CA PHE B 159 -35.83 22.19 -56.41
C PHE B 159 -36.95 21.37 -57.05
N GLU B 160 -37.47 21.87 -58.17
CA GLU B 160 -38.55 21.21 -58.89
C GLU B 160 -38.17 19.79 -59.30
N LYS B 161 -37.15 19.68 -60.14
CA LYS B 161 -36.71 18.39 -60.69
C LYS B 161 -36.37 17.39 -59.59
N ALA B 162 -35.58 17.82 -58.60
CA ALA B 162 -35.18 16.94 -57.52
C ALA B 162 -36.39 16.53 -56.68
N ASN B 163 -37.39 17.40 -56.60
CA ASN B 163 -38.63 17.07 -55.91
C ASN B 163 -39.40 16.01 -56.67
N TYR B 164 -39.40 16.12 -58.00
CA TYR B 164 -40.04 15.12 -58.85
C TYR B 164 -39.37 13.76 -58.67
N LEU B 165 -38.05 13.77 -58.62
CA LEU B 165 -37.28 12.55 -58.42
C LEU B 165 -37.56 11.95 -57.05
N ALA B 166 -37.68 12.80 -56.05
CA ALA B 166 -37.98 12.36 -54.69
C ALA B 166 -39.35 11.71 -54.61
N ASN B 167 -40.36 12.40 -55.15
CA ASN B 167 -41.72 11.88 -55.19
C ASN B 167 -41.79 10.55 -55.92
N LEU B 168 -41.14 10.49 -57.08
CA LEU B 168 -41.12 9.28 -57.90
C LEU B 168 -40.50 8.12 -57.13
N ALA B 169 -39.35 8.37 -56.50
CA ALA B 169 -38.65 7.34 -55.75
C ALA B 169 -39.47 6.84 -54.58
N LEU B 170 -40.09 7.76 -53.84
CA LEU B 170 -40.89 7.39 -52.67
C LEU B 170 -42.18 6.70 -53.07
N GLN B 171 -42.64 6.94 -54.29
CA GLN B 171 -43.84 6.27 -54.80
C GLN B 171 -43.49 4.87 -55.29
N ILE B 172 -42.30 4.71 -55.84
CA ILE B 172 -41.84 3.40 -56.28
C ILE B 172 -41.58 2.51 -55.06
N HIS B 173 -40.92 3.08 -54.05
CA HIS B 173 -40.66 2.35 -52.80
C HIS B 173 -41.97 2.08 -52.07
N HIS B 174 -42.91 3.01 -52.17
CA HIS B 174 -44.23 2.89 -51.55
C HIS B 174 -44.13 2.65 -50.05
N PRO B 187 -49.83 -1.87 -54.67
CA PRO B 187 -50.34 -1.51 -56.00
C PRO B 187 -49.39 -0.61 -56.77
N LEU B 188 -48.36 -1.19 -57.36
CA LEU B 188 -47.36 -0.44 -58.11
C LEU B 188 -47.89 0.14 -59.43
N PRO B 189 -48.64 -0.64 -60.23
CA PRO B 189 -49.16 0.00 -61.44
C PRO B 189 -50.22 1.06 -61.14
N GLN B 190 -50.92 0.92 -60.01
CA GLN B 190 -51.93 1.89 -59.62
C GLN B 190 -51.30 3.23 -59.25
N THR B 191 -50.21 3.19 -58.50
CA THR B 191 -49.53 4.42 -58.11
C THR B 191 -48.71 4.97 -59.28
N LEU B 192 -48.37 4.08 -60.22
CA LEU B 192 -47.69 4.51 -61.44
C LEU B 192 -48.66 5.31 -62.30
N PHE B 193 -49.88 4.80 -62.42
CA PHE B 193 -50.94 5.52 -63.12
C PHE B 193 -51.36 6.76 -62.33
N ARG B 194 -51.09 6.74 -61.02
CA ARG B 194 -51.37 7.89 -60.17
C ARG B 194 -50.35 8.99 -60.41
N TRP B 195 -49.13 8.60 -60.75
CA TRP B 195 -48.09 9.58 -61.08
C TRP B 195 -48.13 9.90 -62.56
N LEU B 196 -48.94 9.17 -63.31
CA LEU B 196 -49.12 9.44 -64.74
C LEU B 196 -49.77 10.78 -64.97
N ASN B 197 -50.66 11.18 -64.05
CA ASN B 197 -51.37 12.45 -64.14
C ASN B 197 -50.42 13.63 -64.14
N GLU B 198 -49.49 13.63 -63.18
CA GLU B 198 -48.48 14.68 -63.10
C GLU B 198 -47.28 14.33 -63.98
N TYR B 199 -47.11 15.07 -65.06
CA TYR B 199 -46.07 14.78 -66.04
C TYR B 199 -44.68 15.14 -65.53
N HIS B 200 -43.67 14.51 -66.11
CA HIS B 200 -42.28 14.74 -65.72
C HIS B 200 -41.80 16.11 -66.17
N TYR B 203 -43.85 18.55 -73.40
CA TYR B 203 -44.05 19.85 -74.01
C TYR B 203 -45.46 20.36 -73.71
N GLY B 204 -46.38 19.43 -73.48
CA GLY B 204 -47.76 19.77 -73.19
C GLY B 204 -48.41 18.84 -72.19
N SER B 205 -49.63 18.40 -72.50
CA SER B 205 -50.37 17.51 -71.62
C SER B 205 -51.40 16.68 -72.40
N GLN B 206 -51.85 15.59 -71.79
CA GLN B 206 -52.82 14.71 -72.44
C GLN B 206 -54.16 14.74 -71.71
N VAL B 207 -54.12 14.96 -70.40
CA VAL B 207 -55.32 14.99 -69.58
C VAL B 207 -56.25 16.12 -70.01
N ASP B 208 -55.68 17.31 -70.14
CA ASP B 208 -56.44 18.49 -70.57
C ASP B 208 -56.97 18.31 -71.98
N ASP B 209 -56.28 17.49 -72.77
CA ASP B 209 -56.69 17.21 -74.14
C ASP B 209 -57.92 16.29 -74.14
N ILE B 210 -57.91 15.29 -73.28
CA ILE B 210 -59.02 14.34 -73.19
C ILE B 210 -60.24 15.02 -72.59
N LEU B 211 -60.02 15.86 -71.58
CA LEU B 211 -61.10 16.58 -70.93
C LEU B 211 -61.80 17.54 -71.89
N ARG B 212 -61.05 18.09 -72.83
CA ARG B 212 -61.60 18.98 -73.83
C ARG B 212 -62.05 18.22 -75.07
N HIS B 213 -61.97 16.89 -75.00
CA HIS B 213 -62.36 16.03 -76.11
C HIS B 213 -63.66 15.29 -75.80
N ARG B 214 -64.07 15.34 -74.53
CA ARG B 214 -65.28 14.65 -74.08
C ARG B 214 -66.55 15.15 -74.79
N PRO B 215 -66.79 16.47 -74.82
CA PRO B 215 -68.02 16.88 -75.52
C PRO B 215 -67.81 17.13 -77.00
N SER B 216 -68.78 16.75 -77.83
CA SER B 216 -68.67 16.92 -79.27
C SER B 216 -70.03 16.81 -79.95
N PRO B 217 -70.32 17.75 -80.87
CA PRO B 217 -71.53 17.70 -81.70
C PRO B 217 -71.54 16.47 -82.59
N ALA B 218 -70.36 16.10 -83.07
CA ALA B 218 -70.18 14.90 -83.88
C ALA B 218 -68.83 14.26 -83.56
N CYS B 219 -68.65 13.01 -83.97
CA CYS B 219 -67.42 12.29 -83.71
C CYS B 219 -66.24 12.92 -84.44
N HIS B 220 -65.17 13.23 -83.70
CA HIS B 220 -63.99 13.86 -84.26
C HIS B 220 -63.07 12.84 -84.92
N SER B 221 -62.11 13.33 -85.69
CA SER B 221 -61.13 12.47 -86.33
C SER B 221 -60.01 12.12 -85.37
N LEU B 222 -59.89 12.92 -84.31
CA LEU B 222 -58.88 12.69 -83.29
C LEU B 222 -59.51 11.95 -82.10
N PHE B 223 -60.44 11.05 -82.41
CA PHE B 223 -61.19 10.35 -81.38
C PHE B 223 -60.55 9.01 -81.00
N TRP B 224 -60.22 8.21 -82.01
CA TRP B 224 -59.69 6.88 -81.78
C TRP B 224 -58.30 6.92 -81.16
N GLN B 225 -57.49 7.89 -81.56
CA GLN B 225 -56.17 8.05 -80.98
C GLN B 225 -56.29 8.46 -79.51
N ALA B 226 -57.35 9.20 -79.20
CA ALA B 226 -57.66 9.57 -77.83
C ALA B 226 -58.10 8.32 -77.05
N VAL B 227 -58.67 7.35 -77.76
CA VAL B 227 -59.04 6.09 -77.17
C VAL B 227 -57.77 5.31 -76.83
N PHE B 228 -56.80 5.35 -77.73
CA PHE B 228 -55.51 4.71 -77.51
C PHE B 228 -54.80 5.34 -76.31
N ILE B 229 -54.90 6.67 -76.21
CA ILE B 229 -54.26 7.39 -75.11
C ILE B 229 -54.96 7.09 -73.79
N ALA B 230 -56.29 6.98 -73.83
CA ALA B 230 -57.09 6.74 -72.63
C ALA B 230 -56.76 5.39 -72.00
N LEU B 231 -56.33 4.44 -72.82
CA LEU B 231 -55.99 3.11 -72.34
C LEU B 231 -54.51 2.99 -72.03
N LYS B 235 -60.48 4.94 -63.53
CA LYS B 235 -60.64 6.02 -64.48
C LYS B 235 -60.58 5.51 -65.92
N VAL B 236 -60.11 4.28 -66.09
CA VAL B 236 -60.00 3.68 -67.40
C VAL B 236 -61.38 3.22 -67.88
N GLY B 237 -62.09 2.49 -67.04
CA GLY B 237 -63.43 2.04 -67.35
C GLY B 237 -64.40 3.19 -67.51
N ASP B 238 -64.18 4.24 -66.74
CA ASP B 238 -64.99 5.45 -66.84
C ASP B 238 -64.70 6.16 -68.15
N ALA B 239 -63.46 6.04 -68.63
CA ALA B 239 -63.08 6.61 -69.91
C ALA B 239 -63.67 5.80 -71.05
N ALA B 240 -63.86 4.50 -70.81
CA ALA B 240 -64.48 3.62 -71.80
C ALA B 240 -66.00 3.80 -71.81
N ARG B 241 -66.54 4.29 -70.70
CA ARG B 241 -67.96 4.54 -70.57
C ARG B 241 -68.42 5.60 -71.57
N LEU B 242 -67.56 6.58 -71.82
CA LEU B 242 -67.84 7.62 -72.80
C LEU B 242 -67.74 7.04 -74.20
N LEU B 243 -66.92 6.02 -74.36
CA LEU B 243 -66.76 5.35 -75.65
C LEU B 243 -67.98 4.49 -75.94
N ASP B 244 -68.64 4.03 -74.88
CA ASP B 244 -69.86 3.25 -75.01
C ASP B 244 -70.98 4.10 -75.59
N GLN B 245 -71.00 5.38 -75.20
CA GLN B 245 -71.99 6.31 -75.72
C GLN B 245 -71.33 7.32 -76.66
N ALA B 246 -70.64 6.81 -77.68
CA ALA B 246 -69.95 7.66 -78.65
C ALA B 246 -70.94 8.39 -79.54
N GLY B 247 -72.08 7.76 -79.80
CA GLY B 247 -73.11 8.37 -80.62
C GLY B 247 -73.06 7.96 -82.07
N TRP B 248 -71.83 7.85 -82.61
CA TRP B 248 -71.61 7.48 -84.00
C TRP B 248 -72.36 8.41 -84.96
N GLY B 249 -72.98 7.82 -85.97
CA GLY B 249 -73.75 8.59 -86.94
C GLY B 249 -72.91 9.48 -87.83
N HIS B 250 -71.83 8.93 -88.36
CA HIS B 250 -70.94 9.67 -89.26
C HIS B 250 -70.83 8.98 -90.60
N VAL B 251 -71.04 9.73 -91.68
CA VAL B 251 -70.99 9.17 -93.02
C VAL B 251 -69.54 8.98 -93.46
N TYR B 259 -71.90 4.16 -91.00
CA TYR B 259 -73.06 5.03 -91.15
C TYR B 259 -74.33 4.22 -91.36
N ALA B 260 -74.32 3.37 -92.38
CA ALA B 260 -75.49 2.56 -92.71
C ALA B 260 -75.44 1.21 -91.99
N TYR B 261 -76.38 1.00 -91.07
CA TYR B 261 -76.49 -0.27 -90.35
C TYR B 261 -77.04 -1.35 -91.26
N VAL B 262 -76.81 -2.61 -90.88
CA VAL B 262 -77.29 -3.75 -91.66
C VAL B 262 -78.26 -4.58 -90.82
N ASN B 268 -75.37 -5.86 -84.49
CA ASN B 268 -74.82 -4.78 -85.29
C ASN B 268 -73.58 -4.19 -84.65
N VAL B 269 -73.24 -2.96 -85.02
CA VAL B 269 -72.07 -2.28 -84.47
C VAL B 269 -72.31 -1.93 -83.00
N GLN B 270 -73.54 -1.53 -82.71
CA GLN B 270 -73.91 -1.14 -81.34
C GLN B 270 -73.77 -2.31 -80.37
N ARG B 271 -74.19 -3.49 -80.81
CA ARG B 271 -74.11 -4.69 -79.99
C ARG B 271 -72.65 -5.08 -79.72
N ALA B 272 -71.82 -4.99 -80.76
CA ALA B 272 -70.41 -5.33 -80.65
C ALA B 272 -69.69 -4.37 -79.72
N VAL B 273 -69.92 -3.08 -79.90
CA VAL B 273 -69.32 -2.05 -79.07
C VAL B 273 -69.77 -2.21 -77.61
N ASP B 274 -71.07 -2.40 -77.42
CA ASP B 274 -71.62 -2.61 -76.08
C ASP B 274 -71.02 -3.85 -75.43
N GLU B 275 -70.73 -4.85 -76.24
CA GLU B 275 -70.09 -6.07 -75.76
C GLU B 275 -68.67 -5.78 -75.30
N THR B 276 -67.91 -5.07 -76.13
CA THR B 276 -66.53 -4.71 -75.81
C THR B 276 -66.44 -3.88 -74.54
N ILE B 277 -67.40 -2.97 -74.37
CA ILE B 277 -67.44 -2.13 -73.18
C ILE B 277 -67.82 -2.97 -71.96
N ALA B 278 -68.76 -3.90 -72.16
CA ALA B 278 -69.20 -4.78 -71.08
C ALA B 278 -68.05 -5.66 -70.59
N VAL B 279 -67.18 -6.07 -71.51
CA VAL B 279 -66.02 -6.87 -71.16
C VAL B 279 -64.96 -5.99 -70.51
N LEU B 280 -64.82 -4.77 -71.01
CA LEU B 280 -63.86 -3.82 -70.49
C LEU B 280 -64.23 -3.41 -69.06
N GLU B 281 -65.53 -3.36 -68.79
CA GLU B 281 -66.03 -2.97 -67.47
C GLU B 281 -66.20 -4.20 -66.57
N SER B 282 -65.27 -5.14 -66.65
CA SER B 282 -65.32 -6.34 -65.83
C SER B 282 -64.55 -6.14 -64.53
N CYS B 283 -63.26 -5.85 -64.64
CA CYS B 283 -62.40 -5.65 -63.47
C CYS B 283 -62.36 -4.18 -63.02
N PRO B 284 -62.05 -3.24 -63.95
CA PRO B 284 -62.04 -1.86 -63.46
C PRO B 284 -63.37 -1.14 -63.66
N THR B 298 -54.78 -13.75 -60.09
CA THR B 298 -55.69 -14.88 -60.26
C THR B 298 -56.89 -14.50 -61.12
N LEU B 299 -57.56 -13.41 -60.75
CA LEU B 299 -58.72 -12.94 -61.49
C LEU B 299 -58.32 -12.27 -62.79
N PHE B 300 -57.08 -11.80 -62.84
CA PHE B 300 -56.55 -11.15 -64.04
C PHE B 300 -56.38 -12.16 -65.17
N ARG B 301 -56.00 -13.38 -64.80
CA ARG B 301 -55.84 -14.46 -65.78
C ARG B 301 -57.19 -14.88 -66.33
N VAL B 302 -58.20 -14.88 -65.47
CA VAL B 302 -59.57 -15.20 -65.88
C VAL B 302 -60.08 -14.10 -66.81
N ARG B 303 -59.75 -12.87 -66.48
CA ARG B 303 -60.13 -11.72 -67.30
C ARG B 303 -59.48 -11.81 -68.68
N ALA B 304 -58.22 -12.22 -68.71
CA ALA B 304 -57.50 -12.37 -69.98
C ALA B 304 -58.08 -13.51 -70.80
N ARG B 305 -58.47 -14.59 -70.12
CA ARG B 305 -59.07 -15.75 -70.79
C ARG B 305 -60.40 -15.35 -71.43
N GLY B 306 -61.23 -14.65 -70.66
CA GLY B 306 -62.50 -14.16 -71.17
C GLY B 306 -62.29 -13.20 -72.33
N LEU B 307 -61.25 -12.38 -72.22
CA LEU B 307 -60.86 -11.48 -73.29
C LEU B 307 -60.58 -12.24 -74.57
N LEU B 308 -59.70 -13.24 -74.49
CA LEU B 308 -59.37 -14.06 -75.64
C LEU B 308 -60.60 -14.77 -76.21
N GLU B 309 -61.49 -15.19 -75.33
CA GLU B 309 -62.74 -15.82 -75.73
C GLU B 309 -63.58 -14.86 -76.57
N HIS B 310 -63.70 -13.61 -76.11
CA HIS B 310 -64.43 -12.60 -76.85
C HIS B 310 -63.71 -12.23 -78.13
N LEU B 311 -62.40 -12.43 -78.16
CA LEU B 311 -61.61 -12.19 -79.36
C LEU B 311 -61.95 -13.22 -80.42
N ARG B 312 -62.07 -14.47 -79.99
CA ARG B 312 -62.48 -15.54 -80.89
C ARG B 312 -63.92 -15.32 -81.37
N ARG B 313 -64.77 -14.88 -80.45
CA ARG B 313 -66.18 -14.64 -80.76
C ARG B 313 -66.36 -13.50 -81.75
N PHE B 314 -65.53 -12.47 -81.64
CA PHE B 314 -65.61 -11.31 -82.52
C PHE B 314 -64.94 -11.59 -83.87
N ALA B 315 -63.86 -12.37 -83.84
CA ALA B 315 -63.16 -12.74 -85.06
C ALA B 315 -64.00 -13.70 -85.90
N GLU B 316 -64.82 -14.50 -85.21
CA GLU B 316 -65.70 -15.44 -85.88
C GLU B 316 -66.84 -14.69 -86.58
N GLY B 317 -67.16 -13.50 -86.08
CA GLY B 317 -68.22 -12.69 -86.65
C GLY B 317 -67.76 -11.31 -87.09
N TRP B 353 -63.81 -1.89 -92.87
CA TRP B 353 -63.31 -0.52 -93.02
C TRP B 353 -62.30 -0.18 -91.93
N GLU B 354 -62.50 0.95 -91.27
CA GLU B 354 -61.58 1.42 -90.24
C GLU B 354 -62.04 1.01 -88.85
N ILE B 355 -63.36 0.94 -88.66
CA ILE B 355 -63.94 0.63 -87.36
C ILE B 355 -63.49 -0.75 -86.86
N TYR B 356 -63.47 -1.72 -87.76
CA TYR B 356 -63.10 -3.09 -87.42
C TYR B 356 -61.66 -3.15 -86.89
N GLU B 357 -60.74 -2.59 -87.66
CA GLU B 357 -59.33 -2.58 -87.30
C GLU B 357 -59.10 -1.80 -86.01
N ASN B 358 -59.78 -0.66 -85.88
CA ASN B 358 -59.67 0.18 -84.70
C ASN B 358 -60.10 -0.56 -83.43
N LEU B 359 -61.28 -1.16 -83.49
CA LEU B 359 -61.77 -1.96 -82.37
C LEU B 359 -60.81 -3.12 -82.07
N ASN B 360 -60.24 -3.68 -83.13
CA ASN B 360 -59.31 -4.79 -83.00
C ASN B 360 -58.06 -4.40 -82.21
N ILE B 361 -57.40 -3.33 -82.63
CA ILE B 361 -56.15 -2.91 -81.99
C ILE B 361 -56.39 -2.29 -80.63
N VAL B 362 -57.55 -1.66 -80.46
CA VAL B 362 -57.95 -1.14 -79.15
C VAL B 362 -58.07 -2.33 -78.20
N PHE B 363 -58.75 -3.37 -78.66
CA PHE B 363 -58.89 -4.61 -77.90
C PHE B 363 -57.53 -5.21 -77.59
N ASP B 364 -56.60 -5.11 -78.55
CA ASP B 364 -55.25 -5.60 -78.36
C ASP B 364 -54.52 -4.83 -77.27
N ILE B 365 -54.84 -3.54 -77.16
CA ILE B 365 -54.26 -2.72 -76.10
C ILE B 365 -54.85 -3.12 -74.75
N VAL B 366 -56.15 -3.35 -74.72
CA VAL B 366 -56.83 -3.77 -73.50
C VAL B 366 -56.29 -5.11 -73.03
N LEU B 367 -55.90 -5.97 -73.99
CA LEU B 367 -55.32 -7.27 -73.70
C LEU B 367 -54.06 -7.14 -72.85
N GLY B 368 -53.05 -6.45 -73.40
CA GLY B 368 -51.77 -6.31 -72.73
C GLY B 368 -50.64 -6.83 -73.59
N GLN B 369 -50.93 -7.07 -74.86
CA GLN B 369 -49.94 -7.57 -75.81
C GLN B 369 -48.89 -6.51 -76.09
N GLN B 370 -47.68 -6.95 -76.43
CA GLN B 370 -46.58 -6.04 -76.71
C GLN B 370 -46.74 -5.36 -78.07
N GLY B 371 -47.40 -6.05 -79.00
CA GLY B 371 -47.58 -5.53 -80.35
C GLY B 371 -48.54 -4.35 -80.44
N ALA B 372 -49.25 -4.08 -79.35
CA ALA B 372 -50.23 -3.00 -79.33
C ALA B 372 -49.74 -1.82 -78.49
N ILE B 373 -49.10 -2.13 -77.37
CA ILE B 373 -48.61 -1.09 -76.46
C ILE B 373 -47.41 -0.37 -77.07
N LEU B 374 -46.55 -1.12 -77.74
CA LEU B 374 -45.37 -0.55 -78.39
C LEU B 374 -45.75 0.31 -79.60
N GLU B 375 -46.95 0.06 -80.12
CA GLU B 375 -47.46 0.83 -81.26
C GLU B 375 -47.73 2.27 -80.85
N ALA B 376 -48.51 2.44 -79.79
CA ALA B 376 -48.81 3.77 -79.28
C ALA B 376 -47.69 4.26 -78.37
N ALA B 377 -46.69 4.89 -78.95
CA ALA B 377 -45.53 5.35 -78.21
C ALA B 377 -45.27 6.84 -78.43
N GLN B 378 -46.13 7.68 -77.87
CA GLN B 378 -45.94 9.13 -77.93
C GLN B 378 -44.79 9.54 -77.02
N ASP B 379 -44.71 8.89 -75.86
CA ASP B 379 -43.64 9.13 -74.91
C ASP B 379 -43.09 7.80 -74.40
N TRP B 380 -41.86 7.81 -73.92
CA TRP B 380 -41.23 6.58 -73.43
C TRP B 380 -41.84 6.15 -72.10
N LEU B 381 -42.07 7.11 -71.22
CA LEU B 381 -42.69 6.84 -69.94
C LEU B 381 -44.15 6.44 -70.14
N GLU B 382 -44.76 6.98 -71.19
CA GLU B 382 -46.15 6.67 -71.51
C GLU B 382 -46.29 5.19 -71.88
N ALA B 383 -45.33 4.69 -72.65
CA ALA B 383 -45.32 3.28 -73.02
C ALA B 383 -44.84 2.42 -71.86
N THR B 384 -44.07 3.03 -70.97
CA THR B 384 -43.56 2.33 -69.79
C THR B 384 -44.68 2.04 -68.80
N VAL B 385 -45.60 2.99 -68.66
CA VAL B 385 -46.72 2.85 -67.73
C VAL B 385 -47.76 1.87 -68.29
N GLY B 386 -47.99 1.94 -69.60
CA GLY B 386 -49.00 1.13 -70.25
C GLY B 386 -48.81 -0.37 -70.14
N LEU B 387 -47.61 -0.79 -69.75
CA LEU B 387 -47.32 -2.21 -69.60
C LEU B 387 -47.89 -2.77 -68.30
N ALA B 421 -45.61 -5.30 -59.04
CA ALA B 421 -45.52 -5.97 -57.75
C ALA B 421 -44.10 -6.45 -57.50
N ASN B 422 -43.20 -6.17 -58.43
CA ASN B 422 -41.80 -6.59 -58.32
C ASN B 422 -40.88 -5.63 -59.08
N SER B 423 -39.60 -5.70 -58.78
CA SER B 423 -38.61 -4.86 -59.44
C SER B 423 -38.11 -5.49 -60.73
N GLU B 424 -38.24 -6.81 -60.84
CA GLU B 424 -37.82 -7.52 -62.05
C GLU B 424 -38.76 -7.20 -63.20
N SER B 425 -40.05 -7.10 -62.90
CA SER B 425 -41.04 -6.69 -63.89
C SER B 425 -40.70 -5.29 -64.38
N TYR B 426 -40.26 -4.43 -63.47
CA TYR B 426 -39.82 -3.09 -63.81
C TYR B 426 -38.64 -3.13 -64.77
N LEU B 427 -37.58 -3.83 -64.37
CA LEU B 427 -36.38 -3.96 -65.20
C LEU B 427 -36.73 -4.48 -66.60
N ASP B 428 -37.69 -5.40 -66.66
CA ASP B 428 -38.17 -5.93 -67.92
C ASP B 428 -38.89 -4.85 -68.72
N ARG B 429 -39.63 -3.99 -68.03
CA ARG B 429 -40.36 -2.90 -68.68
C ARG B 429 -39.40 -1.87 -69.29
N LEU B 430 -38.32 -1.57 -68.56
CA LEU B 430 -37.34 -0.61 -69.05
C LEU B 430 -36.45 -1.20 -70.14
N ALA B 431 -36.24 -2.51 -70.07
CA ALA B 431 -35.43 -3.20 -71.08
C ALA B 431 -36.15 -3.23 -72.42
N ARG B 432 -37.46 -3.02 -72.39
CA ARG B 432 -38.26 -3.04 -73.62
C ARG B 432 -38.74 -1.65 -73.99
N ALA B 433 -38.33 -0.65 -73.21
CA ALA B 433 -38.71 0.74 -73.47
C ALA B 433 -37.58 1.51 -74.14
N PHE B 434 -36.38 1.38 -73.60
CA PHE B 434 -35.21 2.07 -74.15
C PHE B 434 -34.72 1.39 -75.43
N HIS B 435 -35.14 0.15 -75.63
CA HIS B 435 -34.78 -0.59 -76.84
C HIS B 435 -35.38 0.09 -78.07
N THR B 436 -36.56 0.68 -77.89
CA THR B 436 -37.21 1.44 -78.95
C THR B 436 -36.62 2.85 -79.01
N ALA B 437 -36.97 3.59 -80.06
CA ALA B 437 -36.43 4.94 -80.25
C ALA B 437 -37.42 6.00 -79.77
N VAL B 438 -37.43 6.25 -78.47
CA VAL B 438 -38.35 7.24 -77.90
C VAL B 438 -37.60 8.25 -77.01
N GLU B 439 -36.97 7.74 -75.96
CA GLU B 439 -36.38 8.58 -74.92
C GLU B 439 -35.28 9.51 -75.43
N SER B 440 -34.91 10.49 -74.61
CA SER B 440 -33.87 11.45 -74.96
C SER B 440 -32.72 11.39 -73.96
N ASP B 441 -31.51 11.69 -74.42
CA ASP B 441 -30.34 11.66 -73.57
C ASP B 441 -30.00 13.04 -73.03
N PHE B 442 -29.65 13.10 -71.74
CA PHE B 442 -29.29 14.36 -71.09
C PHE B 442 -27.93 14.85 -71.58
N VAL B 450 -31.37 14.70 -66.57
CA VAL B 450 -32.65 14.64 -65.87
C VAL B 450 -33.41 13.38 -66.29
N GLU B 451 -33.43 13.11 -67.59
CA GLU B 451 -34.08 11.92 -68.12
C GLU B 451 -33.33 10.66 -67.65
N ILE B 452 -32.01 10.75 -67.64
CA ILE B 452 -31.17 9.66 -67.15
C ILE B 452 -31.46 9.44 -65.67
N GLY B 453 -31.76 10.54 -64.98
CA GLY B 453 -32.11 10.48 -63.56
C GLY B 453 -33.30 9.58 -63.30
N ALA B 455 -34.48 7.53 -65.39
CA ALA B 455 -34.08 6.24 -65.93
C ALA B 455 -33.35 5.41 -64.89
N CYS B 456 -32.77 6.09 -63.90
CA CYS B 456 -32.09 5.41 -62.81
C CYS B 456 -33.04 5.19 -61.62
N VAL B 457 -34.03 6.07 -61.47
CA VAL B 457 -35.04 5.92 -60.44
C VAL B 457 -35.82 4.65 -60.70
N PHE B 458 -36.20 4.46 -61.96
CA PHE B 458 -36.92 3.27 -62.38
C PHE B 458 -36.04 2.04 -62.25
N GLU B 459 -34.76 2.19 -62.62
CA GLU B 459 -33.80 1.10 -62.55
C GLU B 459 -33.49 0.73 -61.10
N ASP B 460 -32.80 -0.40 -60.93
CA ASP B 460 -32.47 -0.90 -59.60
C ASP B 460 -31.38 -0.06 -58.95
N ASN B 461 -30.72 0.78 -59.75
CA ASN B 461 -29.66 1.64 -59.24
C ASN B 461 -30.25 2.85 -58.52
N ILE B 462 -30.45 2.70 -57.21
CA ILE B 462 -31.00 3.77 -56.38
C ILE B 462 -29.88 4.73 -55.97
N LYS B 463 -28.68 4.17 -55.76
CA LYS B 463 -27.53 4.95 -55.32
C LYS B 463 -27.20 6.10 -56.27
N GLY B 464 -27.22 5.84 -57.57
CA GLY B 464 -26.96 6.85 -58.57
C GLY B 464 -27.96 7.97 -58.53
N VAL B 465 -29.19 7.65 -58.14
CA VAL B 465 -30.25 8.64 -58.00
C VAL B 465 -29.91 9.56 -56.83
N ILE B 466 -29.42 8.98 -55.74
CA ILE B 466 -29.03 9.73 -54.56
C ILE B 466 -27.85 10.64 -54.90
N GLY B 467 -26.96 10.13 -55.74
CA GLY B 467 -25.82 10.91 -56.20
C GLY B 467 -26.23 12.07 -57.09
N LEU B 468 -27.24 11.85 -57.92
CA LEU B 468 -27.76 12.88 -58.81
C LEU B 468 -28.50 13.96 -58.00
N LEU B 469 -29.26 13.53 -57.00
CA LEU B 469 -29.95 14.45 -56.12
C LEU B 469 -28.94 15.24 -55.30
N ARG B 470 -27.80 14.62 -55.02
CA ARG B 470 -26.69 15.32 -54.38
C ARG B 470 -26.09 16.32 -55.37
N GLY B 471 -26.20 15.99 -56.65
CA GLY B 471 -25.80 16.90 -57.71
C GLY B 471 -26.79 18.04 -57.86
N TRP B 472 -28.03 17.79 -57.46
CA TRP B 472 -29.04 18.84 -57.40
C TRP B 472 -28.81 19.71 -56.17
N SER B 473 -29.45 20.87 -56.12
CA SER B 473 -29.22 21.83 -55.05
C SER B 473 -29.72 21.34 -53.69
N LEU B 474 -30.81 20.59 -53.72
CA LEU B 474 -31.49 20.16 -52.49
C LEU B 474 -30.63 19.27 -51.59
N PRO B 475 -30.71 19.51 -50.27
CA PRO B 475 -30.17 18.60 -49.27
C PRO B 475 -31.13 17.44 -49.04
N ILE B 476 -32.30 17.53 -49.67
CA ILE B 476 -33.34 16.51 -49.58
C ILE B 476 -32.82 15.16 -50.08
N ALA B 477 -31.76 15.22 -50.89
CA ALA B 477 -31.02 14.03 -51.28
C ALA B 477 -30.77 13.15 -50.07
N ALA B 478 -30.16 13.75 -49.05
CA ALA B 478 -29.91 13.07 -47.79
C ALA B 478 -31.18 12.42 -47.27
N ALA B 479 -32.25 13.21 -47.21
CA ALA B 479 -33.55 12.72 -46.75
C ALA B 479 -33.96 11.50 -47.55
N VAL B 480 -33.81 11.58 -48.88
CA VAL B 480 -34.14 10.46 -49.75
C VAL B 480 -33.30 9.26 -49.34
N ALA B 481 -32.00 9.50 -49.15
CA ALA B 481 -31.09 8.45 -48.71
C ALA B 481 -31.54 7.92 -47.36
N GLU B 482 -32.02 8.81 -46.50
CA GLU B 482 -32.48 8.43 -45.18
C GLU B 482 -33.69 7.52 -45.27
N ILE B 483 -34.45 7.65 -46.35
CA ILE B 483 -35.60 6.79 -46.58
C ILE B 483 -35.13 5.56 -47.34
N ALA B 484 -34.03 5.71 -48.07
CA ALA B 484 -33.47 4.60 -48.83
C ALA B 484 -32.68 3.66 -47.92
N SER B 485 -32.41 4.13 -46.70
CA SER B 485 -31.67 3.34 -45.73
C SER B 485 -32.62 2.64 -44.74
N LEU B 486 -33.89 3.02 -44.79
CA LEU B 486 -34.90 2.42 -43.92
C LEU B 486 -35.76 1.42 -44.69
N GLY B 487 -35.81 1.57 -46.00
CA GLY B 487 -36.59 0.68 -46.84
C GLY B 487 -35.75 -0.11 -47.83
N LYS B 488 -35.08 0.59 -48.72
CA LYS B 488 -34.23 -0.05 -49.71
C LYS B 488 -32.94 -0.57 -49.09
N TRP B 489 -32.15 -1.28 -49.89
CA TRP B 489 -30.89 -1.85 -49.41
C TRP B 489 -29.77 -1.63 -50.42
N LEU B 490 -28.57 -1.38 -49.92
CA LEU B 490 -27.38 -1.15 -50.74
C LEU B 490 -27.60 -0.03 -51.75
N GLU B 521 -14.22 13.06 -54.44
CA GLU B 521 -15.09 12.01 -53.91
C GLU B 521 -14.48 11.40 -52.64
N VAL B 522 -15.34 10.98 -51.73
CA VAL B 522 -14.88 10.41 -50.46
C VAL B 522 -15.86 9.35 -49.95
N ASP B 523 -15.39 8.10 -49.93
CA ASP B 523 -16.14 6.97 -49.38
C ASP B 523 -17.54 6.83 -49.99
N GLY B 524 -18.49 6.39 -49.17
CA GLY B 524 -19.85 6.18 -49.62
C GLY B 524 -20.69 7.44 -49.62
N ILE B 525 -22.01 7.26 -49.60
CA ILE B 525 -22.92 8.40 -49.62
C ILE B 525 -23.60 8.54 -48.26
N LYS B 526 -22.79 8.45 -47.21
CA LYS B 526 -23.28 8.66 -45.84
C LYS B 526 -22.43 9.73 -45.17
N ASP B 527 -21.16 9.80 -45.56
CA ASP B 527 -20.26 10.81 -45.06
C ASP B 527 -20.29 12.04 -45.97
N SER B 528 -20.70 11.84 -47.22
CA SER B 528 -20.82 12.92 -48.17
C SER B 528 -21.94 13.87 -47.75
N THR B 529 -23.10 13.32 -47.46
CA THR B 529 -24.24 14.09 -46.97
C THR B 529 -23.93 14.69 -45.61
N LEU B 530 -23.08 13.99 -44.84
CA LEU B 530 -22.65 14.48 -43.54
C LEU B 530 -21.87 15.78 -43.70
N VAL B 531 -20.81 15.73 -44.49
CA VAL B 531 -19.97 16.90 -44.75
C VAL B 531 -20.80 18.02 -45.37
N GLN B 532 -21.64 17.66 -46.32
CA GLN B 532 -22.49 18.63 -47.01
C GLN B 532 -23.39 19.39 -46.04
N TYR B 533 -24.18 18.64 -45.26
CA TYR B 533 -25.12 19.23 -44.32
C TYR B 533 -24.42 20.03 -43.24
N ALA B 534 -23.38 19.44 -42.65
CA ALA B 534 -22.64 20.07 -41.56
C ALA B 534 -21.99 21.37 -42.02
N GLN B 535 -21.42 21.37 -43.22
CA GLN B 535 -20.78 22.57 -43.75
C GLN B 535 -21.82 23.58 -44.22
N ALA B 536 -23.03 23.08 -44.50
CA ALA B 536 -24.12 23.95 -44.93
C ALA B 536 -24.70 24.75 -43.77
N LEU B 537 -24.94 24.08 -42.65
CA LEU B 537 -25.55 24.74 -41.50
C LEU B 537 -24.50 25.53 -40.71
N ALA B 538 -23.23 25.34 -41.04
CA ALA B 538 -22.14 25.99 -40.32
C ALA B 538 -22.18 27.51 -40.46
N ASP B 539 -22.79 27.99 -41.54
CA ASP B 539 -22.86 29.43 -41.79
C ASP B 539 -24.29 29.96 -41.65
N TYR B 540 -25.26 29.08 -41.82
CA TYR B 540 -26.67 29.48 -41.77
C TYR B 540 -27.23 29.39 -40.35
N GLU B 541 -27.78 30.49 -39.86
CA GLU B 541 -28.39 30.53 -38.54
C GLU B 541 -29.90 30.30 -38.65
N GLY B 542 -30.52 30.99 -39.60
CA GLY B 542 -31.94 30.83 -39.85
C GLY B 542 -32.82 31.70 -38.95
N LEU B 543 -34.05 31.94 -39.40
CA LEU B 543 -34.99 32.74 -38.62
C LEU B 543 -35.49 31.96 -37.42
N SER B 544 -36.01 32.67 -36.42
CA SER B 544 -36.50 32.05 -35.20
C SER B 544 -37.79 31.28 -35.45
N SER B 545 -37.80 30.01 -35.06
CA SER B 545 -38.99 29.18 -35.18
C SER B 545 -39.89 29.34 -33.97
N VAL B 546 -40.87 28.44 -33.84
CA VAL B 546 -41.76 28.45 -32.68
C VAL B 546 -40.94 28.14 -31.43
N GLN B 547 -40.05 27.17 -31.54
CA GLN B 547 -39.10 26.87 -30.47
C GLN B 547 -37.68 27.10 -30.97
N ASP B 548 -36.74 27.21 -30.04
CA ASP B 548 -35.34 27.47 -30.37
C ASP B 548 -34.76 26.33 -31.21
N ARG B 549 -33.91 26.69 -32.17
CA ARG B 549 -33.28 25.71 -33.05
C ARG B 549 -31.83 26.08 -33.34
N ASP B 555 -28.66 28.05 -27.92
CA ASP B 555 -28.24 28.56 -29.22
C ASP B 555 -28.57 27.57 -30.33
N GLY B 556 -27.94 27.75 -31.49
CA GLY B 556 -28.17 26.88 -32.63
C GLY B 556 -27.33 25.62 -32.59
N TRP B 557 -26.75 25.27 -33.75
CA TRP B 557 -25.91 24.09 -33.89
C TRP B 557 -26.64 22.81 -33.48
N GLU B 558 -27.95 22.80 -33.63
CA GLU B 558 -28.76 21.66 -33.19
C GLU B 558 -29.00 20.65 -34.31
N LEU B 559 -29.49 21.14 -35.45
CA LEU B 559 -29.80 20.27 -36.58
C LEU B 559 -28.54 19.60 -37.11
N SER B 560 -27.43 20.33 -37.08
CA SER B 560 -26.15 19.85 -37.56
C SER B 560 -25.72 18.58 -36.83
N ILE B 561 -25.83 18.60 -35.51
CA ILE B 561 -25.45 17.46 -34.69
C ILE B 561 -26.49 16.35 -34.79
N SER B 562 -27.76 16.74 -34.89
CA SER B 562 -28.85 15.79 -34.98
C SER B 562 -28.76 14.94 -36.23
N VAL B 563 -28.27 15.53 -37.32
CA VAL B 563 -28.06 14.81 -38.57
C VAL B 563 -26.67 14.16 -38.54
N LEU B 564 -25.75 14.77 -37.79
CA LEU B 564 -24.39 14.25 -37.64
C LEU B 564 -24.41 12.85 -37.04
N GLY B 565 -25.16 12.68 -35.95
CA GLY B 565 -25.31 11.40 -35.30
C GLY B 565 -26.54 10.66 -35.80
N ARG B 566 -26.78 10.73 -37.10
CA ARG B 566 -27.94 10.10 -37.71
C ARG B 566 -27.53 9.15 -38.82
N PRO B 570 -24.10 2.84 -40.46
CA PRO B 570 -22.76 3.07 -39.94
C PRO B 570 -22.76 3.64 -38.53
N GLU B 571 -21.73 3.32 -37.75
CA GLU B 571 -21.64 3.79 -36.38
C GLU B 571 -20.38 4.60 -36.15
N ARG B 572 -19.85 5.19 -37.22
CA ARG B 572 -18.66 6.02 -37.13
C ARG B 572 -19.04 7.50 -37.02
N SER B 573 -20.21 7.76 -36.45
CA SER B 573 -20.70 9.12 -36.28
C SER B 573 -19.88 9.90 -35.27
N GLU B 574 -19.49 9.23 -34.19
CA GLU B 574 -18.73 9.86 -33.12
C GLU B 574 -17.38 10.38 -33.60
N GLU B 575 -16.86 9.78 -34.66
CA GLU B 575 -15.59 10.20 -35.25
C GLU B 575 -15.71 11.60 -35.84
N VAL B 577 -18.41 13.67 -34.81
CA VAL B 577 -18.91 14.44 -33.67
C VAL B 577 -17.72 15.02 -32.91
N ARG B 578 -16.70 14.19 -32.70
CA ARG B 578 -15.49 14.63 -32.03
C ARG B 578 -14.87 15.84 -32.73
N ASP B 579 -14.73 15.73 -34.05
CA ASP B 579 -14.11 16.77 -34.86
C ASP B 579 -14.89 18.08 -34.82
N LEU B 580 -16.20 18.00 -35.07
CA LEU B 580 -17.03 19.21 -35.14
C LEU B 580 -17.19 19.86 -33.77
N VAL B 581 -17.41 19.05 -32.74
CA VAL B 581 -17.54 19.57 -31.38
C VAL B 581 -16.24 20.21 -30.94
N GLU B 582 -15.10 19.60 -31.30
CA GLU B 582 -13.80 20.17 -30.99
C GLU B 582 -13.61 21.50 -31.72
N HIS B 583 -14.10 21.55 -32.96
CA HIS B 583 -14.04 22.78 -33.75
C HIS B 583 -14.90 23.87 -33.10
N LEU B 584 -15.94 23.45 -32.41
CA LEU B 584 -16.79 24.38 -31.68
C LEU B 584 -16.09 24.82 -30.38
N VAL B 585 -15.27 23.92 -29.85
CA VAL B 585 -14.52 24.19 -28.62
C VAL B 585 -13.44 25.23 -28.91
N GLN B 586 -12.84 25.14 -30.10
CA GLN B 586 -11.83 26.10 -30.52
C GLN B 586 -12.39 27.51 -30.58
N GLN B 587 -13.70 27.61 -30.79
CA GLN B 587 -14.38 28.90 -30.81
C GLN B 587 -15.41 28.99 -29.68
N LEU B 588 -15.20 28.20 -28.63
CA LEU B 588 -16.10 28.20 -27.48
C LEU B 588 -15.74 29.31 -26.51
N HIS B 589 -14.54 29.85 -26.66
CA HIS B 589 -14.06 30.92 -25.79
C HIS B 589 -14.94 32.16 -25.87
N VAL B 590 -16.10 32.10 -25.22
CA VAL B 590 -17.05 33.20 -25.20
C VAL B 590 -17.96 33.08 -24.00
N ASP B 591 -18.11 34.18 -23.25
CA ASP B 591 -18.94 34.18 -22.06
C ASP B 591 -20.42 34.06 -22.41
N SER B 592 -20.83 32.87 -22.83
CA SER B 592 -22.21 32.60 -23.19
C SER B 592 -22.63 31.21 -22.73
N ASN B 593 -23.61 31.15 -21.84
CA ASN B 593 -24.05 29.89 -21.28
C ASN B 593 -25.03 29.16 -22.19
N ALA B 594 -25.69 29.89 -23.07
CA ALA B 594 -26.71 29.33 -23.96
C ALA B 594 -26.11 28.32 -24.92
N THR B 595 -24.96 28.65 -25.49
CA THR B 595 -24.31 27.78 -26.46
C THR B 595 -23.89 26.46 -25.83
N VAL B 596 -23.29 26.53 -24.65
CA VAL B 596 -22.82 25.33 -23.96
C VAL B 596 -23.99 24.50 -23.45
N ASP B 597 -25.04 25.19 -23.01
CA ASP B 597 -26.25 24.51 -22.53
C ASP B 597 -26.91 23.73 -23.65
N ARG B 598 -27.10 24.39 -24.79
CA ARG B 598 -27.70 23.74 -25.95
C ARG B 598 -26.83 22.60 -26.45
N LEU B 599 -25.53 22.85 -26.56
CA LEU B 599 -24.58 21.84 -27.01
C LEU B 599 -24.62 20.61 -26.11
N TRP B 600 -24.77 20.84 -24.80
CA TRP B 600 -24.87 19.76 -23.84
C TRP B 600 -26.20 19.01 -24.03
N PHE B 601 -27.26 19.76 -24.28
CA PHE B 601 -28.57 19.18 -24.54
C PHE B 601 -28.54 18.27 -25.76
N LEU B 602 -27.67 18.60 -26.71
CA LEU B 602 -27.53 17.82 -27.94
C LEU B 602 -26.64 16.60 -27.75
N LEU B 603 -25.53 16.79 -27.06
CA LEU B 603 -24.57 15.70 -26.84
C LEU B 603 -25.11 14.68 -25.84
N ASN B 604 -26.07 15.08 -25.04
CA ASN B 604 -26.68 14.18 -24.06
C ASN B 604 -27.88 13.45 -24.65
N GLU B 605 -28.14 13.68 -25.93
CA GLU B 605 -29.27 13.05 -26.61
C GLU B 605 -28.85 11.68 -27.16
N LEU B 606 -27.57 11.36 -27.05
CA LEU B 606 -27.05 10.08 -27.52
C LEU B 606 -26.19 9.43 -26.45
N GLY B 607 -25.35 8.48 -26.87
CA GLY B 607 -24.44 7.82 -25.95
C GLY B 607 -23.07 8.47 -25.93
N ILE B 609 -21.27 10.93 -23.64
CA ILE B 609 -21.19 11.70 -22.39
C ILE B 609 -19.81 12.35 -22.25
N GLU B 610 -18.79 11.69 -22.78
CA GLU B 610 -17.42 12.17 -22.65
C GLU B 610 -17.20 13.50 -23.37
N PHE B 611 -17.87 13.69 -24.49
CA PHE B 611 -17.72 14.92 -25.27
C PHE B 611 -18.33 16.10 -24.53
N ALA B 612 -19.52 15.90 -23.97
CA ALA B 612 -20.17 16.93 -23.17
C ALA B 612 -19.35 17.20 -21.91
N GLU B 613 -18.70 16.14 -21.41
CA GLU B 613 -17.84 16.25 -20.25
C GLU B 613 -16.67 17.18 -20.52
N ASP B 614 -15.93 16.89 -21.59
CA ASP B 614 -14.81 17.73 -21.99
C ASP B 614 -15.28 19.15 -22.33
N THR B 615 -16.50 19.25 -22.86
CA THR B 615 -17.08 20.53 -23.21
C THR B 615 -17.29 21.42 -21.99
N THR B 616 -18.06 20.93 -21.03
CA THR B 616 -18.34 21.70 -19.82
C THR B 616 -17.09 21.90 -18.97
N GLU B 617 -16.17 20.95 -19.03
CA GLU B 617 -14.91 21.05 -18.31
C GLU B 617 -14.06 22.18 -18.86
N THR B 618 -13.87 22.19 -20.18
CA THR B 618 -13.07 23.22 -20.82
C THR B 618 -13.80 24.55 -20.77
N TYR B 619 -15.12 24.51 -20.56
CA TYR B 619 -15.89 25.73 -20.37
C TYR B 619 -15.64 26.28 -18.97
N GLY B 620 -15.44 25.37 -18.02
CA GLY B 620 -15.02 25.76 -16.69
C GLY B 620 -13.62 26.36 -16.74
N ASP B 621 -12.81 25.82 -17.64
CA ASP B 621 -11.47 26.35 -17.88
C ASP B 621 -11.56 27.73 -18.54
N ILE B 622 -12.61 27.94 -19.32
CA ILE B 622 -12.87 29.23 -19.95
C ILE B 622 -13.21 30.26 -18.88
N LEU B 623 -14.07 29.86 -17.96
CA LEU B 623 -14.58 30.75 -16.93
C LEU B 623 -13.66 30.78 -15.71
N ALA B 624 -12.41 30.37 -15.89
CA ALA B 624 -11.39 30.54 -14.87
C ALA B 624 -11.16 32.03 -14.65
N ARG B 625 -10.87 32.73 -15.76
CA ARG B 625 -10.75 34.19 -15.79
C ARG B 625 -9.84 34.73 -14.69
N ASP B 626 -10.32 35.71 -13.94
CA ASP B 626 -9.49 36.32 -12.89
C ASP B 626 -10.14 36.13 -11.51
N SER B 627 -11.43 36.42 -11.38
CA SER B 627 -12.17 36.24 -10.12
C SER B 627 -13.64 36.62 -10.21
N HIS B 628 -14.35 36.04 -11.17
CA HIS B 628 -15.79 36.30 -11.29
C HIS B 628 -16.54 35.07 -11.77
N ARG B 629 -17.87 35.15 -11.66
CA ARG B 629 -18.80 34.09 -12.05
C ARG B 629 -18.82 32.96 -11.04
N TYR B 630 -17.64 32.69 -10.47
CA TYR B 630 -17.42 31.65 -9.45
C TYR B 630 -18.37 30.45 -9.50
N GLY B 631 -19.53 30.61 -8.87
CA GLY B 631 -20.47 29.52 -8.66
C GLY B 631 -21.16 29.02 -9.91
N GLU B 632 -21.26 29.88 -10.90
CA GLU B 632 -21.66 29.48 -12.23
C GLU B 632 -20.58 28.54 -12.73
N ALA B 633 -19.36 29.06 -12.79
CA ALA B 633 -18.19 28.29 -13.19
C ALA B 633 -18.04 27.04 -12.33
N TRP B 635 -20.34 25.46 -10.98
CA TRP B 635 -21.39 24.53 -11.36
C TRP B 635 -21.03 23.86 -12.68
N TYR B 636 -20.33 24.59 -13.56
CA TYR B 636 -19.85 24.01 -14.81
C TYR B 636 -18.62 23.14 -14.57
N TYR B 637 -18.15 23.14 -13.34
CA TYR B 637 -17.13 22.20 -12.88
C TYR B 637 -17.82 21.00 -12.24
N ALA B 638 -18.92 21.28 -11.55
CA ALA B 638 -19.69 20.25 -10.85
C ALA B 638 -20.29 19.25 -11.84
N LEU B 639 -20.95 19.77 -12.86
CA LEU B 639 -21.54 18.93 -13.89
C LEU B 639 -20.44 18.18 -14.63
N ALA B 640 -20.79 17.00 -15.13
CA ALA B 640 -19.87 16.16 -15.90
C ALA B 640 -18.66 15.73 -15.08
N HIS B 641 -18.92 15.16 -13.91
CA HIS B 641 -17.88 14.59 -13.05
C HIS B 641 -16.80 15.59 -12.67
N ARG B 642 -15.55 15.11 -12.67
CA ARG B 642 -14.40 15.88 -12.22
C ARG B 642 -14.64 16.52 -10.85
N PRO B 643 -14.93 15.68 -9.83
CA PRO B 643 -15.29 16.22 -8.51
C PRO B 643 -14.09 16.81 -7.76
N ASN B 644 -12.89 16.36 -8.11
CA ASN B 644 -11.68 16.87 -7.49
C ASN B 644 -11.45 18.33 -7.88
N LYS B 645 -11.85 18.67 -9.09
CA LYS B 645 -11.75 20.05 -9.57
C LYS B 645 -12.76 20.93 -8.85
N VAL B 646 -13.94 20.38 -8.59
CA VAL B 646 -14.98 21.09 -7.87
C VAL B 646 -14.52 21.35 -6.44
N ARG B 647 -13.89 20.35 -5.84
CA ARG B 647 -13.35 20.46 -4.49
C ARG B 647 -12.18 21.43 -4.48
N GLU B 648 -11.52 21.56 -5.64
CA GLU B 648 -10.41 22.51 -5.78
C GLU B 648 -10.95 23.94 -5.81
N VAL B 649 -12.01 24.16 -6.56
CA VAL B 649 -12.65 25.47 -6.63
C VAL B 649 -13.21 25.83 -5.26
N ASN B 651 -12.03 24.74 -2.42
CA ASN B 651 -10.85 25.02 -1.59
C ASN B 651 -10.33 26.44 -1.83
N LEU B 652 -10.29 26.86 -3.09
CA LEU B 652 -9.85 28.21 -3.42
C LEU B 652 -10.81 29.26 -2.87
N LEU B 653 -12.10 28.94 -2.90
CA LEU B 653 -13.13 29.85 -2.43
C LEU B 653 -13.04 30.06 -0.91
N THR B 654 -13.00 28.95 -0.17
CA THR B 654 -12.91 29.04 1.29
C THR B 654 -11.55 29.60 1.71
N SER B 655 -10.53 29.38 0.88
CA SER B 655 -9.22 29.97 1.12
C SER B 655 -9.32 31.49 1.01
N TYR B 656 -9.99 31.95 -0.04
CA TYR B 656 -10.22 33.37 -0.22
C TYR B 656 -11.08 33.94 0.90
N SER B 657 -11.90 33.08 1.50
CA SER B 657 -12.70 33.49 2.66
C SER B 657 -11.80 33.68 3.88
N LEU B 658 -10.82 32.79 4.02
CA LEU B 658 -9.92 32.84 5.18
C LEU B 658 -8.90 33.96 5.09
N ILE B 659 -8.48 34.30 3.87
CA ILE B 659 -7.50 35.35 3.67
C ILE B 659 -8.07 36.70 4.10
N GLN B 660 -9.28 37.00 3.64
CA GLN B 660 -9.93 38.25 3.99
C GLN B 660 -10.39 38.26 5.44
N PRO B 665 -15.11 37.08 7.43
CA PRO B 665 -14.81 36.40 6.16
C PRO B 665 -15.97 36.45 5.17
N PRO B 666 -16.15 37.59 4.49
CA PRO B 666 -17.23 37.76 3.51
C PRO B 666 -17.05 36.90 2.27
N ALA B 667 -15.86 36.97 1.66
CA ALA B 667 -15.55 36.23 0.44
C ALA B 667 -16.53 36.55 -0.68
N ASN B 668 -17.45 35.62 -0.92
CA ASN B 668 -18.47 35.78 -1.96
C ASN B 668 -19.60 36.66 -1.43
N ASP B 669 -19.62 37.93 -1.84
CA ASP B 669 -20.60 38.88 -1.32
C ASP B 669 -21.18 39.79 -2.40
N LEU B 670 -22.31 40.41 -2.08
CA LEU B 670 -22.99 41.38 -2.96
C LEU B 670 -23.34 40.77 -4.32
N ASP B 671 -22.78 41.33 -5.38
CA ASP B 671 -23.09 40.90 -6.74
C ASP B 671 -22.73 39.43 -6.96
N ASP B 672 -21.72 38.97 -6.22
CA ASP B 672 -21.26 37.59 -6.31
C ASP B 672 -22.35 36.61 -5.89
N TYR B 673 -23.35 37.11 -5.15
CA TYR B 673 -24.49 36.27 -4.78
C TYR B 673 -25.24 35.82 -6.03
N LEU B 674 -25.26 36.66 -7.05
CA LEU B 674 -25.88 36.31 -8.32
C LEU B 674 -25.14 35.13 -8.95
N TYR B 675 -23.84 35.03 -8.67
CA TYR B 675 -23.05 33.92 -9.20
C TYR B 675 -23.49 32.61 -8.53
N LYS B 676 -24.02 32.72 -7.32
CA LYS B 676 -24.58 31.55 -6.64
C LYS B 676 -26.10 31.60 -6.70
N LEU B 677 -26.70 32.42 -5.84
CA LEU B 677 -28.14 32.62 -5.78
C LEU B 677 -28.88 31.33 -5.41
N LEU B 678 -28.13 30.32 -5.00
CA LEU B 678 -28.71 29.06 -4.56
C LEU B 678 -28.89 29.10 -3.04
N ASN B 679 -29.61 30.10 -2.57
CA ASN B 679 -29.81 30.32 -1.13
C ASN B 679 -30.50 29.13 -0.48
N ASP B 680 -31.49 28.58 -1.15
CA ASP B 680 -32.19 27.39 -0.65
C ASP B 680 -31.35 26.15 -0.89
N ARG B 681 -31.31 25.27 0.11
CA ARG B 681 -30.52 24.05 0.01
C ARG B 681 -31.38 22.87 -0.42
N LYS B 682 -32.70 23.05 -0.35
CA LYS B 682 -33.64 21.99 -0.71
C LYS B 682 -34.31 22.26 -2.05
N ASN B 683 -34.82 23.48 -2.21
CA ASN B 683 -35.52 23.87 -3.42
C ASN B 683 -34.60 23.89 -4.64
N THR B 684 -33.41 24.45 -4.46
CA THR B 684 -32.43 24.55 -5.53
C THR B 684 -32.03 23.17 -6.05
N LEU B 685 -31.64 22.29 -5.13
CA LEU B 685 -31.24 20.94 -5.50
C LEU B 685 -32.40 20.17 -6.13
N GLU B 686 -33.62 20.49 -5.72
CA GLU B 686 -34.80 19.84 -6.27
C GLU B 686 -35.09 20.35 -7.68
N GLN B 687 -34.66 21.57 -7.96
CA GLN B 687 -34.91 22.18 -9.27
C GLN B 687 -33.69 22.03 -10.19
N CYS B 688 -32.62 21.46 -9.67
CA CYS B 688 -31.39 21.29 -10.45
C CYS B 688 -31.13 19.82 -10.77
N ALA B 689 -31.58 18.93 -9.90
CA ALA B 689 -31.39 17.50 -10.11
C ALA B 689 -32.45 16.94 -11.07
N SER B 690 -33.30 17.82 -11.57
CA SER B 690 -34.32 17.43 -12.54
C SER B 690 -33.67 16.98 -13.85
N GLN B 691 -32.56 17.62 -14.20
CA GLN B 691 -31.80 17.24 -15.38
C GLN B 691 -31.01 15.96 -15.11
N ASP B 692 -30.00 16.08 -14.25
CA ASP B 692 -29.21 14.92 -13.83
C ASP B 692 -29.25 14.76 -12.31
N GLU B 694 -28.21 11.96 -10.31
CA GLU B 694 -26.98 11.37 -9.77
C GLU B 694 -25.77 12.29 -9.88
N ALA B 695 -25.91 13.38 -10.65
CA ALA B 695 -24.82 14.34 -10.79
C ALA B 695 -25.05 15.57 -9.92
N ALA B 696 -26.18 16.25 -10.14
CA ALA B 696 -26.48 17.50 -9.45
C ALA B 696 -26.71 17.30 -7.96
N GLU B 697 -27.25 16.15 -7.58
CA GLU B 697 -27.51 15.89 -6.17
C GLU B 697 -26.22 15.60 -5.40
N LEU B 698 -25.40 14.71 -5.96
CA LEU B 698 -24.16 14.32 -5.31
C LEU B 698 -23.14 15.47 -5.29
N LEU B 699 -23.01 16.17 -6.43
CA LEU B 699 -22.10 17.30 -6.52
C LEU B 699 -22.68 18.51 -5.79
N GLY B 700 -24.00 18.52 -5.61
CA GLY B 700 -24.66 19.57 -4.88
C GLY B 700 -24.61 19.35 -3.38
N LYS B 701 -24.30 18.12 -2.99
CA LYS B 701 -24.17 17.78 -1.57
C LYS B 701 -22.79 18.14 -1.05
N LEU B 703 -21.76 21.29 -1.41
CA LEU B 703 -21.87 22.74 -1.24
C LEU B 703 -22.32 23.15 0.16
N SER B 704 -22.74 22.16 0.96
CA SER B 704 -23.26 22.43 2.31
C SER B 704 -22.24 23.12 3.20
N GLY B 705 -20.99 22.65 3.12
CA GLY B 705 -19.92 23.17 3.94
C GLY B 705 -19.72 24.67 3.85
N TYR B 706 -19.33 25.14 2.67
CA TYR B 706 -19.09 26.57 2.46
C TYR B 706 -20.36 27.39 2.65
N ALA B 707 -21.51 26.80 2.35
CA ALA B 707 -22.79 27.49 2.50
C ALA B 707 -23.05 27.82 3.96
N SER B 708 -22.99 26.80 4.81
CA SER B 708 -23.24 27.00 6.23
C SER B 708 -22.11 27.78 6.89
N LEU B 709 -20.90 27.68 6.33
CA LEU B 709 -19.76 28.46 6.82
C LEU B 709 -19.98 29.95 6.59
N ARG B 710 -20.35 30.29 5.35
CA ARG B 710 -20.65 31.67 5.00
C ARG B 710 -21.87 32.15 5.76
N GLN B 711 -22.77 31.23 6.07
CA GLN B 711 -23.92 31.53 6.91
C GLN B 711 -23.46 31.95 8.31
N PHE B 712 -22.49 31.20 8.85
CA PHE B 712 -21.91 31.51 10.15
C PHE B 712 -21.21 32.85 10.13
N TYR B 713 -20.52 33.14 9.02
CA TYR B 713 -19.83 34.41 8.86
C TYR B 713 -20.83 35.56 8.78
N ASP B 714 -22.01 35.27 8.25
CA ASP B 714 -23.05 36.27 8.09
C ASP B 714 -23.81 36.54 9.39
N ILE B 715 -23.95 35.50 10.21
CA ILE B 715 -24.66 35.62 11.48
C ILE B 715 -23.89 36.54 12.43
N ARG B 716 -22.62 36.25 12.64
CA ARG B 716 -21.79 37.04 13.54
C ARG B 716 -21.49 38.42 12.95
N PRO B 723 -35.07 34.11 19.10
CA PRO B 723 -33.85 34.82 18.71
C PRO B 723 -33.30 35.70 19.82
N HIS B 724 -32.15 35.33 20.36
CA HIS B 724 -31.51 36.11 21.42
C HIS B 724 -30.01 35.81 21.50
N ALA B 725 -29.59 35.18 22.59
CA ALA B 725 -28.19 34.85 22.80
C ALA B 725 -27.90 33.39 22.41
N THR B 726 -28.94 32.56 22.49
CA THR B 726 -28.81 31.14 22.14
C THR B 726 -28.57 30.85 20.66
N PRO B 727 -29.16 31.63 19.73
CA PRO B 727 -28.84 31.33 18.34
C PRO B 727 -27.38 31.62 17.98
N LEU B 728 -26.70 32.41 18.80
CA LEU B 728 -25.27 32.63 18.64
C LEU B 728 -24.52 31.34 18.96
N SER B 729 -24.98 30.65 19.99
CA SER B 729 -24.41 29.37 20.38
C SER B 729 -24.75 28.31 19.33
N ARG B 730 -25.90 28.45 18.70
CA ARG B 730 -26.31 27.55 17.63
C ARG B 730 -25.41 27.76 16.41
N ARG B 731 -25.12 29.02 16.12
CA ARG B 731 -24.25 29.37 15.01
C ARG B 731 -22.83 28.87 15.26
N LYS B 732 -22.38 29.02 16.50
CA LYS B 732 -21.05 28.52 16.89
C LYS B 732 -20.99 27.00 16.78
N GLN B 733 -22.08 26.34 17.16
CA GLN B 733 -22.17 24.89 17.07
C GLN B 733 -22.11 24.45 15.61
N ALA B 734 -22.80 25.18 14.75
CA ALA B 734 -22.78 24.90 13.32
C ALA B 734 -21.37 25.08 12.75
N ALA B 735 -20.72 26.16 13.16
CA ALA B 735 -19.36 26.45 12.71
C ALA B 735 -18.40 25.35 13.12
N THR B 736 -18.44 24.96 14.38
CA THR B 736 -17.59 23.89 14.89
C THR B 736 -17.89 22.58 14.17
N ALA B 737 -19.16 22.38 13.84
CA ALA B 737 -19.58 21.19 13.10
C ALA B 737 -18.95 21.15 11.72
N LEU B 738 -18.96 22.29 11.04
CA LEU B 738 -18.39 22.40 9.69
C LEU B 738 -16.87 22.22 9.72
N ILE B 739 -16.21 22.90 10.65
CA ILE B 739 -14.77 22.79 10.82
C ILE B 739 -14.41 21.34 11.09
N SER B 740 -15.23 20.68 11.91
CA SER B 740 -15.03 19.26 12.22
C SER B 740 -15.22 18.39 10.98
N VAL B 741 -16.15 18.78 10.12
CA VAL B 741 -16.41 18.06 8.88
C VAL B 741 -15.18 18.14 7.98
N ILE B 742 -14.61 19.34 7.87
CA ILE B 742 -13.42 19.53 7.04
C ILE B 742 -12.15 19.24 7.85
N ALA B 743 -12.32 18.62 9.01
CA ALA B 743 -11.18 18.17 9.83
C ALA B 743 -11.03 16.66 9.73
N SER B 744 -12.04 16.00 9.18
CA SER B 744 -12.05 14.54 9.07
C SER B 744 -11.13 14.06 7.97
N SER B 745 -10.91 14.90 6.95
CA SER B 745 -10.10 14.53 5.81
C SER B 745 -8.60 14.62 6.12
N ASP B 746 -8.18 13.98 7.21
CA ASP B 746 -6.79 13.98 7.62
C ASP B 746 -6.51 12.83 8.60
N ASP B 747 -5.46 12.07 8.31
CA ASP B 747 -5.09 10.95 9.16
C ASP B 747 -3.61 10.60 8.99
N GLU B 764 -8.02 21.08 3.21
CA GLU B 764 -7.56 20.42 4.41
C GLU B 764 -6.36 21.15 5.01
N ASP B 765 -5.65 21.90 4.17
CA ASP B 765 -4.48 22.64 4.61
C ASP B 765 -4.89 23.98 5.24
N PHE B 766 -6.09 24.43 4.90
CA PHE B 766 -6.61 25.71 5.41
C PHE B 766 -7.36 25.50 6.72
N LEU B 767 -7.40 24.26 7.19
CA LEU B 767 -8.16 23.89 8.37
C LEU B 767 -7.65 24.55 9.65
N LEU B 768 -6.33 24.59 9.81
CA LEU B 768 -5.71 25.07 11.04
C LEU B 768 -6.09 26.51 11.36
N ALA B 769 -6.18 27.35 10.33
CA ALA B 769 -6.55 28.75 10.50
C ALA B 769 -7.98 28.89 10.99
N LEU B 770 -8.89 28.14 10.37
CA LEU B 770 -10.29 28.09 10.77
C LEU B 770 -10.42 27.66 12.23
N LEU B 771 -9.82 26.51 12.54
CA LEU B 771 -9.84 25.95 13.87
C LEU B 771 -9.22 26.91 14.88
N GLY B 772 -8.31 27.76 14.40
CA GLY B 772 -7.69 28.77 15.24
C GLY B 772 -8.59 29.96 15.52
N GLU B 773 -9.35 30.39 14.52
CA GLU B 773 -10.30 31.48 14.69
C GLU B 773 -11.40 31.05 15.65
N ALA B 774 -11.96 29.86 15.40
CA ALA B 774 -12.95 29.29 16.30
C ALA B 774 -12.35 29.11 17.70
N LEU B 775 -11.07 28.75 17.72
CA LEU B 775 -10.31 28.59 18.95
C LEU B 775 -10.35 29.88 19.78
N VAL B 776 -10.06 31.00 19.13
CA VAL B 776 -10.07 32.29 19.80
C VAL B 776 -11.50 32.64 20.21
N PHE B 777 -12.47 32.21 19.41
CA PHE B 777 -13.87 32.54 19.70
C PHE B 777 -14.44 31.82 20.92
N VAL B 778 -14.07 30.56 21.09
CA VAL B 778 -14.65 29.73 22.17
C VAL B 778 -14.32 30.29 23.55
N SER B 779 -13.06 30.17 23.95
CA SER B 779 -12.65 30.62 25.28
C SER B 779 -11.16 30.90 25.37
N ASP B 780 -10.79 32.02 25.97
CA ASP B 780 -9.40 32.39 26.13
C ASP B 780 -9.22 33.28 27.37
N PRO B 781 -9.09 32.65 28.54
CA PRO B 781 -8.92 33.38 29.81
C PRO B 781 -7.54 34.04 29.93
N THR B 797 -23.59 22.29 23.72
CA THR B 797 -22.13 22.27 23.68
C THR B 797 -21.59 20.93 24.14
N LEU B 798 -20.55 20.97 24.97
CA LEU B 798 -19.91 19.78 25.54
C LEU B 798 -19.36 18.82 24.47
N ASP B 799 -20.24 18.29 23.63
CA ASP B 799 -19.84 17.37 22.57
C ASP B 799 -18.89 18.05 21.59
N GLN B 800 -19.24 19.26 21.18
CA GLN B 800 -18.43 20.03 20.24
C GLN B 800 -17.01 20.25 20.78
N ILE B 801 -16.91 20.41 22.09
CA ILE B 801 -15.61 20.55 22.75
C ILE B 801 -14.78 19.29 22.55
N ASP B 802 -15.41 18.14 22.74
CA ASP B 802 -14.74 16.86 22.56
C ASP B 802 -14.33 16.64 21.11
N VAL B 803 -15.16 17.12 20.19
CA VAL B 803 -14.86 16.97 18.77
C VAL B 803 -13.69 17.86 18.36
N LEU B 804 -13.67 19.09 18.88
CA LEU B 804 -12.57 20.02 18.61
C LEU B 804 -11.27 19.48 19.20
N LEU B 805 -11.37 18.91 20.39
CA LEU B 805 -10.23 18.31 21.07
C LEU B 805 -9.69 17.13 20.29
N LYS B 806 -10.61 16.34 19.73
CA LYS B 806 -10.25 15.21 18.88
C LYS B 806 -9.59 15.70 17.59
N ALA B 807 -10.01 16.87 17.13
CA ALA B 807 -9.46 17.48 15.92
C ALA B 807 -8.02 17.93 16.16
N ILE B 808 -7.79 18.56 17.33
CA ILE B 808 -6.46 18.99 17.72
C ILE B 808 -5.56 17.76 17.89
N GLU B 809 -6.12 16.72 18.48
CA GLU B 809 -5.39 15.45 18.67
C GLU B 809 -5.02 14.83 17.33
N ASP B 810 -5.92 14.95 16.35
CA ASP B 810 -5.70 14.38 15.03
C ASP B 810 -4.90 15.32 14.14
N LEU B 811 -4.52 16.48 14.68
CA LEU B 811 -3.74 17.46 13.94
C LEU B 811 -2.34 17.59 14.53
N GLN B 812 -2.22 17.21 15.80
CA GLN B 812 -0.94 17.32 16.51
C GLN B 812 -0.10 16.05 16.29
N ALA B 813 -0.62 15.13 15.49
CA ALA B 813 0.07 13.87 15.23
C ALA B 813 0.00 13.48 13.76
N VAL B 814 -0.10 14.47 12.88
CA VAL B 814 -0.15 14.21 11.45
C VAL B 814 1.23 13.84 10.94
N GLY B 815 2.13 14.82 10.92
CA GLY B 815 3.47 14.63 10.42
C GLY B 815 4.10 15.94 9.95
N SER B 816 5.10 15.83 9.08
CA SER B 816 5.79 17.01 8.57
C SER B 816 5.15 17.50 7.27
N ARG B 817 4.34 16.66 6.66
CA ARG B 817 3.71 16.98 5.39
C ARG B 817 2.57 18.00 5.54
N VAL B 818 1.55 17.63 6.33
CA VAL B 818 0.35 18.44 6.42
C VAL B 818 0.33 19.27 7.70
N TYR B 819 1.44 19.95 7.99
CA TYR B 819 1.50 20.88 9.12
C TYR B 819 2.29 22.13 8.73
N ASN B 820 3.35 21.93 7.97
CA ASN B 820 4.16 23.04 7.48
C ASN B 820 3.35 23.91 6.52
N ALA B 821 2.54 23.26 5.70
CA ALA B 821 1.69 23.96 4.74
C ALA B 821 0.56 24.68 5.46
N CYS B 822 0.03 24.06 6.51
CA CYS B 822 -1.05 24.66 7.29
C CYS B 822 -0.56 25.89 8.04
N ASP B 823 0.63 25.78 8.64
CA ASP B 823 1.23 26.89 9.36
C ASP B 823 1.63 28.01 8.40
N GLU B 824 2.15 27.63 7.24
CA GLU B 824 2.51 28.59 6.21
C GLU B 824 1.28 29.35 5.73
N PHE B 825 0.18 28.62 5.60
CA PHE B 825 -1.10 29.24 5.21
C PHE B 825 -1.58 30.18 6.30
N LEU B 826 -1.41 29.77 7.56
CA LEU B 826 -1.82 30.58 8.69
C LEU B 826 -1.01 31.88 8.73
N GLN B 827 0.25 31.80 8.33
CA GLN B 827 1.10 32.99 8.26
C GLN B 827 0.68 33.90 7.11
N LEU B 828 0.02 33.31 6.12
CA LEU B 828 -0.46 34.07 4.96
C LEU B 828 -1.90 34.54 5.18
N VAL B 829 -2.44 34.26 6.35
CA VAL B 829 -3.81 34.65 6.68
C VAL B 829 -3.82 35.92 7.52
N LEU B 830 -2.89 35.99 8.48
CA LEU B 830 -2.82 37.13 9.39
C LEU B 830 -2.55 38.43 8.67
N ALA B 831 -1.91 38.34 7.50
CA ALA B 831 -1.67 39.51 6.67
C ALA B 831 -2.86 39.76 5.75
N SER B 832 -3.67 40.74 6.09
CA SER B 832 -4.87 41.05 5.31
C SER B 832 -4.56 41.99 4.17
N ALA B 833 -4.47 41.45 2.97
CA ALA B 833 -4.20 42.25 1.77
C ALA B 833 -5.47 42.52 0.94
N PRO B 834 -6.29 41.48 0.66
CA PRO B 834 -7.50 41.81 -0.08
C PRO B 834 -8.68 42.11 0.84
N GLY B 835 -8.43 42.80 1.94
CA GLY B 835 -9.47 43.14 2.89
C GLY B 835 -8.94 43.58 4.24
N GLY B 864 -15.28 41.00 16.77
CA GLY B 864 -15.28 39.55 16.66
C GLY B 864 -14.00 38.99 16.06
N SER B 865 -13.88 39.11 14.74
CA SER B 865 -12.70 38.62 14.03
C SER B 865 -11.49 39.53 14.24
N SER B 866 -11.76 40.77 14.66
CA SER B 866 -10.70 41.73 14.91
C SER B 866 -9.87 41.32 16.13
N LEU B 867 -10.57 40.89 17.17
CA LEU B 867 -9.90 40.42 18.38
C LEU B 867 -9.13 39.14 18.11
N VAL B 868 -9.66 38.33 17.19
CA VAL B 868 -9.01 37.10 16.78
C VAL B 868 -7.70 37.41 16.07
N ALA B 869 -7.78 38.29 15.08
CA ALA B 869 -6.62 38.69 14.28
C ALA B 869 -5.57 39.38 15.16
N SER B 870 -6.03 40.15 16.14
CA SER B 870 -5.12 40.85 17.03
C SER B 870 -4.43 39.88 17.99
N GLN B 871 -5.18 38.88 18.46
CA GLN B 871 -4.64 37.87 19.35
C GLN B 871 -3.64 36.98 18.63
N LEU B 872 -3.91 36.69 17.36
CA LEU B 872 -3.03 35.86 16.56
C LEU B 872 -1.79 36.64 16.12
N GLN B 873 -1.95 37.94 15.88
CA GLN B 873 -0.83 38.79 15.51
C GLN B 873 0.09 39.00 16.70
N ARG B 874 -0.46 38.85 17.90
CA ARG B 874 0.32 38.97 19.13
C ARG B 874 0.84 37.61 19.57
N SER B 875 0.37 36.57 18.89
CA SER B 875 0.77 35.20 19.21
C SER B 875 2.00 34.77 18.43
N LEU B 876 2.15 35.29 17.22
CA LEU B 876 3.25 34.92 16.35
C LEU B 876 4.31 36.02 16.28
N SER B 877 4.14 37.05 17.09
CA SER B 877 5.08 38.16 17.13
C SER B 877 6.43 37.69 17.67
N GLY B 878 7.51 38.13 17.03
CA GLY B 878 8.85 37.71 17.42
C GLY B 878 9.80 38.86 17.66
N THR B 879 10.97 38.54 18.20
CA THR B 879 12.00 39.55 18.48
C THR B 879 13.19 39.37 17.55
N GLY B 880 13.45 40.39 16.73
CA GLY B 880 14.57 40.34 15.80
C GLY B 880 14.54 41.45 14.77
N GLY B 905 2.02 29.00 16.27
CA GLY B 905 0.99 28.05 15.88
C GLY B 905 0.66 27.07 16.99
N GLU B 906 1.68 26.62 17.71
CA GLU B 906 1.50 25.67 18.80
C GLU B 906 0.91 26.35 20.04
N ASP B 907 1.24 27.63 20.21
CA ASP B 907 0.72 28.41 21.32
C ASP B 907 -0.79 28.54 21.23
N ILE B 908 -1.29 28.58 20.00
CA ILE B 908 -2.72 28.65 19.75
C ILE B 908 -3.38 27.37 20.28
N ARG B 910 -2.16 25.40 22.51
CA ARG B 910 -2.01 25.41 23.96
C ARG B 910 -3.16 26.20 24.58
N ARG B 911 -3.49 27.32 23.94
CA ARG B 911 -4.62 28.15 24.36
C ARG B 911 -5.93 27.38 24.17
N LEU B 912 -5.94 26.45 23.22
CA LEU B 912 -7.10 25.61 23.00
C LEU B 912 -7.26 24.64 24.15
N ARG B 913 -6.15 24.03 24.56
CA ARG B 913 -6.17 23.05 25.64
C ARG B 913 -6.59 23.73 26.94
N LEU B 914 -5.92 24.83 27.27
CA LEU B 914 -6.23 25.59 28.48
C LEU B 914 -7.68 26.08 28.46
N GLY B 915 -8.06 26.72 27.36
CA GLY B 915 -9.39 27.29 27.21
C GLY B 915 -10.52 26.28 27.28
N LEU B 916 -10.38 25.16 26.58
CA LEU B 916 -11.40 24.13 26.58
C LEU B 916 -11.41 23.36 27.89
N ALA B 917 -10.27 23.31 28.56
CA ALA B 917 -10.22 22.72 29.89
C ALA B 917 -10.98 23.61 30.87
N LYS B 918 -10.95 24.91 30.61
CA LYS B 918 -11.73 25.87 31.40
C LYS B 918 -13.21 25.73 31.09
N ASP B 919 -13.52 25.60 29.81
CA ASP B 919 -14.90 25.44 29.36
C ASP B 919 -15.50 24.13 29.87
N LEU B 920 -14.63 23.17 30.15
CA LEU B 920 -15.06 21.90 30.74
C LEU B 920 -15.15 22.04 32.24
N ALA B 921 -14.33 22.94 32.79
CA ALA B 921 -14.38 23.23 34.22
C ALA B 921 -15.65 23.97 34.57
N GLY B 922 -16.25 24.60 33.56
CA GLY B 922 -17.48 25.36 33.75
C GLY B 922 -18.74 24.70 33.23
N LEU B 923 -18.77 24.39 31.93
CA LEU B 923 -19.98 23.89 31.29
C LEU B 923 -20.32 22.45 31.66
N TRP B 924 -19.30 21.61 31.79
CA TRP B 924 -19.50 20.19 32.06
C TRP B 924 -20.13 19.96 33.43
N LEU B 925 -19.93 20.90 34.34
CA LEU B 925 -20.54 20.83 35.67
C LEU B 925 -21.92 21.50 35.65
N ALA B 926 -22.85 20.88 34.94
CA ALA B 926 -24.21 21.42 34.81
C ALA B 926 -25.24 20.37 35.22
N GLU B 927 -25.06 19.83 36.42
CA GLU B 927 -25.98 18.83 36.96
C GLU B 927 -27.33 19.46 37.29
N ALA B 928 -28.37 18.64 37.31
CA ALA B 928 -29.72 19.13 37.63
C ALA B 928 -30.39 18.23 38.67
N MET C 26 -22.53 14.99 66.61
CA MET C 26 -23.93 15.35 66.46
C MET C 26 -24.11 16.86 66.38
N LEU C 27 -23.18 17.59 67.01
CA LEU C 27 -23.23 19.04 67.01
C LEU C 27 -22.82 19.62 65.66
N SER C 28 -21.87 18.96 65.01
CA SER C 28 -21.34 19.41 63.72
C SER C 28 -22.43 19.56 62.67
N ARG C 29 -23.45 18.70 62.75
CA ARG C 29 -24.58 18.78 61.84
C ARG C 29 -25.31 20.11 62.00
N LEU C 30 -25.55 20.50 63.25
CA LEU C 30 -26.22 21.76 63.56
C LEU C 30 -25.33 22.96 63.23
N PHE C 31 -24.02 22.79 63.38
CA PHE C 31 -23.08 23.85 63.02
C PHE C 31 -23.13 24.12 61.52
N THR C 32 -22.98 23.06 60.73
CA THR C 32 -22.99 23.17 59.28
C THR C 32 -24.36 23.60 58.76
N ALA C 33 -25.40 23.25 59.49
CA ALA C 33 -26.75 23.68 59.14
C ALA C 33 -26.93 25.17 59.46
N ALA C 34 -26.20 25.63 60.47
CA ALA C 34 -26.29 27.02 60.90
C ALA C 34 -25.31 27.91 60.12
N THR C 35 -24.45 27.29 59.33
CA THR C 35 -23.53 28.04 58.48
C THR C 35 -24.32 28.90 57.50
N SER C 36 -25.29 28.28 56.84
CA SER C 36 -26.18 28.97 55.89
C SER C 36 -25.40 29.82 54.89
N ILE C 37 -24.65 29.16 54.02
CA ILE C 37 -23.74 29.86 53.13
C ILE C 37 -24.45 30.60 52.00
N SER C 38 -24.44 31.93 52.10
CA SER C 38 -24.79 32.79 50.98
C SER C 38 -23.53 33.56 50.62
N HIS C 39 -23.65 34.64 49.85
CA HIS C 39 -22.48 35.47 49.54
C HIS C 39 -21.86 36.00 50.83
N PHE C 40 -20.96 35.22 51.43
CA PHE C 40 -20.50 35.49 52.77
C PHE C 40 -19.21 36.32 52.85
N GLU C 41 -18.12 35.80 52.29
CA GLU C 41 -16.78 36.36 52.48
C GLU C 41 -16.45 36.55 53.96
N GLU C 42 -17.08 35.75 54.82
CA GLU C 42 -16.95 35.90 56.26
C GLU C 42 -16.80 34.56 56.97
N ALA C 43 -17.39 33.51 56.41
CA ALA C 43 -17.27 32.18 56.98
C ALA C 43 -15.86 31.66 56.86
N HIS C 44 -15.10 32.23 55.92
CA HIS C 44 -13.69 31.91 55.77
C HIS C 44 -12.92 32.33 57.02
N SER C 45 -13.34 33.46 57.59
CA SER C 45 -12.76 33.93 58.85
C SER C 45 -13.08 32.94 59.97
N ALA C 46 -14.27 32.35 59.90
CA ALA C 46 -14.68 31.34 60.86
C ALA C 46 -13.90 30.04 60.64
N LEU C 47 -13.38 29.87 59.43
CA LEU C 47 -12.57 28.71 59.10
C LEU C 47 -11.13 28.88 59.60
N LEU C 48 -10.61 30.09 59.49
CA LEU C 48 -9.25 30.37 59.93
C LEU C 48 -9.20 30.63 61.43
N SER C 49 -10.36 30.86 62.03
CA SER C 49 -10.44 31.06 63.48
C SER C 49 -10.41 29.73 64.21
N MET C 50 -11.02 28.71 63.62
CA MET C 50 -11.05 27.38 64.22
C MET C 50 -9.69 26.72 64.16
N MET C 55 -10.39 24.41 66.28
CA MET C 55 -9.44 23.34 66.54
C MET C 55 -9.48 22.28 65.43
N GLN C 56 -10.68 21.78 65.15
CA GLN C 56 -10.86 20.76 64.12
C GLN C 56 -11.89 21.20 63.10
N LYS C 57 -11.46 21.34 61.85
CA LYS C 57 -12.34 21.73 60.76
C LYS C 57 -12.88 20.51 60.02
N SER C 58 -13.25 19.48 60.78
CA SER C 58 -13.77 18.25 60.21
C SER C 58 -15.22 18.43 59.76
N TYR C 59 -15.86 19.49 60.24
CA TYR C 59 -17.25 19.77 59.88
C TYR C 59 -17.34 20.40 58.50
N LEU C 60 -16.20 20.90 58.02
CA LEU C 60 -16.11 21.51 56.69
C LEU C 60 -16.59 20.52 55.64
N ARG C 61 -16.10 19.29 55.74
CA ARG C 61 -16.49 18.20 54.84
C ARG C 61 -18.01 18.07 54.74
N ARG C 62 -18.70 18.38 55.84
CA ARG C 62 -20.15 18.32 55.86
C ARG C 62 -20.77 19.47 55.06
N LEU C 63 -20.34 20.70 55.33
CA LEU C 63 -20.94 21.85 54.67
C LEU C 63 -20.68 21.78 53.16
N VAL C 64 -19.45 21.41 52.81
CA VAL C 64 -19.08 21.18 51.41
C VAL C 64 -20.01 20.15 50.80
N GLU C 65 -20.29 19.09 51.55
CA GLU C 65 -21.18 18.03 51.07
C GLU C 65 -22.55 18.63 50.78
N LYS C 66 -23.01 19.51 51.67
CA LYS C 66 -24.27 20.21 51.46
C LYS C 66 -24.15 21.08 50.23
N MET C 67 -23.01 21.76 50.10
CA MET C 67 -22.74 22.61 48.96
C MET C 67 -22.66 21.78 47.68
N CYS C 68 -22.46 20.48 47.85
CA CYS C 68 -22.39 19.58 46.71
C CYS C 68 -23.76 18.96 46.44
N GLU C 69 -24.58 18.91 47.48
CA GLU C 69 -25.93 18.38 47.38
C GLU C 69 -26.86 19.39 46.72
N THR C 70 -26.57 20.67 46.95
CA THR C 70 -27.34 21.76 46.36
C THR C 70 -26.80 22.11 44.97
N GLY C 71 -26.91 23.37 44.60
CA GLY C 71 -26.31 23.85 43.36
C GLY C 71 -24.80 23.75 43.44
N GLN C 72 -24.18 23.25 42.38
CA GLN C 72 -22.74 22.97 42.40
C GLN C 72 -21.93 23.96 41.56
N SER C 73 -20.61 23.84 41.65
CA SER C 73 -19.59 24.72 41.04
C SER C 73 -19.40 26.03 41.82
N SER C 74 -20.31 26.33 42.74
CA SER C 74 -20.27 27.59 43.48
C SER C 74 -19.00 27.71 44.33
N GLU C 75 -18.51 26.58 44.82
CA GLU C 75 -17.31 26.56 45.65
C GLU C 75 -16.05 26.65 44.80
N LEU C 76 -16.18 26.39 43.51
CA LEU C 76 -15.08 26.61 42.57
C LEU C 76 -14.83 28.11 42.50
N ILE C 77 -15.96 28.83 42.43
CA ILE C 77 -15.99 30.27 42.24
C ILE C 77 -15.37 31.03 43.41
N THR C 78 -15.62 30.58 44.63
CA THR C 78 -15.15 31.29 45.80
C THR C 78 -14.12 30.47 46.58
N LEU C 79 -12.94 31.05 46.78
CA LEU C 79 -11.86 30.36 47.48
C LEU C 79 -11.08 31.32 48.36
N PRO C 80 -11.06 31.06 49.68
CA PRO C 80 -10.36 31.89 50.65
C PRO C 80 -8.84 31.91 50.43
N PHE C 81 -8.18 30.78 50.66
CA PHE C 81 -6.74 30.68 50.50
C PHE C 81 -6.34 29.28 50.05
N SER C 82 -5.17 29.16 49.42
CA SER C 82 -4.69 27.87 48.93
C SER C 82 -4.40 26.91 50.07
N GLY C 83 -3.84 27.43 51.16
CA GLY C 83 -3.56 26.63 52.34
C GLY C 83 -4.82 26.07 52.95
N LEU C 84 -5.91 26.82 52.85
CA LEU C 84 -7.21 26.36 53.33
C LEU C 84 -7.88 25.49 52.27
N GLN C 85 -7.55 25.75 51.01
CA GLN C 85 -8.11 24.99 49.90
C GLN C 85 -7.53 23.59 49.86
N THR C 86 -6.37 23.40 50.49
CA THR C 86 -5.76 22.08 50.58
C THR C 86 -6.65 21.14 51.37
N LYS C 87 -7.23 21.66 52.46
CA LYS C 87 -8.10 20.89 53.33
C LYS C 87 -9.34 20.39 52.58
N VAL C 88 -10.03 21.31 51.92
CA VAL C 88 -11.25 20.97 51.18
C VAL C 88 -10.88 20.08 49.98
N ASP C 89 -9.65 20.23 49.48
CA ASP C 89 -9.18 19.39 48.39
C ASP C 89 -9.07 17.94 48.86
N ASP C 90 -8.40 17.74 49.99
CA ASP C 90 -8.29 16.41 50.56
C ASP C 90 -9.66 15.87 50.97
N ILE C 91 -10.57 16.78 51.28
CA ILE C 91 -11.93 16.41 51.66
C ILE C 91 -12.69 15.83 50.47
N LEU C 92 -12.69 16.55 49.35
CA LEU C 92 -13.39 16.09 48.16
C LEU C 92 -12.71 14.86 47.58
N VAL C 93 -11.39 14.80 47.71
CA VAL C 93 -10.63 13.63 47.26
C VAL C 93 -11.04 12.42 48.09
N GLU C 94 -11.21 12.62 49.39
CA GLU C 94 -11.68 11.56 50.28
C GLU C 94 -13.12 11.18 49.96
N LYS C 95 -13.83 12.07 49.27
CA LYS C 95 -15.20 11.81 48.87
C LYS C 95 -15.24 11.15 47.48
N CYS C 96 -14.08 11.07 46.84
CA CYS C 96 -13.96 10.45 45.53
C CYS C 96 -13.58 8.98 45.65
N ARG C 97 -12.93 8.63 46.77
CA ARG C 97 -12.46 7.27 46.99
C ARG C 97 -13.60 6.33 47.41
N ALA C 98 -14.79 6.90 47.61
CA ALA C 98 -15.95 6.13 48.02
C ALA C 98 -16.54 5.36 46.84
N THR C 99 -16.07 5.67 45.64
CA THR C 99 -16.55 5.05 44.40
C THR C 99 -18.07 5.17 44.26
N ARG C 100 -18.61 6.30 44.70
CA ARG C 100 -20.05 6.54 44.66
C ARG C 100 -20.51 6.75 43.22
N VAL C 106 -21.03 4.98 36.59
CA VAL C 106 -21.96 5.33 37.66
C VAL C 106 -22.13 6.84 37.75
N PRO C 107 -22.97 7.31 38.67
CA PRO C 107 -22.93 8.77 38.87
C PRO C 107 -21.83 9.22 39.83
N TYR C 108 -20.61 9.43 39.31
CA TYR C 108 -19.46 9.76 40.15
C TYR C 108 -19.52 11.18 40.72
N HIS C 109 -20.19 12.10 40.01
CA HIS C 109 -20.44 13.45 40.53
C HIS C 109 -19.20 14.25 40.96
N GLN C 110 -18.85 14.09 42.24
CA GLN C 110 -17.83 14.93 42.87
C GLN C 110 -16.51 14.89 42.14
N ILE C 111 -16.13 13.72 41.62
CA ILE C 111 -14.86 13.58 40.93
C ILE C 111 -14.77 14.57 39.78
N LEU C 112 -15.88 14.74 39.06
CA LEU C 112 -15.92 15.71 37.96
C LEU C 112 -15.62 17.09 38.53
N TYR C 113 -16.35 17.43 39.60
CA TYR C 113 -16.11 18.65 40.34
C TYR C 113 -14.65 18.70 40.79
N ALA C 114 -14.17 17.56 41.28
CA ALA C 114 -12.82 17.48 41.82
C ALA C 114 -11.80 17.75 40.74
N TRP C 115 -12.21 17.56 39.49
CA TRP C 115 -11.35 17.91 38.36
C TRP C 115 -11.39 19.41 38.15
N ARG C 116 -12.59 19.98 38.15
CA ARG C 116 -12.81 21.41 37.91
C ARG C 116 -11.95 22.31 38.81
N ILE C 117 -12.00 22.05 40.12
CA ILE C 117 -11.18 22.79 41.06
C ILE C 117 -9.71 22.55 40.72
N ASN C 118 -9.37 21.30 40.43
CA ASN C 118 -8.00 20.93 40.08
C ASN C 118 -7.66 21.38 38.67
N HIS C 119 -8.57 22.10 38.03
CA HIS C 119 -8.25 22.76 36.78
C HIS C 119 -7.68 24.14 37.06
N ASN C 120 -8.16 24.79 38.13
CA ASN C 120 -7.68 26.11 38.49
C ASN C 120 -6.19 26.04 38.83
N ASP C 121 -5.86 25.12 39.72
CA ASP C 121 -4.48 24.81 40.05
C ASP C 121 -4.33 23.30 40.11
N TYR C 122 -3.08 22.82 40.07
CA TYR C 122 -2.79 21.38 40.05
C TYR C 122 -3.46 20.67 38.88
N ARG C 123 -3.08 21.04 37.66
CA ARG C 123 -3.63 20.40 36.46
C ARG C 123 -3.23 18.93 36.41
N GLY C 124 -2.01 18.65 36.84
CA GLY C 124 -1.50 17.29 36.91
C GLY C 124 -2.39 16.40 37.75
N GLY C 125 -2.75 16.88 38.94
CA GLY C 125 -3.64 16.15 39.83
C GLY C 125 -5.01 15.91 39.21
N ALA C 126 -5.47 16.86 38.41
CA ALA C 126 -6.74 16.72 37.69
C ALA C 126 -6.65 15.57 36.69
N ALA C 127 -5.55 15.56 35.93
CA ALA C 127 -5.33 14.48 34.96
C ALA C 127 -5.25 13.13 35.66
N ILE C 128 -4.54 13.10 36.78
CA ILE C 128 -4.36 11.87 37.56
C ILE C 128 -5.70 11.34 38.06
N LEU C 129 -6.50 12.24 38.62
CA LEU C 129 -7.79 11.86 39.16
C LEU C 129 -8.73 11.41 38.04
N LEU C 130 -8.58 12.02 36.87
CA LEU C 130 -9.38 11.62 35.71
C LEU C 130 -8.92 10.24 35.20
N ASP C 131 -7.66 9.91 35.46
CA ASP C 131 -7.11 8.62 35.06
C ASP C 131 -7.62 7.53 36.00
N ARG C 132 -7.52 7.79 37.29
CA ARG C 132 -8.18 6.99 38.31
C ARG C 132 -9.64 6.77 37.95
N LEU C 133 -10.28 7.82 37.46
CA LEU C 133 -11.67 7.77 37.04
C LEU C 133 -11.85 6.79 35.88
N GLN C 134 -11.02 6.91 34.85
CA GLN C 134 -11.09 5.98 33.72
C GLN C 134 -10.87 4.54 34.16
N LYS C 135 -10.02 4.34 35.15
CA LYS C 135 -9.75 3.01 35.69
C LYS C 135 -10.95 2.47 36.46
N LEU C 136 -11.69 3.37 37.11
CA LEU C 136 -12.89 2.98 37.83
C LEU C 136 -14.01 2.60 36.86
N ARG C 137 -14.14 3.39 35.79
CA ARG C 137 -15.18 3.16 34.80
C ARG C 137 -14.89 1.92 33.95
N ARG C 138 -13.60 1.63 33.77
CA ARG C 138 -13.20 0.47 32.97
C ARG C 138 -13.43 -0.84 33.71
N ALA C 139 -13.54 -0.76 35.03
CA ALA C 139 -13.76 -1.94 35.85
C ALA C 139 -15.24 -2.07 36.24
N GLY C 140 -16.11 -1.45 35.45
CA GLY C 140 -17.54 -1.50 35.70
C GLY C 140 -18.37 -1.31 34.45
N ALA C 155 -22.28 4.42 25.50
CA ALA C 155 -22.09 4.27 26.93
C ALA C 155 -20.62 4.34 27.29
N LEU C 156 -19.90 3.25 27.06
CA LEU C 156 -18.48 3.19 27.36
C LEU C 156 -17.67 4.09 26.45
N ASP C 157 -18.10 4.23 25.21
CA ASP C 157 -17.38 5.05 24.23
C ASP C 157 -17.37 6.51 24.63
N THR C 158 -18.57 7.07 24.83
CA THR C 158 -18.72 8.50 25.13
C THR C 158 -18.03 8.91 26.43
N GLN C 159 -17.78 7.94 27.31
CA GLN C 159 -17.13 8.22 28.58
C GLN C 159 -15.62 8.04 28.50
N VAL C 160 -15.19 6.88 28.01
CA VAL C 160 -13.77 6.55 27.92
C VAL C 160 -13.04 7.46 26.94
N THR C 161 -13.60 7.62 25.73
CA THR C 161 -12.96 8.44 24.72
C THR C 161 -12.83 9.89 25.17
N ARG C 162 -13.88 10.41 25.79
CA ARG C 162 -13.87 11.78 26.31
C ARG C 162 -12.89 11.93 27.45
N GLN C 163 -12.78 10.89 28.28
CA GLN C 163 -11.86 10.89 29.41
C GLN C 163 -10.41 10.93 28.92
N TYR C 164 -10.11 10.14 27.90
CA TYR C 164 -8.77 10.12 27.33
C TYR C 164 -8.46 11.41 26.59
N LEU C 165 -9.46 11.97 25.92
CA LEU C 165 -9.29 13.24 25.22
C LEU C 165 -8.98 14.36 26.20
N LEU C 166 -9.72 14.40 27.30
CA LEU C 166 -9.45 15.40 28.34
C LEU C 166 -8.12 15.11 29.01
N LEU C 167 -7.72 13.84 29.00
CA LEU C 167 -6.45 13.43 29.58
C LEU C 167 -5.28 13.97 28.76
N ILE C 168 -5.40 13.93 27.44
CA ILE C 168 -4.35 14.46 26.58
C ILE C 168 -4.44 15.98 26.56
N ASN C 169 -5.63 16.51 26.84
CA ASN C 169 -5.83 17.94 26.97
C ASN C 169 -5.02 18.47 28.15
N ALA C 170 -5.16 17.80 29.29
CA ALA C 170 -4.41 18.15 30.49
C ALA C 170 -2.94 17.75 30.33
N LEU C 171 -2.69 16.82 29.42
CA LEU C 171 -1.33 16.37 29.15
C LEU C 171 -0.54 17.47 28.44
N SER C 172 -1.18 18.11 27.46
CA SER C 172 -0.55 19.20 26.73
C SER C 172 -0.67 20.52 27.48
N CYS C 173 -1.64 20.60 28.39
CA CYS C 173 -1.77 21.76 29.27
C CYS C 173 -0.56 21.86 30.19
N VAL C 174 -0.06 20.71 30.60
CA VAL C 174 1.08 20.64 31.52
C VAL C 174 2.38 20.51 30.72
N PRO C 175 3.37 21.37 31.01
CA PRO C 175 4.68 21.32 30.38
C PRO C 175 5.41 20.00 30.66
N PRO C 176 6.41 19.66 29.84
CA PRO C 176 7.19 18.43 30.01
C PRO C 176 7.84 18.29 31.39
N GLN C 177 8.33 17.09 31.69
CA GLN C 177 8.94 16.78 32.98
C GLN C 177 7.96 17.01 34.14
N GLU C 178 6.68 16.80 33.87
CA GLU C 178 5.65 16.99 34.88
C GLU C 178 4.44 16.12 34.59
N ALA C 179 4.64 15.08 33.78
CA ALA C 179 3.59 14.13 33.46
C ALA C 179 3.59 12.98 34.46
N TYR C 180 4.29 13.18 35.57
CA TYR C 180 4.40 12.17 36.62
C TYR C 180 3.05 11.87 37.25
N ILE C 181 2.67 10.60 37.24
CA ILE C 181 1.37 10.17 37.76
C ILE C 181 1.55 9.00 38.73
N LEU C 182 0.89 9.08 39.88
CA LEU C 182 0.92 8.01 40.86
C LEU C 182 0.12 6.80 40.36
N GLU C 183 -1.20 6.95 40.34
CA GLU C 183 -2.11 5.89 39.91
C GLU C 183 -1.90 4.60 40.68
N ASP C 184 -2.40 4.57 41.92
CA ASP C 184 -2.26 3.40 42.78
C ASP C 184 -3.11 2.24 42.28
N ASP C 207 10.91 -15.94 44.20
CA ASP C 207 11.38 -15.70 45.57
C ASP C 207 12.78 -16.26 45.78
N ASP C 208 13.18 -16.36 47.05
CA ASP C 208 14.50 -16.87 47.42
C ASP C 208 15.63 -16.11 46.75
N LEU C 209 15.40 -14.82 46.50
CA LEU C 209 16.39 -13.97 45.87
C LEU C 209 17.05 -13.05 46.90
N GLU C 210 16.26 -12.61 47.88
CA GLU C 210 16.75 -11.76 48.95
C GLU C 210 17.70 -12.52 49.86
N ALA C 211 17.50 -13.83 49.95
CA ALA C 211 18.39 -14.69 50.73
C ALA C 211 19.77 -14.69 50.10
N ASP C 212 19.82 -14.72 48.77
CA ASP C 212 21.07 -14.64 48.04
C ASP C 212 21.69 -13.26 48.22
N ILE C 213 20.84 -12.23 48.29
CA ILE C 213 21.28 -10.87 48.51
C ILE C 213 22.01 -10.77 49.84
N ASP C 214 21.40 -11.30 50.89
CA ASP C 214 21.99 -11.25 52.23
C ASP C 214 23.24 -12.11 52.33
N GLU C 215 23.19 -13.30 51.73
CA GLU C 215 24.30 -14.24 51.78
C GLU C 215 25.53 -13.67 51.09
N LEU C 216 25.33 -13.13 49.89
CA LEU C 216 26.42 -12.55 49.12
C LEU C 216 26.87 -11.21 49.72
N GLU C 217 25.96 -10.56 50.44
CA GLU C 217 26.31 -9.37 51.20
C GLU C 217 27.30 -9.75 52.29
N LYS C 218 27.01 -10.85 52.98
CA LYS C 218 27.88 -11.36 54.03
C LYS C 218 29.14 -11.97 53.42
N LYS C 219 29.09 -12.25 52.13
CA LYS C 219 30.25 -12.81 51.42
C LYS C 219 31.21 -11.72 50.99
N LEU C 220 30.68 -10.55 50.67
CA LEU C 220 31.51 -9.43 50.20
C LEU C 220 31.97 -8.54 51.35
N ASP C 221 31.27 -8.61 52.48
CA ASP C 221 31.63 -7.82 53.65
C ASP C 221 32.84 -8.41 54.35
N VAL C 222 33.09 -9.70 54.12
CA VAL C 222 34.27 -10.36 54.65
C VAL C 222 35.44 -10.08 53.70
N GLU C 223 35.10 -9.86 52.43
CA GLU C 223 36.10 -9.54 51.42
C GLU C 223 36.69 -8.15 51.65
N GLY C 224 35.81 -7.17 51.86
CA GLY C 224 36.23 -5.80 52.09
C GLY C 224 36.73 -5.55 53.50
N GLU C 238 35.20 8.41 60.50
CA GLU C 238 33.84 8.74 60.92
C GLU C 238 32.82 7.93 60.13
N ASP C 239 33.31 7.20 59.12
CA ASP C 239 32.43 6.38 58.30
C ASP C 239 31.90 5.18 59.10
N ALA C 240 32.69 4.74 60.07
CA ALA C 240 32.29 3.61 60.92
C ALA C 240 31.05 3.97 61.74
N ALA C 241 30.90 5.24 62.07
CA ALA C 241 29.71 5.71 62.77
C ALA C 241 28.51 5.67 61.85
N LEU C 242 28.74 5.97 60.57
CA LEU C 242 27.69 5.90 59.57
C LEU C 242 27.27 4.46 59.33
N ILE C 243 28.23 3.53 59.48
CA ILE C 243 27.94 2.11 59.33
C ILE C 243 27.18 1.61 60.55
N GLU C 244 27.53 2.12 61.72
CA GLU C 244 26.83 1.78 62.95
C GLU C 244 25.38 2.24 62.89
N LYS C 245 25.20 3.47 62.43
CA LYS C 245 23.86 4.02 62.24
C LYS C 245 23.10 3.17 61.22
N MET C 246 23.77 2.86 60.11
CA MET C 246 23.19 2.02 59.07
C MET C 246 22.72 0.68 59.63
N LYS C 247 23.47 0.16 60.59
CA LYS C 247 23.11 -1.09 61.24
C LYS C 247 21.91 -0.89 62.16
N ARG C 248 21.85 0.28 62.80
CA ARG C 248 20.72 0.60 63.68
C ARG C 248 19.42 0.68 62.88
N PHE C 249 19.47 1.34 61.73
CA PHE C 249 18.30 1.46 60.86
C PHE C 249 18.04 0.13 60.15
N SER C 250 19.06 -0.72 60.09
CA SER C 250 18.90 -2.07 59.56
C SER C 250 18.12 -2.91 60.56
N THR C 251 18.31 -2.64 61.84
CA THR C 251 17.56 -3.31 62.90
C THR C 251 16.18 -2.69 63.03
N ARG C 252 16.05 -1.45 62.59
CA ARG C 252 14.77 -0.74 62.63
C ARG C 252 13.82 -1.29 61.57
N ASN C 253 14.39 -1.94 60.56
CA ASN C 253 13.60 -2.52 59.47
C ASN C 253 13.10 -3.91 59.83
N GLY C 254 12.57 -4.62 58.85
CA GLY C 254 12.04 -5.96 59.07
C GLY C 254 12.05 -6.81 57.81
N ALA C 259 1.78 0.83 46.74
CA ALA C 259 1.72 0.44 45.34
C ALA C 259 1.50 1.64 44.43
N ARG C 260 2.52 2.00 43.66
CA ARG C 260 2.44 3.14 42.77
C ARG C 260 2.75 2.73 41.33
N ARG C 261 2.22 3.50 40.38
CA ARG C 261 2.49 3.26 38.97
C ARG C 261 3.19 4.46 38.36
N LEU C 262 3.50 4.38 37.06
CA LEU C 262 4.19 5.46 36.38
C LEU C 262 3.57 5.75 35.01
N LEU C 263 2.45 6.45 35.00
CA LEU C 263 1.80 6.85 33.76
C LEU C 263 2.54 8.03 33.14
N MET C 264 3.08 7.81 31.94
CA MET C 264 3.89 8.82 31.26
C MET C 264 3.11 9.47 30.12
N LEU C 265 3.80 10.29 29.33
CA LEU C 265 3.22 10.93 28.16
C LEU C 265 2.84 9.87 27.13
N ALA C 266 3.86 9.28 26.50
CA ALA C 266 3.68 8.28 25.47
C ALA C 266 3.04 7.00 26.01
N ASP C 267 3.04 6.85 27.32
CA ASP C 267 2.43 5.68 27.96
C ASP C 267 0.92 5.68 27.73
N LEU C 268 0.26 6.75 28.18
CA LEU C 268 -1.18 6.88 27.99
C LEU C 268 -1.49 7.27 26.55
N ARG C 269 -0.54 7.93 25.89
CA ARG C 269 -0.70 8.29 24.48
C ARG C 269 -0.77 7.03 23.61
N LYS C 270 -0.06 5.99 24.05
CA LYS C 270 -0.09 4.70 23.35
C LYS C 270 -1.26 3.86 23.85
N GLN C 271 -1.59 4.04 25.12
CA GLN C 271 -2.69 3.30 25.74
C GLN C 271 -4.02 3.64 25.06
N TYR C 272 -4.20 4.91 24.74
CA TYR C 272 -5.42 5.36 24.06
C TYR C 272 -5.49 4.78 22.65
N GLN C 273 -4.35 4.73 21.97
CA GLN C 273 -4.29 4.16 20.63
C GLN C 273 -4.57 2.67 20.67
N GLN C 274 -4.16 2.02 21.76
CA GLN C 274 -4.39 0.59 21.95
C GLN C 274 -5.87 0.32 22.24
N GLU C 275 -6.48 1.24 22.99
CA GLU C 275 -7.90 1.13 23.29
C GLU C 275 -8.74 1.33 22.03
N LEU C 276 -8.34 2.31 21.21
CA LEU C 276 -9.02 2.56 19.94
C LEU C 276 -8.81 1.41 18.97
N ASP C 277 -7.64 0.78 19.04
CA ASP C 277 -7.33 -0.37 18.20
C ASP C 277 -8.17 -1.58 18.62
N ARG C 278 -8.37 -1.71 19.93
CA ARG C 278 -9.19 -2.80 20.46
C ARG C 278 -10.66 -2.55 20.14
N ILE C 279 -11.04 -1.28 20.04
CA ILE C 279 -12.40 -0.91 19.71
C ILE C 279 -12.66 -1.08 18.22
N VAL C 280 -11.61 -0.94 17.43
CA VAL C 280 -11.71 -1.08 15.98
C VAL C 280 -11.65 -2.55 15.58
N ALA C 281 -11.19 -3.38 16.50
CA ALA C 281 -11.09 -4.81 16.25
C ALA C 281 -12.40 -5.52 16.56
N ILE C 282 -13.38 -4.76 17.06
CA ILE C 282 -14.68 -5.30 17.39
C ILE C 282 -15.47 -5.58 16.13
#